data_3TOP
#
_entry.id   3TOP
#
_cell.length_a   105.501
_cell.length_b   105.501
_cell.length_c   516.561
_cell.angle_alpha   90.00
_cell.angle_beta   90.00
_cell.angle_gamma   90.00
#
_symmetry.space_group_name_H-M   'P 43 21 2'
#
loop_
_entity.id
_entity.type
_entity.pdbx_description
1 polymer 'Maltase-glucoamylase, intestinal'
2 branched 4,6-dideoxy-4-{[(1S,4R,5S,6S)-4,5,6-trihydroxy-3-(hydroxymethyl)cyclohex-2-en-1-yl]amino}-alpha-D-glucopyranose-(1-4)-alpha-D-glucopyranose-(1-4)-alpha-D-glucopyranose
3 water water
#
_entity_poly.entity_id   1
_entity_poly.type   'polypeptide(L)'
_entity_poly.pdbx_seq_one_letter_code
;WSHPQFEKDEEKIDCYPDENGASAENCTARGCIWEASNSSGVPFCYFVNDLYSVSDVQYNSHGATADISLKSSVYANAFP
STPVNPLRLDVTYHKNEMLQFKIYDPNKNRYEVPVPLNIPSMPSSTPEGQLYDVLIKKNPFGIEIRRKSTGTIIWDSQLL
GFTFSDMFIRISTRLPSKYLYGFGETEHRSYRRDLEWHTWGMFSRDQPPGYKKNSYGVHPYYMGLEEDGSAHGVLLLNSN
AMDVTFQPLPALTYRTTGGVLDFYVFLGPTPELVTQQYTELIGRPVMVPYWSLGFQLCRYGYQNDSEIASLYDEMVAAQI
PYDVQYSDIDYMERQLDFTLSPKFAGFPALINRMKADGMRVILILDPAISGNETQPYPAFTRGVEDDVFIKYPNDGDIVW
GKVWPDFPDVVVNGSLDWDSQVELYRAYVAFPDFFRNSTAKWWKREIEELYNNPQNPERSLKFDGMWIDMNEPSSFVNGA
VSPGCRDASLNHPPYMPHLESRDRGLSSKTLCMESQQILPDGSLVQHYNVHNLYGWSQTRPTYEAVQEVTGQRGVVITRS
TFPSSGRWAGHWLGDNTAAWDQLKKSIIGMMEFSLFGISYTGADICGFFQDAEYEMCVRWMQLGAFYPFSRNHNTIGTRR
QDPVSWDVAFVNISRTVLQTRYTLLPYLYTLMHKAHTEGVTVVRPLLHEFVSDQVTWDIDSQFLLGPAFLVSPVLERNAR
NVTAYFPRARWYDYYTGVDINARGEWKTLPAPLDHINLHVRGGYILPWQEPALNTHLSRQKFMGFKIALDDEGTAGGWLF
WDDGQSIDTYGKGLYYLASFSASQNTMQSHIIFNNYITGTNPLKLGYIEIWGVGSVPVTSVSISVSGMVITPSFNNDPTT
QVLSIDVTDRNISLHNFTSLTWHHHHHH
;
_entity_poly.pdbx_strand_id   A,B
#
loop_
_chem_comp.id
_chem_comp.type
_chem_comp.name
_chem_comp.formula
AC1 D-saccharide 4,6-dideoxy-4-{[(1S,4R,5S,6S)-4,5,6-trihydroxy-3-(hydroxymethyl)cyclohex-2-en-1-yl]amino}-alpha-D-glucopyranose 'C13 H23 N O8'
GLC D-saccharide, alpha linking alpha-D-glucopyranose 'C6 H12 O6'
#
# COMPACT_ATOMS: atom_id res chain seq x y z
N ASP A 9 7.59 3.05 23.23
CA ASP A 9 8.48 4.14 23.68
C ASP A 9 8.83 5.16 22.58
N GLU A 10 9.16 4.63 21.41
CA GLU A 10 9.12 5.40 20.18
C GLU A 10 7.66 5.69 19.94
N GLU A 11 7.29 6.15 18.75
CA GLU A 11 5.88 6.37 18.48
C GLU A 11 5.32 7.44 19.39
N LYS A 12 6.03 7.70 20.49
CA LYS A 12 5.77 8.85 21.33
C LYS A 12 6.16 10.09 20.54
N ILE A 13 5.19 10.93 20.26
CA ILE A 13 5.43 12.13 19.48
C ILE A 13 5.38 13.33 20.43
N ASP A 14 6.56 13.84 20.77
CA ASP A 14 6.70 14.93 21.74
C ASP A 14 5.60 15.99 21.64
N CYS A 15 4.87 16.17 22.72
CA CYS A 15 3.76 17.11 22.76
C CYS A 15 4.20 18.49 23.23
N TYR A 16 5.27 18.52 24.01
CA TYR A 16 5.83 19.78 24.49
C TYR A 16 7.28 19.98 24.07
N PRO A 17 7.48 20.46 22.83
CA PRO A 17 8.81 20.85 22.41
C PRO A 17 8.99 22.34 22.68
N ASP A 18 7.98 22.96 23.29
CA ASP A 18 7.99 24.40 23.55
C ASP A 18 9.23 24.79 24.36
N GLU A 19 9.61 26.05 24.27
CA GLU A 19 10.82 26.51 24.94
C GLU A 19 10.58 26.51 26.44
N ASN A 20 9.36 26.93 26.80
CA ASN A 20 8.95 27.05 28.19
C ASN A 20 7.56 26.51 28.44
N GLY A 21 7.37 25.96 29.63
CA GLY A 21 6.03 25.59 30.07
C GLY A 21 5.69 24.12 30.02
N ALA A 22 6.64 23.28 29.65
CA ALA A 22 6.43 21.85 29.71
C ALA A 22 6.29 21.48 31.18
N SER A 23 5.19 20.81 31.50
CA SER A 23 4.87 20.46 32.88
C SER A 23 3.68 19.53 32.82
N ALA A 24 3.57 18.64 33.80
CA ALA A 24 2.48 17.66 33.81
C ALA A 24 1.10 18.30 33.56
N GLU A 25 0.78 19.36 34.30
CA GLU A 25 -0.54 19.97 34.17
C GLU A 25 -0.72 20.75 32.85
N ASN A 26 0.29 21.53 32.49
CA ASN A 26 0.29 22.23 31.20
C ASN A 26 0.20 21.22 30.03
N CYS A 27 0.80 20.05 30.21
CA CYS A 27 0.73 18.96 29.23
C CYS A 27 -0.68 18.40 29.07
N THR A 28 -1.33 18.16 30.19
CA THR A 28 -2.70 17.66 30.20
C THR A 28 -3.62 18.61 29.47
N ALA A 29 -3.35 19.91 29.61
CA ALA A 29 -4.21 20.92 28.99
C ALA A 29 -4.28 20.85 27.44
N ARG A 30 -3.33 20.17 26.83
CA ARG A 30 -3.51 19.71 25.45
C ARG A 30 -3.94 18.24 25.53
N GLY A 31 -4.32 17.67 24.39
CA GLY A 31 -4.83 16.30 24.40
C GLY A 31 -3.72 15.28 24.66
N CYS A 32 -2.95 15.51 25.71
CA CYS A 32 -1.66 14.85 25.86
C CYS A 32 -1.39 14.23 27.22
N ILE A 33 -0.49 13.25 27.23
CA ILE A 33 -0.18 12.44 28.41
C ILE A 33 1.24 12.62 28.93
N TRP A 34 1.36 12.86 30.24
CA TRP A 34 2.65 13.14 30.87
C TRP A 34 3.15 11.93 31.65
N GLU A 35 4.38 11.51 31.37
CA GLU A 35 4.94 10.30 31.95
C GLU A 35 6.46 10.33 31.84
N ALA A 36 7.13 10.61 32.95
CA ALA A 36 8.59 10.70 33.02
C ALA A 36 9.27 9.46 32.45
N SER A 37 10.54 9.59 32.09
CA SER A 37 11.35 8.43 31.68
C SER A 37 12.82 8.52 32.09
N ASN A 38 13.46 7.37 32.22
CA ASN A 38 14.89 7.30 32.54
C ASN A 38 15.73 7.09 31.28
N SER A 39 15.06 7.06 30.13
CA SER A 39 15.73 6.86 28.85
C SER A 39 15.96 8.20 28.18
N SER A 40 17.20 8.53 27.87
CA SER A 40 17.49 9.78 27.17
C SER A 40 16.68 9.90 25.88
N GLY A 41 16.10 11.07 25.67
CA GLY A 41 15.42 11.36 24.41
C GLY A 41 13.91 11.41 24.48
N VAL A 42 13.32 10.43 25.15
CA VAL A 42 11.87 10.31 25.18
C VAL A 42 11.22 11.55 25.78
N PRO A 43 10.13 12.00 25.14
CA PRO A 43 9.35 13.16 25.56
C PRO A 43 8.44 12.90 26.77
N PHE A 44 8.66 13.63 27.84
CA PHE A 44 7.75 13.51 28.98
C PHE A 44 6.30 13.69 28.54
N CYS A 45 6.03 14.67 27.69
CA CYS A 45 4.70 14.88 27.15
C CYS A 45 4.58 14.18 25.80
N TYR A 46 3.50 13.45 25.57
CA TYR A 46 3.28 12.86 24.24
C TYR A 46 1.82 12.79 23.80
N PHE A 47 1.62 12.42 22.54
CA PHE A 47 0.29 12.42 21.94
C PHE A 47 -0.39 11.09 22.21
N VAL A 48 -1.66 11.15 22.59
CA VAL A 48 -2.44 9.92 22.73
C VAL A 48 -3.55 9.88 21.69
N ASN A 49 -3.96 11.04 21.18
CA ASN A 49 -4.90 11.07 20.07
C ASN A 49 -4.84 12.37 19.28
N ASP A 50 -5.29 12.30 18.02
CA ASP A 50 -5.20 13.37 17.05
C ASP A 50 -6.21 14.51 17.28
N LEU A 51 -6.12 15.55 16.45
CA LEU A 51 -7.02 16.69 16.57
C LEU A 51 -7.56 17.18 15.24
N TYR A 52 -7.11 16.58 14.15
CA TYR A 52 -7.70 16.85 12.84
C TYR A 52 -8.31 15.58 12.25
N SER A 53 -9.35 15.73 11.46
CA SER A 53 -10.00 14.57 10.85
C SER A 53 -10.16 14.75 9.36
N VAL A 54 -9.62 13.81 8.60
CA VAL A 54 -9.73 13.86 7.16
C VAL A 54 -11.13 13.46 6.80
N SER A 55 -11.65 14.00 5.71
CA SER A 55 -13.06 13.78 5.40
C SER A 55 -13.33 13.32 3.97
N ASP A 56 -13.26 14.23 3.01
CA ASP A 56 -13.78 13.93 1.68
C ASP A 56 -12.68 13.49 0.73
N VAL A 57 -12.09 12.33 1.01
CA VAL A 57 -11.04 11.79 0.17
C VAL A 57 -11.55 11.49 -1.22
N GLN A 58 -10.73 11.80 -2.22
CA GLN A 58 -11.06 11.60 -3.64
C GLN A 58 -9.79 11.33 -4.44
N TYR A 59 -9.88 10.41 -5.38
CA TYR A 59 -8.71 10.08 -6.19
C TYR A 59 -9.06 10.40 -7.63
N ASN A 60 -8.05 10.61 -8.46
CA ASN A 60 -8.24 10.63 -9.90
C ASN A 60 -7.02 10.19 -10.69
N SER A 61 -7.12 10.29 -12.01
CA SER A 61 -6.08 9.82 -12.90
C SER A 61 -4.74 10.52 -12.64
N HIS A 62 -4.80 11.73 -12.11
CA HIS A 62 -3.63 12.60 -12.03
C HIS A 62 -3.30 13.11 -10.64
N GLY A 63 -4.07 12.73 -9.64
CA GLY A 63 -3.79 13.21 -8.30
C GLY A 63 -4.67 12.64 -7.21
N ALA A 64 -5.08 13.52 -6.30
CA ALA A 64 -5.86 13.13 -5.13
C ALA A 64 -6.08 14.34 -4.24
N THR A 65 -7.21 14.36 -3.54
CA THR A 65 -7.52 15.48 -2.66
C THR A 65 -8.50 15.08 -1.57
N ALA A 66 -8.19 15.46 -0.34
CA ALA A 66 -9.09 15.22 0.79
C ALA A 66 -9.32 16.55 1.51
N ASP A 67 -10.05 16.52 2.62
CA ASP A 67 -10.26 17.72 3.41
C ASP A 67 -9.94 17.42 4.85
N ILE A 68 -9.40 18.41 5.56
CA ILE A 68 -9.00 18.21 6.93
C ILE A 68 -9.70 19.19 7.84
N SER A 69 -10.29 18.70 8.93
CA SER A 69 -11.06 19.53 9.84
C SER A 69 -10.76 19.21 11.29
N LEU A 70 -10.84 20.22 12.15
CA LEU A 70 -10.65 20.04 13.58
C LEU A 70 -11.69 19.13 14.27
N LYS A 71 -11.32 18.59 15.44
CA LYS A 71 -12.20 17.76 16.25
C LYS A 71 -11.58 17.45 17.62
N SER A 72 -11.83 18.29 18.61
CA SER A 72 -12.42 19.60 18.38
C SER A 72 -11.47 20.66 18.92
N SER A 73 -11.86 21.92 18.77
CA SER A 73 -10.96 23.04 19.11
C SER A 73 -10.52 23.06 20.57
N VAL A 74 -11.14 22.21 21.39
CA VAL A 74 -10.85 22.15 22.83
C VAL A 74 -9.34 22.12 23.09
N TYR A 75 -8.62 21.42 22.22
CA TYR A 75 -7.20 21.18 22.44
C TYR A 75 -6.33 21.88 21.40
N ALA A 76 -6.84 21.99 20.18
CA ALA A 76 -6.12 22.69 19.13
C ALA A 76 -5.86 24.13 19.59
N ASN A 77 -6.85 24.71 20.27
CA ASN A 77 -6.73 26.07 20.78
C ASN A 77 -5.70 26.16 21.90
N ALA A 78 -5.24 25.00 22.36
CA ALA A 78 -4.43 24.90 23.56
C ALA A 78 -2.95 25.08 23.27
N PHE A 79 -2.56 25.07 22.00
CA PHE A 79 -1.15 25.20 21.71
C PHE A 79 -0.77 26.22 20.64
N PRO A 80 0.50 26.71 20.69
CA PRO A 80 1.05 27.80 19.91
C PRO A 80 0.07 28.80 19.28
N SER A 81 -0.17 28.70 17.98
CA SER A 81 -0.93 29.74 17.32
C SER A 81 -2.41 29.37 17.25
N THR A 82 -3.22 30.29 16.75
CA THR A 82 -4.62 29.99 16.48
C THR A 82 -4.70 29.05 15.30
N PRO A 83 -5.14 27.80 15.54
CA PRO A 83 -5.19 26.76 14.50
C PRO A 83 -6.00 27.24 13.31
N VAL A 84 -5.74 26.67 12.13
CA VAL A 84 -6.48 27.06 10.94
C VAL A 84 -7.49 25.99 10.58
N ASN A 85 -8.66 26.44 10.17
CA ASN A 85 -9.79 25.56 9.94
C ASN A 85 -10.72 26.11 8.86
N PRO A 86 -11.12 25.24 7.93
CA PRO A 86 -10.48 23.92 7.87
C PRO A 86 -9.27 24.00 6.95
N LEU A 87 -8.61 22.87 6.79
CA LEU A 87 -7.47 22.77 5.88
C LEU A 87 -7.88 22.05 4.58
N ARG A 88 -6.91 21.83 3.70
CA ARG A 88 -7.14 21.11 2.45
C ARG A 88 -5.86 20.53 1.85
N LEU A 89 -5.94 19.27 1.40
CA LEU A 89 -4.79 18.54 0.88
C LEU A 89 -4.91 18.24 -0.62
N ASP A 90 -3.89 18.62 -1.38
CA ASP A 90 -3.82 18.36 -2.82
C ASP A 90 -2.56 17.60 -3.17
N VAL A 91 -2.72 16.34 -3.57
CA VAL A 91 -1.59 15.54 -4.05
C VAL A 91 -1.62 15.62 -5.56
N THR A 92 -0.45 15.65 -6.18
CA THR A 92 -0.36 15.81 -7.63
C THR A 92 0.69 14.89 -8.23
N TYR A 93 0.27 14.07 -9.19
CA TYR A 93 1.21 13.19 -9.84
C TYR A 93 1.82 13.95 -11.01
N HIS A 94 2.92 14.64 -10.76
CA HIS A 94 3.57 15.42 -11.82
C HIS A 94 4.17 14.53 -12.89
N LYS A 95 5.22 13.81 -12.53
CA LYS A 95 5.80 12.83 -13.43
C LYS A 95 5.64 11.45 -12.81
N ASN A 96 6.19 10.44 -13.47
CA ASN A 96 6.18 9.11 -12.88
C ASN A 96 7.17 8.98 -11.73
N GLU A 97 8.14 9.89 -11.66
CA GLU A 97 9.21 9.78 -10.67
C GLU A 97 9.08 10.86 -9.60
N MET A 98 8.08 11.71 -9.74
CA MET A 98 7.97 12.86 -8.85
C MET A 98 6.54 13.24 -8.45
N LEU A 99 6.44 13.64 -7.20
CA LEU A 99 5.18 13.93 -6.55
C LEU A 99 5.22 15.28 -5.92
N GLN A 100 4.06 15.82 -5.64
CA GLN A 100 3.97 16.91 -4.67
C GLN A 100 2.65 16.77 -3.95
N PHE A 101 2.69 16.98 -2.64
CA PHE A 101 1.44 17.10 -1.92
C PHE A 101 1.55 18.31 -1.04
N LYS A 102 0.49 19.11 -1.02
CA LYS A 102 0.47 20.35 -0.25
C LYS A 102 -0.75 20.43 0.66
N ILE A 103 -0.52 20.84 1.89
CA ILE A 103 -1.62 21.09 2.81
C ILE A 103 -1.67 22.58 3.03
N TYR A 104 -2.83 23.17 2.78
CA TYR A 104 -2.95 24.62 2.90
C TYR A 104 -4.31 25.04 3.42
N ASP A 105 -4.49 26.36 3.46
CA ASP A 105 -5.75 26.95 3.88
C ASP A 105 -6.38 27.46 2.59
N PRO A 106 -7.57 26.93 2.29
CA PRO A 106 -8.24 27.26 1.03
C PRO A 106 -8.95 28.60 1.14
N ASN A 107 -9.20 29.03 2.37
CA ASN A 107 -9.91 30.28 2.63
C ASN A 107 -8.98 31.50 2.56
N LYS A 108 -8.24 31.73 3.64
CA LYS A 108 -7.20 32.74 3.64
C LYS A 108 -6.01 32.27 2.77
N ASN A 109 -5.27 33.21 2.20
CA ASN A 109 -4.15 32.86 1.32
C ASN A 109 -2.82 32.96 2.05
N ARG A 110 -2.29 31.84 2.50
CA ARG A 110 -1.11 31.81 3.37
C ARG A 110 0.17 32.14 2.62
N TYR A 111 1.22 32.52 3.36
CA TYR A 111 2.51 32.75 2.74
C TYR A 111 3.05 31.49 2.07
N GLU A 112 3.31 31.57 0.77
CA GLU A 112 4.01 30.48 0.08
C GLU A 112 5.34 30.91 -0.54
N VAL A 113 6.33 30.03 -0.44
CA VAL A 113 7.71 30.34 -0.85
C VAL A 113 7.83 30.71 -2.31
N PRO A 114 8.33 31.93 -2.58
CA PRO A 114 8.42 32.50 -3.92
C PRO A 114 9.71 32.14 -4.63
N VAL A 115 10.05 30.85 -4.73
CA VAL A 115 11.20 30.48 -5.53
C VAL A 115 10.79 29.54 -6.66
N PRO A 116 10.94 29.99 -7.90
CA PRO A 116 10.46 29.29 -9.09
C PRO A 116 11.00 27.86 -9.17
N LEU A 117 10.12 26.93 -9.54
CA LEU A 117 10.52 25.56 -9.83
C LEU A 117 9.92 25.24 -11.17
N ASN A 118 10.50 24.27 -11.89
CA ASN A 118 9.84 23.82 -13.11
C ASN A 118 9.03 22.54 -12.94
N ILE A 119 7.83 22.58 -13.49
CA ILE A 119 6.89 21.51 -13.33
C ILE A 119 6.28 21.28 -14.70
N PRO A 120 6.07 20.01 -15.07
CA PRO A 120 5.39 19.73 -16.33
C PRO A 120 4.16 20.62 -16.45
N SER A 121 3.93 21.17 -17.64
CA SER A 121 2.81 22.08 -17.88
C SER A 121 1.53 21.56 -17.24
N MET A 122 1.14 20.33 -17.58
CA MET A 122 0.14 19.58 -16.81
C MET A 122 0.71 18.22 -16.44
N PRO A 123 0.15 17.60 -15.38
CA PRO A 123 0.49 16.26 -14.87
C PRO A 123 0.70 15.23 -15.98
N SER A 124 1.92 14.71 -16.13
CA SER A 124 2.23 13.77 -17.20
C SER A 124 2.56 12.33 -16.72
N SER A 125 1.93 11.90 -15.63
CA SER A 125 2.10 10.55 -15.09
C SER A 125 1.27 9.51 -15.85
N THR A 126 1.85 8.33 -16.04
CA THR A 126 1.17 7.29 -16.79
C THR A 126 1.05 6.00 -15.94
N PRO A 127 -0.19 5.46 -15.78
CA PRO A 127 -0.53 4.27 -15.00
C PRO A 127 0.47 3.12 -15.10
N GLU A 128 1.10 2.97 -16.26
CA GLU A 128 2.10 1.93 -16.49
C GLU A 128 3.52 2.31 -16.02
N GLY A 129 3.88 3.59 -16.14
CA GLY A 129 5.19 4.06 -15.76
C GLY A 129 5.32 4.61 -14.34
N GLN A 130 4.23 5.22 -13.84
CA GLN A 130 4.19 5.76 -12.49
C GLN A 130 4.80 4.80 -11.49
N LEU A 131 5.85 5.20 -10.78
CA LEU A 131 6.61 4.25 -9.98
C LEU A 131 6.18 4.18 -8.52
N TYR A 132 5.19 4.99 -8.17
CA TYR A 132 4.81 5.16 -6.79
C TYR A 132 3.30 5.27 -6.79
N ASP A 133 2.68 5.05 -5.62
CA ASP A 133 1.25 5.35 -5.47
C ASP A 133 0.97 5.91 -4.09
N VAL A 134 -0.09 6.70 -3.98
CA VAL A 134 -0.37 7.35 -2.70
C VAL A 134 -1.76 7.01 -2.15
N LEU A 135 -1.89 7.03 -0.82
CA LEU A 135 -3.16 6.76 -0.17
C LEU A 135 -3.37 7.79 0.93
N ILE A 136 -4.50 8.48 0.90
CA ILE A 136 -4.86 9.36 2.02
C ILE A 136 -5.64 8.56 3.05
N LYS A 137 -4.93 8.10 4.09
CA LYS A 137 -5.51 7.22 5.10
C LYS A 137 -6.30 8.03 6.12
N LYS A 138 -7.25 7.39 6.81
CA LYS A 138 -8.32 8.12 7.47
C LYS A 138 -8.29 8.21 8.99
N ASN A 139 -7.72 7.22 9.68
CA ASN A 139 -7.77 7.28 11.14
C ASN A 139 -6.58 6.68 11.89
N PRO A 140 -5.71 7.55 12.43
CA PRO A 140 -5.84 9.01 12.37
C PRO A 140 -5.38 9.50 10.99
N PHE A 141 -5.63 10.78 10.68
CA PHE A 141 -5.27 11.30 9.36
C PHE A 141 -3.83 11.00 8.98
N GLY A 142 -3.64 10.46 7.79
CA GLY A 142 -2.34 10.04 7.34
C GLY A 142 -2.19 10.12 5.83
N ILE A 143 -0.93 10.02 5.37
CA ILE A 143 -0.58 10.06 3.97
C ILE A 143 0.48 9.00 3.70
N GLU A 144 0.21 8.08 2.79
CA GLU A 144 1.10 6.93 2.61
C GLU A 144 1.59 6.77 1.17
N ILE A 145 2.86 7.10 0.95
CA ILE A 145 3.48 7.01 -0.36
C ILE A 145 4.28 5.72 -0.47
N ARG A 146 4.15 5.03 -1.59
CA ARG A 146 4.68 3.69 -1.70
C ARG A 146 5.37 3.52 -3.03
N ARG A 147 6.47 2.78 -3.03
CA ARG A 147 7.11 2.44 -4.27
C ARG A 147 6.36 1.26 -4.91
N LYS A 148 5.61 1.52 -5.98
CA LYS A 148 4.87 0.45 -6.67
C LYS A 148 5.81 -0.72 -6.93
N SER A 149 7.05 -0.40 -7.29
CA SER A 149 8.07 -1.42 -7.61
C SER A 149 8.08 -2.62 -6.66
N THR A 150 8.23 -2.32 -5.38
CA THR A 150 8.33 -3.28 -4.29
C THR A 150 7.80 -2.52 -3.10
N GLY A 151 6.80 -3.07 -2.44
CA GLY A 151 5.92 -2.30 -1.58
C GLY A 151 6.50 -1.28 -0.61
N THR A 152 7.83 -1.17 -0.48
CA THR A 152 8.43 -0.25 0.50
C THR A 152 7.65 1.05 0.56
N ILE A 153 7.32 1.50 1.78
CA ILE A 153 6.60 2.77 1.96
C ILE A 153 7.60 3.90 2.17
N ILE A 154 7.52 4.90 1.29
CA ILE A 154 8.42 6.05 1.32
C ILE A 154 8.04 7.05 2.41
N TRP A 155 6.79 7.53 2.37
CA TRP A 155 6.28 8.46 3.38
C TRP A 155 5.09 7.83 4.08
N ASP A 156 4.92 8.14 5.36
CA ASP A 156 3.81 7.62 6.12
C ASP A 156 3.54 8.57 7.28
N SER A 157 2.61 9.50 7.07
CA SER A 157 2.30 10.52 8.08
C SER A 157 1.09 10.12 8.94
N GLN A 158 0.81 8.82 8.95
CA GLN A 158 -0.23 8.30 9.82
C GLN A 158 0.32 8.13 11.24
N LEU A 159 1.05 9.13 11.70
CA LEU A 159 1.41 9.22 13.11
C LEU A 159 0.67 10.40 13.69
N LEU A 160 0.67 10.51 15.01
CA LEU A 160 -0.01 11.62 15.67
C LEU A 160 0.83 12.90 15.70
N GLY A 161 0.26 13.97 16.25
CA GLY A 161 0.99 15.21 16.40
C GLY A 161 0.66 16.30 15.39
N PHE A 162 0.16 15.90 14.22
CA PHE A 162 -0.15 16.86 13.16
C PHE A 162 -0.87 18.05 13.74
N THR A 163 -0.24 19.21 13.60
CA THR A 163 -0.85 20.44 14.04
C THR A 163 -0.82 21.40 12.86
N PHE A 164 -1.63 22.45 12.89
CA PHE A 164 -1.58 23.46 11.84
C PHE A 164 -2.23 24.72 12.38
N SER A 165 -1.38 25.67 12.74
CA SER A 165 -1.83 26.93 13.31
C SER A 165 -0.99 27.98 12.61
N ASP A 166 -1.47 29.21 12.63
CA ASP A 166 -0.85 30.25 11.80
C ASP A 166 0.67 30.28 11.87
N MET A 167 1.21 30.14 13.06
CA MET A 167 2.66 30.21 13.23
C MET A 167 3.21 28.99 13.94
N PHE A 168 2.59 27.84 13.67
CA PHE A 168 3.08 26.55 14.13
C PHE A 168 2.47 25.40 13.36
N ILE A 169 3.30 24.68 12.62
CA ILE A 169 2.87 23.55 11.81
C ILE A 169 3.73 22.35 12.13
N ARG A 170 3.11 21.20 12.37
CA ARG A 170 3.81 19.93 12.63
C ARG A 170 3.28 18.80 11.78
N ILE A 171 4.20 18.05 11.19
CA ILE A 171 3.83 16.84 10.50
C ILE A 171 4.96 15.85 10.72
N SER A 172 4.64 14.57 10.66
CA SER A 172 5.64 13.56 10.94
C SER A 172 5.57 12.51 9.89
N THR A 173 6.57 11.63 9.88
CA THR A 173 6.55 10.51 8.97
C THR A 173 7.41 9.37 9.50
N ARG A 174 6.96 8.15 9.26
CA ARG A 174 7.84 7.04 9.52
C ARG A 174 8.88 7.02 8.40
N LEU A 175 10.12 6.72 8.73
CA LEU A 175 11.13 6.52 7.72
C LEU A 175 11.13 5.05 7.33
N PRO A 176 11.33 4.77 6.04
CA PRO A 176 11.33 3.37 5.59
C PRO A 176 12.60 2.66 6.01
N SER A 177 13.51 3.35 6.70
CA SER A 177 14.74 2.70 7.14
C SER A 177 15.50 3.46 8.22
N LYS A 178 16.67 2.96 8.57
CA LYS A 178 17.51 3.63 9.54
C LYS A 178 18.62 4.47 8.89
N TYR A 179 18.45 4.79 7.60
CA TYR A 179 19.45 5.52 6.83
C TYR A 179 18.87 6.78 6.16
N LEU A 180 19.26 7.94 6.68
CA LEU A 180 18.75 9.22 6.17
C LEU A 180 19.93 10.16 5.95
N TYR A 181 19.96 10.84 4.80
CA TYR A 181 21.06 11.77 4.59
C TYR A 181 20.67 13.24 4.37
N GLY A 182 21.40 14.14 5.04
CA GLY A 182 21.36 15.57 4.80
C GLY A 182 20.21 16.47 5.24
N PHE A 183 20.49 17.51 6.01
CA PHE A 183 19.49 18.55 6.24
C PHE A 183 20.09 19.98 6.21
N GLY A 184 19.22 20.98 6.31
CA GLY A 184 19.54 22.39 6.06
C GLY A 184 20.69 23.01 6.82
N GLU A 185 21.77 23.26 6.09
CA GLU A 185 23.08 23.71 6.60
C GLU A 185 23.32 23.74 8.10
N THR A 186 24.07 22.75 8.56
CA THR A 186 24.71 22.74 9.88
C THR A 186 25.77 21.64 9.93
N GLU A 187 26.47 21.54 11.05
CA GLU A 187 27.63 20.65 11.16
C GLU A 187 27.25 19.30 11.75
N HIS A 188 26.91 18.36 10.88
CA HIS A 188 26.55 17.02 11.33
C HIS A 188 27.85 16.30 11.66
N ARG A 189 27.77 15.28 12.50
CA ARG A 189 28.97 14.58 12.95
C ARG A 189 29.30 13.38 12.03
N SER A 190 28.30 12.93 11.26
CA SER A 190 28.50 11.90 10.24
C SER A 190 27.54 12.16 9.08
N TYR A 191 27.86 11.62 7.91
CA TYR A 191 27.00 11.80 6.73
C TYR A 191 25.55 11.33 6.98
N ARG A 192 25.42 10.07 7.43
CA ARG A 192 24.13 9.47 7.74
C ARG A 192 23.57 9.84 9.14
N ARG A 193 22.36 10.43 9.22
CA ARG A 193 21.96 11.10 10.48
C ARG A 193 21.36 10.15 11.50
N ASP A 194 21.44 10.54 12.78
CA ASP A 194 21.37 9.63 13.93
C ASP A 194 20.02 8.93 14.21
N LEU A 195 18.96 9.72 14.31
CA LEU A 195 17.64 9.13 14.56
C LEU A 195 17.38 8.83 16.04
N GLU A 196 18.43 8.80 16.85
CA GLU A 196 18.25 8.51 18.28
C GLU A 196 17.89 9.75 19.11
N TRP A 197 16.77 10.40 18.75
CA TRP A 197 16.21 11.52 19.53
C TRP A 197 17.04 12.77 19.41
N HIS A 198 17.07 13.34 18.21
CA HIS A 198 17.82 14.56 17.95
C HIS A 198 16.96 15.59 17.20
N THR A 199 16.96 16.82 17.70
CA THR A 199 16.32 17.96 17.07
C THR A 199 17.37 18.92 16.47
N TRP A 200 17.05 19.51 15.31
CA TRP A 200 17.99 20.40 14.61
C TRP A 200 17.33 21.72 14.15
N GLY A 201 17.91 22.85 14.55
CA GLY A 201 17.42 24.16 14.10
C GLY A 201 17.74 24.45 12.63
N MET A 202 16.78 25.10 11.97
CA MET A 202 17.02 25.52 10.58
C MET A 202 16.58 26.96 10.32
N PHE A 203 17.55 27.86 10.21
CA PHE A 203 17.28 29.29 10.08
C PHE A 203 18.56 30.04 9.82
N SER A 204 18.64 30.72 8.68
CA SER A 204 19.84 31.46 8.29
C SER A 204 20.39 32.30 9.43
N ARG A 205 21.57 31.94 9.90
CA ARG A 205 22.19 32.73 10.95
C ARG A 205 23.70 32.72 10.76
N ASP A 206 24.35 33.79 11.20
CA ASP A 206 25.80 33.87 11.14
C ASP A 206 26.41 33.08 12.30
N GLN A 207 26.48 31.76 12.12
CA GLN A 207 27.00 30.80 13.12
C GLN A 207 28.13 29.96 12.55
N PRO A 208 29.33 30.09 13.10
CA PRO A 208 30.34 29.12 12.69
C PRO A 208 29.82 27.70 12.93
N PRO A 209 30.00 26.80 11.94
CA PRO A 209 29.64 25.39 12.00
C PRO A 209 29.74 24.86 13.42
N GLY A 210 28.70 24.17 13.87
CA GLY A 210 28.71 23.57 15.19
C GLY A 210 27.58 22.58 15.34
N TYR A 211 27.76 21.61 16.24
CA TYR A 211 26.76 20.56 16.48
C TYR A 211 25.41 21.11 16.94
N LYS A 212 24.38 20.70 16.22
CA LYS A 212 23.01 21.16 16.47
C LYS A 212 22.84 22.69 16.46
N LYS A 213 23.80 23.39 15.87
CA LYS A 213 23.74 24.85 15.68
C LYS A 213 23.30 25.23 14.26
N ASN A 214 22.25 26.04 14.14
CA ASN A 214 21.76 26.46 12.83
C ASN A 214 22.73 27.42 12.14
N SER A 215 23.07 27.14 10.90
CA SER A 215 24.15 27.89 10.28
C SER A 215 23.70 28.77 9.12
N TYR A 216 24.56 28.91 8.13
CA TYR A 216 24.40 29.96 7.12
C TYR A 216 23.17 29.79 6.24
N GLY A 217 22.96 28.60 5.69
CA GLY A 217 21.78 28.33 4.87
C GLY A 217 20.74 27.37 5.42
N VAL A 218 19.65 27.24 4.68
CA VAL A 218 18.56 26.37 5.05
C VAL A 218 18.19 25.41 3.92
N HIS A 219 18.15 24.11 4.20
CA HIS A 219 17.85 23.12 3.15
C HIS A 219 16.95 21.98 3.58
N PRO A 220 15.64 22.21 3.64
CA PRO A 220 14.71 21.18 4.13
C PRO A 220 14.55 20.05 3.13
N TYR A 221 15.63 19.30 2.91
CA TYR A 221 15.66 18.23 1.91
C TYR A 221 16.53 17.11 2.41
N TYR A 222 16.05 15.87 2.26
CA TYR A 222 16.80 14.67 2.68
C TYR A 222 16.71 13.59 1.63
N MET A 223 17.66 12.67 1.67
CA MET A 223 17.57 11.44 0.88
C MET A 223 17.53 10.27 1.83
N GLY A 224 16.61 9.36 1.57
CA GLY A 224 16.51 8.15 2.38
C GLY A 224 16.87 6.93 1.57
N LEU A 225 17.71 6.06 2.14
CA LEU A 225 17.91 4.73 1.56
C LEU A 225 16.83 3.74 2.03
N GLU A 226 16.49 2.77 1.21
CA GLU A 226 15.45 1.82 1.58
C GLU A 226 15.99 0.43 1.92
N GLU A 227 15.12 -0.43 2.46
CA GLU A 227 15.41 -1.84 2.73
C GLU A 227 16.40 -2.44 1.71
N ASP A 228 16.01 -2.43 0.43
CA ASP A 228 16.90 -2.75 -0.69
C ASP A 228 17.69 -1.50 -1.06
N GLY A 229 18.54 -1.59 -2.08
CA GLY A 229 19.40 -0.46 -2.40
C GLY A 229 18.69 0.77 -2.94
N SER A 230 17.37 0.77 -2.89
CA SER A 230 16.60 1.83 -3.52
C SER A 230 16.67 3.14 -2.74
N ALA A 231 16.46 4.25 -3.43
CA ALA A 231 16.58 5.56 -2.79
C ALA A 231 15.49 6.53 -3.21
N HIS A 232 15.23 7.49 -2.35
CA HIS A 232 14.20 8.50 -2.58
C HIS A 232 14.61 9.84 -1.96
N GLY A 233 13.86 10.89 -2.26
CA GLY A 233 14.17 12.21 -1.76
C GLY A 233 12.93 13.01 -1.40
N VAL A 234 13.05 13.90 -0.42
CA VAL A 234 11.90 14.66 0.03
C VAL A 234 12.24 16.12 0.33
N LEU A 235 11.55 17.05 -0.33
CA LEU A 235 11.77 18.48 -0.11
C LEU A 235 10.54 19.15 0.46
N LEU A 236 10.76 20.00 1.48
CA LEU A 236 9.69 20.78 2.08
C LEU A 236 9.89 22.24 1.72
N LEU A 237 9.28 22.65 0.62
CA LEU A 237 9.37 24.03 0.15
C LEU A 237 8.76 24.97 1.18
N ASN A 238 9.40 25.08 2.34
CA ASN A 238 9.05 26.08 3.32
C ASN A 238 10.26 26.91 3.77
N SER A 239 10.10 28.23 3.87
CA SER A 239 11.24 29.05 4.25
C SER A 239 11.12 29.67 5.65
N ASN A 240 10.16 29.22 6.44
CA ASN A 240 9.99 29.74 7.79
C ASN A 240 10.94 29.09 8.78
N ALA A 241 11.03 29.65 9.98
CA ALA A 241 11.93 29.13 10.99
C ALA A 241 11.40 27.77 11.44
N MET A 242 12.19 26.71 11.27
CA MET A 242 11.70 25.37 11.56
C MET A 242 12.81 24.52 12.16
N ASP A 243 12.40 23.39 12.72
CA ASP A 243 13.34 22.41 13.24
C ASP A 243 12.80 21.00 13.02
N VAL A 244 13.72 20.07 12.73
CA VAL A 244 13.34 18.70 12.44
C VAL A 244 13.80 17.77 13.57
N THR A 245 13.07 16.70 13.78
CA THR A 245 13.33 15.84 14.93
C THR A 245 13.33 14.34 14.63
N PHE A 246 14.49 13.72 14.83
CA PHE A 246 14.68 12.32 14.45
C PHE A 246 14.47 11.32 15.60
N GLN A 247 13.49 10.43 15.45
CA GLN A 247 13.17 9.40 16.45
C GLN A 247 13.55 8.01 15.97
N PRO A 248 14.04 7.17 16.89
CA PRO A 248 14.55 5.82 16.63
C PRO A 248 13.56 4.76 16.05
N LEU A 249 12.26 4.85 16.35
CA LEU A 249 11.29 4.19 15.47
C LEU A 249 11.49 5.01 14.22
N PRO A 250 12.13 4.41 13.22
CA PRO A 250 12.67 5.26 12.16
C PRO A 250 11.61 6.27 11.74
N ALA A 251 11.75 7.52 12.16
CA ALA A 251 10.75 8.54 11.85
C ALA A 251 11.15 9.96 12.24
N LEU A 252 10.86 10.92 11.37
CA LEU A 252 11.17 12.30 11.65
C LEU A 252 9.95 13.20 11.71
N THR A 253 10.17 14.39 12.29
CA THR A 253 9.09 15.32 12.59
C THR A 253 9.48 16.78 12.26
N TYR A 254 8.75 17.39 11.33
CA TYR A 254 8.89 18.82 11.00
C TYR A 254 8.05 19.73 11.92
N ARG A 255 8.61 20.87 12.31
CA ARG A 255 7.86 21.85 13.08
C ARG A 255 8.18 23.24 12.55
N THR A 256 7.48 23.68 11.52
CA THR A 256 7.74 24.99 10.92
C THR A 256 6.99 26.10 11.66
N THR A 257 7.25 27.35 11.33
CA THR A 257 6.58 28.41 12.04
C THR A 257 5.74 29.26 11.13
N GLY A 258 5.37 28.72 9.98
CA GLY A 258 4.18 29.26 9.36
C GLY A 258 4.14 29.49 7.89
N GLY A 259 4.36 28.43 7.13
CA GLY A 259 4.17 28.54 5.71
C GLY A 259 2.96 27.73 5.36
N VAL A 260 3.12 26.89 4.36
CA VAL A 260 2.20 25.80 4.12
C VAL A 260 3.05 24.58 3.89
N LEU A 261 2.49 23.38 4.06
CA LEU A 261 3.28 22.17 3.90
C LEU A 261 3.32 21.82 2.43
N ASP A 262 4.37 22.27 1.73
CA ASP A 262 4.49 21.99 0.31
C ASP A 262 5.63 21.01 0.14
N PHE A 263 5.30 19.75 -0.09
CA PHE A 263 6.28 18.68 -0.19
C PHE A 263 6.44 18.23 -1.63
N TYR A 264 7.67 17.89 -2.02
CA TYR A 264 7.90 17.28 -3.33
C TYR A 264 8.68 15.99 -3.11
N VAL A 265 8.22 14.89 -3.70
CA VAL A 265 8.88 13.61 -3.52
C VAL A 265 9.44 13.02 -4.81
N PHE A 266 10.61 12.40 -4.70
CA PHE A 266 11.31 11.90 -5.87
C PHE A 266 11.72 10.50 -5.57
N LEU A 267 11.40 9.60 -6.49
CA LEU A 267 11.82 8.24 -6.33
C LEU A 267 12.43 7.76 -7.61
N GLY A 268 13.48 8.45 -8.04
CA GLY A 268 14.36 7.81 -8.98
C GLY A 268 14.71 6.59 -8.19
N PRO A 269 15.17 5.56 -8.86
CA PRO A 269 15.50 4.39 -8.05
C PRO A 269 16.86 4.58 -7.34
N THR A 270 17.82 5.22 -8.01
CA THR A 270 19.17 5.39 -7.47
C THR A 270 19.49 6.77 -6.86
N PRO A 271 20.46 6.82 -5.93
CA PRO A 271 20.93 8.13 -5.46
C PRO A 271 21.18 9.16 -6.56
N GLU A 272 21.98 8.87 -7.60
CA GLU A 272 22.17 9.88 -8.65
C GLU A 272 20.83 10.25 -9.25
N LEU A 273 20.06 9.25 -9.66
CA LEU A 273 18.73 9.48 -10.24
C LEU A 273 17.87 10.41 -9.41
N VAL A 274 17.89 10.24 -8.09
CA VAL A 274 17.11 11.06 -7.18
C VAL A 274 17.56 12.50 -7.35
N THR A 275 18.86 12.69 -7.23
CA THR A 275 19.44 14.01 -7.31
C THR A 275 19.15 14.64 -8.66
N GLN A 276 19.29 13.87 -9.73
CA GLN A 276 18.94 14.36 -11.06
C GLN A 276 17.51 14.93 -11.06
N GLN A 277 16.60 14.28 -10.34
CA GLN A 277 15.21 14.69 -10.35
C GLN A 277 14.93 15.82 -9.39
N TYR A 278 15.68 15.88 -8.31
CA TYR A 278 15.56 16.99 -7.38
C TYR A 278 16.01 18.24 -8.12
N THR A 279 17.20 18.19 -8.68
CA THR A 279 17.74 19.36 -9.36
C THR A 279 16.92 19.69 -10.58
N GLU A 280 16.30 18.70 -11.18
CA GLU A 280 15.46 19.01 -12.32
C GLU A 280 14.37 19.98 -11.89
N LEU A 281 13.95 19.87 -10.63
CA LEU A 281 12.84 20.70 -10.13
C LEU A 281 13.28 22.08 -9.70
N ILE A 282 14.32 22.14 -8.87
CA ILE A 282 14.79 23.41 -8.32
C ILE A 282 15.80 24.07 -9.25
N GLY A 283 16.46 23.24 -10.05
CA GLY A 283 17.40 23.71 -11.06
C GLY A 283 18.77 23.09 -10.84
N ARG A 284 19.53 22.90 -11.91
CA ARG A 284 20.85 22.29 -11.80
C ARG A 284 21.93 23.31 -11.43
N PRO A 285 23.05 22.84 -10.88
CA PRO A 285 24.18 23.69 -10.47
C PRO A 285 24.68 24.60 -11.59
N VAL A 286 25.21 25.76 -11.23
CA VAL A 286 25.77 26.69 -12.22
C VAL A 286 27.00 26.09 -12.84
N MET A 287 27.20 26.38 -14.12
CA MET A 287 28.46 26.02 -14.76
C MET A 287 29.53 27.06 -14.44
N VAL A 288 30.67 26.58 -13.99
CA VAL A 288 31.72 27.44 -13.50
C VAL A 288 32.77 27.68 -14.56
N PRO A 289 33.50 28.79 -14.43
CA PRO A 289 34.56 29.09 -15.38
C PRO A 289 35.73 28.16 -15.11
N TYR A 290 36.36 27.67 -16.18
CA TYR A 290 37.46 26.72 -16.06
C TYR A 290 38.54 27.23 -15.12
N TRP A 291 38.63 28.54 -14.98
CA TRP A 291 39.68 29.07 -14.14
C TRP A 291 39.36 28.93 -12.67
N SER A 292 38.09 28.74 -12.34
CA SER A 292 37.68 28.65 -10.93
C SER A 292 37.98 27.28 -10.37
N LEU A 293 38.29 26.33 -11.24
CA LEU A 293 38.62 24.98 -10.83
C LEU A 293 40.01 24.88 -10.24
N GLY A 294 40.74 25.99 -10.31
CA GLY A 294 42.11 26.04 -9.84
C GLY A 294 42.19 26.33 -8.36
N PHE A 295 43.41 26.43 -7.83
CA PHE A 295 43.63 26.71 -6.42
C PHE A 295 43.45 28.20 -6.12
N GLN A 296 43.13 28.53 -4.86
CA GLN A 296 42.75 29.89 -4.49
C GLN A 296 43.28 30.31 -3.13
N LEU A 297 43.65 31.59 -3.01
CA LEU A 297 44.22 32.12 -1.78
C LEU A 297 43.46 33.35 -1.32
N CYS A 298 43.37 33.51 -0.01
CA CYS A 298 42.75 34.67 0.57
C CYS A 298 43.11 34.73 2.03
N ARG A 299 42.76 35.84 2.67
CA ARG A 299 42.84 35.94 4.12
C ARG A 299 42.16 37.18 4.56
N TYR A 300 41.77 37.20 5.82
CA TYR A 300 41.18 38.35 6.44
C TYR A 300 42.35 39.07 7.13
N GLY A 301 42.71 40.25 6.64
CA GLY A 301 43.82 40.98 7.23
C GLY A 301 45.04 41.10 6.33
N TYR A 302 44.82 41.03 5.02
CA TYR A 302 45.84 41.48 4.09
C TYR A 302 46.00 42.95 4.44
N GLN A 303 47.16 43.32 4.98
CA GLN A 303 47.36 44.64 5.57
C GLN A 303 47.49 45.74 4.53
N ASN A 304 48.54 45.61 3.71
CA ASN A 304 48.90 46.59 2.70
C ASN A 304 48.45 46.07 1.35
N ASP A 305 48.07 46.97 0.45
CA ASP A 305 47.94 46.65 -0.97
C ASP A 305 49.00 45.63 -1.40
N SER A 306 50.23 45.82 -0.92
CA SER A 306 51.39 45.13 -1.46
C SER A 306 51.69 43.81 -0.79
N GLU A 307 51.08 43.58 0.37
CA GLU A 307 51.24 42.30 1.06
C GLU A 307 50.63 41.13 0.26
N ILE A 308 49.60 41.44 -0.52
CA ILE A 308 49.07 40.50 -1.49
C ILE A 308 50.11 40.22 -2.55
N ALA A 309 50.59 41.28 -3.20
CA ALA A 309 51.56 41.16 -4.29
C ALA A 309 52.82 40.42 -3.85
N SER A 310 53.27 40.71 -2.64
CA SER A 310 54.35 39.98 -1.99
C SER A 310 54.03 38.48 -1.99
N LEU A 311 52.80 38.14 -1.60
CA LEU A 311 52.31 36.76 -1.62
C LEU A 311 52.25 36.14 -3.02
N TYR A 312 51.73 36.88 -4.00
CA TYR A 312 51.59 36.33 -5.35
C TYR A 312 52.95 36.04 -5.99
N ASP A 313 53.94 36.85 -5.63
CA ASP A 313 55.30 36.69 -6.15
C ASP A 313 56.02 35.54 -5.46
N GLU A 314 55.74 35.36 -4.16
CA GLU A 314 56.34 34.28 -3.39
C GLU A 314 55.81 32.94 -3.88
N MET A 315 54.58 32.95 -4.40
CA MET A 315 53.92 31.75 -4.90
C MET A 315 54.39 31.34 -6.29
N VAL A 316 54.63 32.30 -7.17
CA VAL A 316 55.19 31.97 -8.48
C VAL A 316 56.68 31.65 -8.38
N ALA A 317 57.28 32.06 -7.27
CA ALA A 317 58.70 31.78 -7.03
C ALA A 317 58.85 30.33 -6.56
N ALA A 318 57.87 29.87 -5.80
CA ALA A 318 57.83 28.46 -5.38
C ALA A 318 57.25 27.54 -6.46
N GLN A 319 56.63 28.14 -7.46
CA GLN A 319 56.03 27.39 -8.57
C GLN A 319 54.88 26.49 -8.11
N ILE A 320 54.19 26.94 -7.07
CA ILE A 320 52.96 26.33 -6.63
C ILE A 320 51.84 26.95 -7.43
N PRO A 321 51.11 26.12 -8.17
CA PRO A 321 50.06 26.58 -9.09
C PRO A 321 48.92 27.22 -8.33
N TYR A 322 48.35 28.30 -8.88
CA TYR A 322 47.08 28.85 -8.41
C TYR A 322 46.58 29.99 -9.28
N ASP A 323 45.27 30.03 -9.50
CA ASP A 323 44.67 30.92 -10.49
C ASP A 323 43.92 32.10 -9.90
N VAL A 324 43.54 32.00 -8.64
CA VAL A 324 42.66 33.01 -8.08
C VAL A 324 43.22 33.66 -6.83
N GLN A 325 43.39 34.98 -6.88
CA GLN A 325 43.80 35.74 -5.71
C GLN A 325 42.70 36.67 -5.27
N TYR A 326 42.47 36.69 -3.95
CA TYR A 326 41.37 37.41 -3.34
C TYR A 326 41.90 38.61 -2.62
N SER A 327 41.00 39.39 -2.07
CA SER A 327 41.32 40.33 -1.01
C SER A 327 40.06 40.38 -0.14
N ASP A 328 40.22 40.40 1.18
CA ASP A 328 39.04 40.47 2.04
C ASP A 328 38.59 41.92 2.13
N ILE A 329 37.73 42.24 3.10
CA ILE A 329 37.19 43.59 3.22
C ILE A 329 38.26 44.64 3.49
N ASP A 330 39.49 44.20 3.64
CA ASP A 330 40.57 45.12 3.95
C ASP A 330 40.78 46.14 2.83
N TYR A 331 40.48 45.74 1.60
CA TYR A 331 40.71 46.62 0.49
C TYR A 331 39.71 47.77 0.48
N MET A 332 38.62 47.63 1.21
CA MET A 332 37.64 48.70 1.27
C MET A 332 38.14 49.74 2.24
N GLU A 333 37.65 50.97 2.10
CA GLU A 333 37.98 52.01 3.05
C GLU A 333 36.99 51.92 4.19
N ARG A 334 37.45 51.42 5.32
CA ARG A 334 36.61 51.24 6.50
C ARG A 334 35.46 50.25 6.27
N GLN A 335 35.73 49.22 5.46
CA GLN A 335 34.76 48.15 5.25
C GLN A 335 33.50 48.63 4.54
N LEU A 336 33.60 49.76 3.83
CA LEU A 336 32.47 50.30 3.08
C LEU A 336 32.44 49.71 1.67
N ASP A 337 31.29 49.20 1.28
CA ASP A 337 31.16 48.59 -0.03
C ASP A 337 31.49 49.59 -1.13
N PHE A 338 32.26 49.15 -2.12
CA PHE A 338 32.50 49.96 -3.30
C PHE A 338 33.46 51.13 -3.06
N THR A 339 34.35 50.99 -2.08
CA THR A 339 35.37 51.98 -1.79
C THR A 339 36.78 51.35 -1.75
N LEU A 340 37.81 52.16 -2.00
CA LEU A 340 39.17 51.63 -2.01
C LEU A 340 40.04 52.29 -0.95
N SER A 341 40.63 51.47 -0.08
CA SER A 341 41.45 52.00 0.99
C SER A 341 42.68 52.71 0.45
N PRO A 342 43.07 53.81 1.11
CA PRO A 342 44.35 54.45 0.86
C PRO A 342 45.44 53.38 0.88
N LYS A 343 45.45 52.62 1.97
CA LYS A 343 46.40 51.54 2.19
C LYS A 343 46.37 50.49 1.06
N PHE A 344 45.50 50.70 0.08
CA PHE A 344 45.27 49.72 -0.98
C PHE A 344 45.19 50.32 -2.36
N ALA A 345 45.72 51.53 -2.54
CA ALA A 345 45.69 52.12 -3.86
C ALA A 345 46.75 51.44 -4.70
N GLY A 346 46.63 51.53 -6.02
CA GLY A 346 47.48 50.73 -6.89
C GLY A 346 47.37 49.24 -6.54
N PHE A 347 46.30 48.90 -5.83
CA PHE A 347 45.79 47.53 -5.80
C PHE A 347 45.20 47.29 -7.17
N PRO A 348 44.51 48.29 -7.73
CA PRO A 348 43.99 48.15 -9.08
C PRO A 348 45.08 47.79 -10.06
N ALA A 349 46.30 48.25 -9.78
CA ALA A 349 47.46 47.93 -10.61
C ALA A 349 47.79 46.46 -10.49
N LEU A 350 47.86 45.98 -9.26
CA LEU A 350 48.12 44.55 -8.98
C LEU A 350 47.16 43.59 -9.70
N ILE A 351 45.85 43.85 -9.58
CA ILE A 351 44.87 43.08 -10.33
C ILE A 351 45.37 42.90 -11.76
N ASN A 352 45.44 44.02 -12.47
CA ASN A 352 45.73 44.06 -13.91
C ASN A 352 47.03 43.40 -14.29
N ARG A 353 48.01 43.50 -13.40
CA ARG A 353 49.29 42.84 -13.58
C ARG A 353 49.11 41.34 -13.48
N MET A 354 48.45 40.88 -12.41
CA MET A 354 48.24 39.46 -12.19
C MET A 354 47.40 38.82 -13.30
N LYS A 355 46.26 39.42 -13.62
CA LYS A 355 45.42 38.86 -14.67
C LYS A 355 46.17 38.79 -15.99
N ALA A 356 47.15 39.68 -16.13
CA ALA A 356 47.99 39.75 -17.32
C ALA A 356 48.87 38.51 -17.43
N ASP A 357 49.31 38.00 -16.29
CA ASP A 357 50.07 36.75 -16.24
C ASP A 357 49.15 35.54 -16.42
N GLY A 358 47.85 35.76 -16.30
CA GLY A 358 46.88 34.69 -16.49
C GLY A 358 46.12 34.33 -15.23
N MET A 359 46.37 35.06 -14.15
CA MET A 359 45.65 34.84 -12.91
C MET A 359 44.28 35.47 -12.99
N ARG A 360 43.50 35.31 -11.92
CA ARG A 360 42.19 35.95 -11.81
C ARG A 360 41.94 36.44 -10.39
N VAL A 361 40.98 37.33 -10.25
CA VAL A 361 40.77 37.96 -8.97
C VAL A 361 39.30 37.92 -8.59
N ILE A 362 39.06 37.64 -7.31
CA ILE A 362 37.71 37.61 -6.77
C ILE A 362 37.64 38.54 -5.55
N LEU A 363 36.56 39.31 -5.47
CA LEU A 363 36.42 40.33 -4.44
C LEU A 363 35.17 40.09 -3.64
N ILE A 364 35.25 40.37 -2.35
CA ILE A 364 34.13 40.17 -1.44
C ILE A 364 33.19 41.35 -1.43
N LEU A 365 31.93 41.10 -1.13
CA LEU A 365 30.97 42.18 -0.91
C LEU A 365 30.05 41.78 0.22
N ASP A 366 29.68 42.73 1.05
CA ASP A 366 28.71 42.47 2.07
C ASP A 366 27.44 43.14 1.55
N PRO A 367 26.28 42.78 2.11
CA PRO A 367 25.02 43.39 1.69
C PRO A 367 24.72 44.74 2.33
N ALA A 368 25.05 44.90 3.61
CA ALA A 368 24.70 46.11 4.38
C ALA A 368 25.46 47.33 3.92
N ILE A 369 24.75 48.43 3.71
CA ILE A 369 25.38 49.68 3.27
C ILE A 369 25.37 50.73 4.38
N SER A 370 26.52 51.34 4.66
CA SER A 370 26.60 52.35 5.72
C SER A 370 25.92 53.66 5.36
N GLY A 371 25.16 54.23 6.29
CA GLY A 371 24.58 55.53 6.06
C GLY A 371 24.89 56.62 7.09
N ASN A 372 25.99 56.47 7.82
CA ASN A 372 26.38 57.46 8.82
C ASN A 372 27.68 58.19 8.28
N GLU A 373 27.87 58.09 6.97
CA GLU A 373 29.04 58.61 6.25
C GLU A 373 28.90 60.10 5.86
N THR A 374 30.01 60.85 5.90
CA THR A 374 30.00 62.33 5.69
C THR A 374 30.37 62.80 4.29
N GLN A 375 31.43 62.22 3.75
CA GLN A 375 31.83 62.49 2.37
C GLN A 375 30.70 62.05 1.44
N PRO A 376 30.87 62.22 0.13
CA PRO A 376 29.86 61.61 -0.76
C PRO A 376 30.05 60.08 -0.83
N TYR A 377 28.95 59.36 -0.95
CA TYR A 377 28.98 57.90 -0.99
C TYR A 377 27.82 57.45 -1.85
N PRO A 378 28.05 57.35 -3.16
CA PRO A 378 26.95 57.07 -4.09
C PRO A 378 26.21 55.80 -3.72
N ALA A 379 26.94 54.73 -3.41
CA ALA A 379 26.30 53.47 -3.03
C ALA A 379 25.12 53.71 -2.09
N PHE A 380 25.36 54.38 -0.96
CA PHE A 380 24.29 54.61 0.00
C PHE A 380 23.23 55.60 -0.51
N THR A 381 23.71 56.73 -1.04
CA THR A 381 22.85 57.81 -1.50
C THR A 381 21.88 57.37 -2.59
N ARG A 382 22.41 56.77 -3.66
CA ARG A 382 21.57 56.29 -4.76
C ARG A 382 20.73 55.13 -4.27
N GLY A 383 21.15 54.53 -3.15
CA GLY A 383 20.38 53.48 -2.51
C GLY A 383 19.07 54.08 -2.03
N VAL A 384 19.19 55.16 -1.29
CA VAL A 384 18.02 55.88 -0.82
C VAL A 384 17.18 56.49 -1.95
N GLU A 385 17.83 57.08 -2.96
CA GLU A 385 17.13 57.61 -4.13
C GLU A 385 16.23 56.56 -4.78
N ASP A 386 16.84 55.46 -5.24
CA ASP A 386 16.11 54.40 -5.91
C ASP A 386 15.21 53.62 -4.94
N ASP A 387 15.30 53.95 -3.65
CA ASP A 387 14.60 53.26 -2.57
C ASP A 387 14.75 51.74 -2.63
N VAL A 388 15.87 51.25 -2.10
CA VAL A 388 16.21 49.85 -2.19
C VAL A 388 16.47 49.28 -0.81
N PHE A 389 16.18 50.08 0.21
CA PHE A 389 16.50 49.65 1.56
C PHE A 389 15.29 49.16 2.34
N ILE A 390 15.57 48.28 3.30
CA ILE A 390 14.51 47.58 4.03
C ILE A 390 14.03 48.44 5.19
N LYS A 391 12.74 48.78 5.17
CA LYS A 391 12.15 49.66 6.18
C LYS A 391 11.15 48.91 7.01
N TYR A 392 10.71 49.52 8.11
CA TYR A 392 9.58 48.98 8.87
C TYR A 392 8.31 49.16 8.05
N PRO A 393 7.21 48.52 8.46
CA PRO A 393 5.95 48.39 7.71
C PRO A 393 5.06 49.64 7.59
N ASN A 394 5.04 50.48 8.61
CA ASN A 394 4.21 51.69 8.54
C ASN A 394 5.02 52.89 8.06
N ASP A 395 5.70 52.70 6.93
CA ASP A 395 6.54 53.74 6.32
C ASP A 395 7.83 54.03 7.08
N GLY A 396 7.87 53.63 8.37
CA GLY A 396 9.02 53.84 9.25
C GLY A 396 10.38 53.87 8.56
N ASP A 397 11.36 54.43 9.26
CA ASP A 397 12.68 54.62 8.66
C ASP A 397 13.33 53.26 8.30
N ILE A 398 14.49 53.33 7.67
CA ILE A 398 15.31 52.16 7.41
C ILE A 398 15.41 51.34 8.69
N VAL A 399 15.49 50.02 8.58
CA VAL A 399 15.82 49.19 9.73
C VAL A 399 17.34 49.11 9.79
N TRP A 400 17.91 49.76 10.81
CA TRP A 400 19.36 49.93 10.91
C TRP A 400 20.03 48.84 11.73
N GLY A 401 20.92 48.10 11.08
CA GLY A 401 21.75 47.14 11.80
C GLY A 401 23.17 47.67 11.89
N LYS A 402 24.08 46.86 12.43
CA LYS A 402 25.50 47.17 12.42
C LYS A 402 26.30 45.95 11.97
N VAL A 403 27.29 46.14 11.11
CA VAL A 403 28.15 45.02 10.73
C VAL A 403 29.66 45.38 10.76
N TRP A 404 30.27 45.53 9.58
CA TRP A 404 31.69 45.79 9.48
C TRP A 404 32.07 47.28 9.35
N PRO A 405 31.33 48.01 8.48
CA PRO A 405 31.62 49.43 8.25
C PRO A 405 31.85 50.25 9.51
N ASP A 406 32.96 50.98 9.55
CA ASP A 406 33.25 51.90 10.65
C ASP A 406 32.65 53.30 10.45
N PHE A 407 32.44 54.00 11.55
CA PHE A 407 32.05 55.39 11.50
C PHE A 407 33.18 56.19 10.88
N PRO A 408 32.89 57.42 10.44
CA PRO A 408 33.86 58.19 9.67
C PRO A 408 35.09 58.70 10.45
N ASP A 409 34.90 59.33 11.60
CA ASP A 409 36.04 60.00 12.24
C ASP A 409 36.59 59.21 13.42
N VAL A 410 35.84 58.21 13.83
CA VAL A 410 36.19 57.43 15.01
C VAL A 410 37.57 56.77 14.85
N VAL A 411 38.35 56.81 15.92
CA VAL A 411 39.69 56.22 15.94
C VAL A 411 39.58 54.88 16.57
N VAL A 412 40.14 53.87 15.94
CA VAL A 412 39.77 52.50 16.33
C VAL A 412 40.88 51.70 17.02
N ASN A 413 40.59 51.27 18.26
CA ASN A 413 41.47 50.40 19.04
C ASN A 413 41.17 48.96 18.67
N GLY A 414 42.05 48.34 17.89
CA GLY A 414 41.80 47.00 17.40
C GLY A 414 41.53 45.97 18.48
N SER A 415 41.86 46.31 19.72
CA SER A 415 41.89 45.33 20.81
C SER A 415 40.71 45.40 21.77
N LEU A 416 39.82 46.36 21.58
CA LEU A 416 38.67 46.55 22.47
C LEU A 416 37.70 45.34 22.51
N ASP A 417 36.96 45.23 23.62
CA ASP A 417 35.90 44.22 23.77
C ASP A 417 35.12 44.16 22.47
N TRP A 418 34.77 42.96 22.02
CA TRP A 418 34.07 42.85 20.75
C TRP A 418 32.75 43.60 20.83
N ASP A 419 32.12 43.58 22.00
CA ASP A 419 30.88 44.32 22.22
C ASP A 419 31.10 45.82 22.12
N SER A 420 32.07 46.33 22.88
CA SER A 420 32.40 47.76 22.89
C SER A 420 32.69 48.24 21.46
N GLN A 421 33.41 47.42 20.71
CA GLN A 421 33.74 47.73 19.33
C GLN A 421 32.50 47.97 18.51
N VAL A 422 31.41 47.30 18.86
CA VAL A 422 30.22 47.34 18.04
C VAL A 422 29.38 48.59 18.32
N GLU A 423 29.52 49.15 19.51
CA GLU A 423 28.82 50.41 19.77
C GLU A 423 29.62 51.63 19.35
N LEU A 424 30.89 51.68 19.76
CA LEU A 424 31.71 52.85 19.55
C LEU A 424 32.11 53.10 18.10
N TYR A 425 32.40 52.03 17.38
CA TYR A 425 33.02 52.15 16.05
C TYR A 425 32.07 51.87 14.89
N ARG A 426 31.35 50.76 14.93
CA ARG A 426 30.61 50.30 13.75
C ARG A 426 29.48 51.24 13.38
N ALA A 427 29.42 51.62 12.11
CA ALA A 427 28.40 52.54 11.61
C ALA A 427 27.03 51.89 11.54
N TYR A 428 25.97 52.70 11.48
CA TYR A 428 24.64 52.18 11.17
C TYR A 428 24.55 51.86 9.68
N VAL A 429 24.06 50.67 9.38
CA VAL A 429 24.00 50.19 8.01
C VAL A 429 22.58 49.74 7.65
N ALA A 430 22.28 49.83 6.36
CA ALA A 430 20.95 49.51 5.88
C ALA A 430 21.06 48.22 5.12
N PHE A 431 19.99 47.43 5.13
CA PHE A 431 19.98 46.21 4.34
C PHE A 431 19.12 46.32 3.07
N PRO A 432 19.75 46.18 1.90
CA PRO A 432 18.98 46.23 0.66
C PRO A 432 18.04 45.04 0.56
N ASP A 433 16.87 45.26 -0.04
CA ASP A 433 15.89 44.21 -0.25
C ASP A 433 16.07 43.67 -1.66
N PHE A 434 16.74 42.52 -1.78
CA PHE A 434 17.16 42.04 -3.09
C PHE A 434 16.05 41.43 -3.95
N PHE A 435 14.83 41.37 -3.42
CA PHE A 435 13.68 40.93 -4.20
C PHE A 435 13.31 41.98 -5.25
N ARG A 436 13.49 43.25 -4.88
CA ARG A 436 12.97 44.39 -5.62
C ARG A 436 13.62 44.60 -6.97
N ASN A 437 12.78 44.75 -8.01
CA ASN A 437 13.29 45.03 -9.36
C ASN A 437 14.23 46.25 -9.34
N SER A 438 14.00 47.16 -8.39
CA SER A 438 14.89 48.33 -8.21
C SER A 438 16.26 47.95 -7.63
N THR A 439 16.27 47.20 -6.53
CA THR A 439 17.53 46.81 -5.88
C THR A 439 18.47 46.07 -6.83
N ALA A 440 17.88 45.43 -7.82
CA ALA A 440 18.68 44.85 -8.89
C ALA A 440 19.52 45.89 -9.67
N LYS A 441 18.91 46.98 -10.17
CA LYS A 441 19.67 48.01 -10.92
C LYS A 441 20.72 48.64 -10.05
N TRP A 442 20.30 49.06 -8.87
CA TRP A 442 21.19 49.68 -7.90
C TRP A 442 22.42 48.81 -7.68
N TRP A 443 22.18 47.60 -7.20
CA TRP A 443 23.23 46.62 -6.99
C TRP A 443 24.08 46.46 -8.25
N LYS A 444 23.43 46.23 -9.38
CA LYS A 444 24.14 45.95 -10.63
C LYS A 444 24.98 47.15 -11.07
N ARG A 445 24.51 48.34 -10.71
CA ARG A 445 25.22 49.57 -11.03
C ARG A 445 26.50 49.67 -10.23
N GLU A 446 26.36 49.78 -8.92
CA GLU A 446 27.49 49.81 -8.02
C GLU A 446 28.59 48.85 -8.48
N ILE A 447 28.20 47.65 -8.90
CA ILE A 447 29.14 46.64 -9.34
C ILE A 447 29.79 47.08 -10.63
N GLU A 448 28.98 47.64 -11.52
CA GLU A 448 29.48 48.23 -12.76
C GLU A 448 30.61 49.22 -12.51
N GLU A 449 30.32 50.21 -11.68
CA GLU A 449 31.26 51.28 -11.41
C GLU A 449 32.42 50.89 -10.51
N LEU A 450 32.36 49.70 -9.93
CA LEU A 450 33.54 49.19 -9.26
C LEU A 450 34.51 48.75 -10.35
N TYR A 451 33.95 48.17 -11.41
CA TYR A 451 34.72 47.60 -12.50
C TYR A 451 35.24 48.68 -13.44
N ASN A 452 34.35 49.60 -13.80
CA ASN A 452 34.72 50.74 -14.61
C ASN A 452 34.36 51.98 -13.82
N ASN A 453 35.36 52.51 -13.09
CA ASN A 453 35.16 53.69 -12.25
C ASN A 453 34.87 54.91 -13.10
N PRO A 454 33.70 55.54 -12.89
CA PRO A 454 33.34 56.69 -13.72
C PRO A 454 34.34 57.83 -13.53
N GLN A 455 34.74 58.04 -12.29
CA GLN A 455 35.59 59.17 -11.95
C GLN A 455 37.07 58.86 -12.11
N ASN A 456 37.52 57.74 -11.59
CA ASN A 456 38.96 57.47 -11.55
C ASN A 456 39.36 56.17 -12.24
N PRO A 457 39.30 56.16 -13.58
CA PRO A 457 39.62 54.97 -14.38
C PRO A 457 40.92 54.27 -13.98
N GLU A 458 41.77 54.96 -13.25
CA GLU A 458 43.02 54.39 -12.75
C GLU A 458 42.80 53.54 -11.49
N ARG A 459 41.73 53.86 -10.75
CA ARG A 459 41.36 53.13 -9.55
C ARG A 459 40.28 52.04 -9.80
N SER A 460 40.18 51.55 -11.02
CA SER A 460 39.23 50.48 -11.35
C SER A 460 39.78 49.11 -11.00
N LEU A 461 38.95 48.32 -10.32
CA LEU A 461 39.30 46.95 -9.97
C LEU A 461 38.68 45.99 -10.98
N LYS A 462 39.52 45.29 -11.75
CA LYS A 462 39.01 44.38 -12.77
C LYS A 462 38.83 42.96 -12.23
N PHE A 463 37.79 42.74 -11.44
CA PHE A 463 37.54 41.43 -10.84
C PHE A 463 36.93 40.47 -11.84
N ASP A 464 37.01 39.16 -11.57
CA ASP A 464 36.44 38.14 -12.46
C ASP A 464 35.24 37.41 -11.86
N GLY A 465 35.10 37.52 -10.54
CA GLY A 465 34.02 36.87 -9.81
C GLY A 465 33.79 37.53 -8.47
N MET A 466 32.58 37.36 -7.95
CA MET A 466 32.20 37.99 -6.69
C MET A 466 31.86 37.02 -5.56
N TRP A 467 32.34 37.34 -4.38
CA TRP A 467 32.11 36.55 -3.19
C TRP A 467 31.14 37.30 -2.28
N ILE A 468 29.85 37.17 -2.52
CA ILE A 468 28.84 37.73 -1.61
C ILE A 468 28.79 36.95 -0.30
N ASP A 469 28.86 37.66 0.83
CA ASP A 469 28.96 37.01 2.12
C ASP A 469 28.24 37.83 3.19
N MET A 470 28.15 37.29 4.38
CA MET A 470 27.58 38.01 5.51
C MET A 470 26.09 38.26 5.25
N ASN A 471 25.56 37.53 4.29
CA ASN A 471 24.20 37.71 3.79
C ASN A 471 23.16 36.72 4.30
N GLU A 472 23.02 36.58 5.62
CA GLU A 472 22.02 35.66 6.16
C GLU A 472 20.59 36.22 6.24
N PRO A 473 20.43 37.54 6.49
CA PRO A 473 21.43 38.61 6.61
C PRO A 473 21.99 38.74 8.00
N SER A 474 23.32 38.76 8.11
CA SER A 474 23.97 38.85 9.40
C SER A 474 24.07 40.28 9.91
N SER A 475 23.92 40.44 11.22
CA SER A 475 24.02 41.75 11.87
C SER A 475 24.50 41.58 13.32
N PHE A 476 25.30 42.54 13.80
CA PHE A 476 25.94 42.42 15.12
C PHE A 476 25.11 43.05 16.23
N VAL A 477 23.88 43.43 15.90
CA VAL A 477 22.88 43.75 16.94
C VAL A 477 21.59 42.96 16.71
N ASN A 478 21.01 42.50 17.80
CA ASN A 478 19.83 41.66 17.68
C ASN A 478 18.62 42.49 17.24
N GLY A 479 18.26 42.37 15.95
CA GLY A 479 17.11 43.06 15.40
C GLY A 479 17.46 44.34 14.69
N ALA A 480 17.05 45.45 15.30
CA ALA A 480 17.47 46.77 14.87
C ALA A 480 18.50 47.28 15.87
N VAL A 481 18.55 48.60 16.03
CA VAL A 481 19.72 49.17 16.66
C VAL A 481 19.50 49.72 18.08
N SER A 482 18.72 50.80 18.23
CA SER A 482 18.84 51.59 19.46
C SER A 482 17.73 51.35 20.45
N PRO A 483 16.48 51.62 20.04
CA PRO A 483 15.38 51.24 20.93
C PRO A 483 15.08 49.74 20.77
N GLY A 484 15.29 49.22 19.57
CA GLY A 484 15.06 47.80 19.31
C GLY A 484 14.05 47.52 18.22
N CYS A 485 13.04 46.71 18.54
CA CYS A 485 12.12 46.17 17.53
C CYS A 485 10.62 46.47 17.74
N ARG A 486 10.12 46.14 18.92
CA ARG A 486 8.67 46.13 19.22
C ARG A 486 7.87 45.13 18.37
N ASP A 487 7.71 43.91 18.89
CA ASP A 487 6.84 42.90 18.24
C ASP A 487 6.85 41.48 18.83
N ALA A 488 5.86 40.68 18.42
CA ALA A 488 5.75 39.28 18.83
C ALA A 488 5.70 38.43 17.57
N SER A 489 6.13 39.05 16.46
CA SER A 489 6.33 38.34 15.20
C SER A 489 7.78 37.88 15.21
N LEU A 490 8.44 38.16 16.33
CA LEU A 490 9.88 38.24 16.40
C LEU A 490 10.41 37.41 17.54
N ASN A 491 10.04 37.80 18.75
CA ASN A 491 10.41 37.04 19.91
C ASN A 491 9.24 36.15 20.22
N HIS A 492 9.49 35.07 20.96
CA HIS A 492 8.46 34.11 21.35
C HIS A 492 7.44 33.78 20.26
N PRO A 493 7.78 33.97 18.97
CA PRO A 493 6.72 33.67 17.99
C PRO A 493 6.17 32.28 18.32
N PRO A 494 4.93 32.24 18.82
CA PRO A 494 4.30 31.13 19.54
C PRO A 494 5.22 29.92 19.81
N TYR A 495 5.84 29.36 18.79
CA TYR A 495 6.84 28.32 18.98
C TYR A 495 8.21 28.81 18.47
N MET A 496 9.20 28.86 19.36
CA MET A 496 10.56 29.23 18.96
C MET A 496 11.33 27.97 18.67
N PRO A 497 11.55 27.67 17.38
CA PRO A 497 12.24 26.44 17.01
C PRO A 497 13.53 26.26 17.83
N HIS A 498 14.15 25.10 17.72
CA HIS A 498 15.34 24.82 18.52
C HIS A 498 16.58 25.36 17.84
N LEU A 499 16.65 26.69 17.76
CA LEU A 499 17.79 27.36 17.18
C LEU A 499 18.80 27.71 18.25
N GLU A 500 19.96 28.21 17.81
CA GLU A 500 20.96 28.76 18.69
C GLU A 500 20.39 30.04 19.33
N SER A 501 20.86 30.35 20.54
CA SER A 501 20.33 31.50 21.25
C SER A 501 18.82 31.53 21.21
N ARG A 502 18.18 30.40 21.52
CA ARG A 502 16.73 30.32 21.49
C ARG A 502 16.14 31.47 22.29
N ASP A 503 16.80 31.80 23.39
CA ASP A 503 16.26 32.76 24.34
C ASP A 503 16.21 34.17 23.78
N ARG A 504 16.81 34.35 22.60
CA ARG A 504 16.88 35.66 21.98
C ARG A 504 15.79 35.89 20.93
N GLY A 505 14.92 34.91 20.72
CA GLY A 505 13.95 35.02 19.65
C GLY A 505 14.64 35.00 18.30
N LEU A 506 13.83 35.12 17.23
CA LEU A 506 14.34 35.06 15.86
C LEU A 506 15.27 36.24 15.54
N SER A 507 15.02 37.36 16.22
CA SER A 507 15.78 38.61 16.09
C SER A 507 17.29 38.41 16.18
N SER A 508 17.72 37.53 17.07
CA SER A 508 19.14 37.27 17.30
C SER A 508 20.03 37.30 16.05
N LYS A 509 21.07 38.12 16.12
CA LYS A 509 22.08 38.25 15.08
C LYS A 509 21.55 38.50 13.67
N THR A 510 20.49 39.30 13.55
CA THR A 510 19.95 39.66 12.24
C THR A 510 18.80 40.68 12.33
N LEU A 511 18.09 40.85 11.22
CA LEU A 511 17.04 41.86 11.09
C LEU A 511 15.78 41.61 11.91
N CYS A 512 15.10 42.70 12.24
CA CYS A 512 13.77 42.61 12.80
C CYS A 512 12.82 41.83 11.88
N MET A 513 12.07 40.92 12.48
CA MET A 513 11.23 39.98 11.73
C MET A 513 10.07 40.71 11.05
N GLU A 514 9.69 41.84 11.64
CA GLU A 514 8.60 42.65 11.12
C GLU A 514 9.02 43.46 9.91
N SER A 515 10.33 43.50 9.68
CA SER A 515 10.87 44.29 8.56
C SER A 515 10.11 43.99 7.29
N GLN A 516 9.78 45.03 6.54
CA GLN A 516 9.01 44.83 5.33
C GLN A 516 9.92 44.55 4.16
N GLN A 517 9.53 43.61 3.32
CA GLN A 517 10.17 43.43 2.04
C GLN A 517 9.08 43.37 0.97
N ILE A 518 9.52 43.42 -0.29
CA ILE A 518 8.61 43.47 -1.41
C ILE A 518 9.04 42.47 -2.44
N LEU A 519 8.13 41.62 -2.88
CA LEU A 519 8.53 40.59 -3.83
C LEU A 519 8.57 41.21 -5.21
N PRO A 520 9.11 40.47 -6.20
CA PRO A 520 9.18 40.98 -7.56
C PRO A 520 7.81 41.41 -8.08
N ASP A 521 6.77 40.60 -7.87
CA ASP A 521 5.42 40.99 -8.33
C ASP A 521 5.01 42.36 -7.78
N GLY A 522 5.37 42.64 -6.53
CA GLY A 522 5.05 43.91 -5.93
C GLY A 522 4.33 43.77 -4.61
N SER A 523 4.00 42.54 -4.22
CA SER A 523 3.28 42.32 -2.96
C SER A 523 4.19 42.41 -1.74
N LEU A 524 3.57 42.65 -0.59
CA LEU A 524 4.31 42.88 0.64
C LEU A 524 4.55 41.63 1.48
N VAL A 525 5.75 41.50 1.99
CA VAL A 525 6.11 40.36 2.81
C VAL A 525 6.86 40.90 4.01
N GLN A 526 6.80 40.18 5.12
CA GLN A 526 7.61 40.54 6.28
C GLN A 526 8.81 39.62 6.42
N HIS A 527 9.87 40.12 7.04
CA HIS A 527 11.10 39.38 7.05
C HIS A 527 10.86 37.99 7.64
N TYR A 528 9.98 37.91 8.63
CA TYR A 528 9.56 36.65 9.25
C TYR A 528 9.40 35.46 8.27
N ASN A 529 8.78 35.70 7.11
CA ASN A 529 8.64 34.64 6.13
C ASN A 529 9.78 34.47 5.14
N VAL A 530 10.55 35.52 4.87
CA VAL A 530 11.57 35.44 3.81
C VAL A 530 13.02 35.51 4.28
N HIS A 531 13.23 35.57 5.58
CA HIS A 531 14.57 35.61 6.12
C HIS A 531 15.49 34.57 5.48
N ASN A 532 15.13 33.28 5.57
CA ASN A 532 15.96 32.20 5.00
C ASN A 532 16.16 32.39 3.51
N LEU A 533 15.35 33.25 2.93
CA LEU A 533 15.43 33.53 1.50
C LEU A 533 16.38 34.68 1.14
N TYR A 534 16.89 35.39 2.15
CA TYR A 534 17.61 36.63 1.92
C TYR A 534 18.83 36.47 1.03
N GLY A 535 19.80 35.72 1.51
CA GLY A 535 21.00 35.49 0.74
C GLY A 535 20.68 34.93 -0.63
N TRP A 536 19.67 34.07 -0.68
CA TRP A 536 19.22 33.52 -1.96
C TRP A 536 18.72 34.63 -2.88
N SER A 537 18.01 35.60 -2.30
CA SER A 537 17.39 36.68 -3.07
C SER A 537 18.43 37.54 -3.78
N GLN A 538 19.67 37.47 -3.29
CA GLN A 538 20.77 38.34 -3.69
C GLN A 538 21.65 37.63 -4.68
N THR A 539 21.51 36.31 -4.72
CA THR A 539 22.42 35.49 -5.53
C THR A 539 22.32 35.72 -7.05
N ARG A 540 21.14 35.55 -7.66
CA ARG A 540 21.05 35.73 -9.10
C ARG A 540 21.52 37.11 -9.58
N PRO A 541 20.98 38.19 -8.98
CA PRO A 541 21.40 39.50 -9.49
C PRO A 541 22.93 39.67 -9.50
N THR A 542 23.57 39.47 -8.35
CA THR A 542 25.04 39.38 -8.29
C THR A 542 25.65 38.55 -9.43
N TYR A 543 25.16 37.33 -9.61
CA TYR A 543 25.59 36.50 -10.74
C TYR A 543 25.51 37.28 -12.03
N GLU A 544 24.34 37.84 -12.31
CA GLU A 544 24.11 38.62 -13.51
C GLU A 544 25.02 39.84 -13.53
N ALA A 545 25.12 40.53 -12.40
CA ALA A 545 25.99 41.69 -12.30
C ALA A 545 27.38 41.38 -12.87
N VAL A 546 28.01 40.34 -12.33
CA VAL A 546 29.34 39.93 -12.78
C VAL A 546 29.34 39.62 -14.28
N GLN A 547 28.26 39.02 -14.78
CA GLN A 547 28.21 38.65 -16.17
C GLN A 547 28.14 39.86 -17.09
N GLU A 548 27.27 40.80 -16.76
CA GLU A 548 27.06 41.98 -17.57
C GLU A 548 28.34 42.80 -17.67
N VAL A 549 28.97 43.05 -16.52
CA VAL A 549 30.17 43.88 -16.46
C VAL A 549 31.43 43.24 -17.07
N THR A 550 31.64 41.95 -16.87
CA THR A 550 32.86 41.31 -17.35
C THR A 550 32.70 40.68 -18.73
N GLY A 551 31.45 40.56 -19.16
CA GLY A 551 31.16 39.99 -20.46
C GLY A 551 31.49 38.51 -20.49
N GLN A 552 31.87 37.98 -19.33
CA GLN A 552 32.19 36.58 -19.22
C GLN A 552 31.24 35.88 -18.27
N ARG A 553 31.45 34.58 -18.09
CA ARG A 553 30.56 33.74 -17.30
C ARG A 553 30.74 34.00 -15.80
N GLY A 554 31.99 34.11 -15.38
CA GLY A 554 32.27 34.52 -14.02
C GLY A 554 31.85 33.44 -13.06
N VAL A 555 31.76 33.81 -11.79
CA VAL A 555 31.39 32.83 -10.76
C VAL A 555 31.01 33.57 -9.48
N VAL A 556 30.09 33.00 -8.70
CA VAL A 556 29.71 33.60 -7.44
C VAL A 556 29.79 32.60 -6.30
N ILE A 557 30.45 32.98 -5.23
CA ILE A 557 30.45 32.17 -4.02
C ILE A 557 29.52 32.90 -3.07
N THR A 558 28.54 32.21 -2.49
CA THR A 558 27.70 32.87 -1.49
C THR A 558 27.66 32.08 -0.21
N ARG A 559 27.35 32.75 0.89
CA ARG A 559 27.30 32.09 2.19
C ARG A 559 25.90 31.49 2.50
N SER A 560 24.87 32.33 2.49
CA SER A 560 23.51 31.85 2.74
C SER A 560 22.91 31.21 1.49
N THR A 561 22.47 29.97 1.64
CA THR A 561 21.86 29.23 0.56
C THR A 561 20.43 28.84 0.87
N PHE A 562 19.74 28.35 -0.16
CA PHE A 562 18.38 27.81 -0.03
C PHE A 562 18.11 26.99 -1.28
N PRO A 563 17.21 26.02 -1.21
CA PRO A 563 17.14 25.19 -2.42
C PRO A 563 16.96 26.03 -3.67
N SER A 564 17.79 25.72 -4.67
CA SER A 564 17.92 26.42 -5.96
C SER A 564 19.05 27.46 -5.94
N SER A 565 19.38 27.97 -4.76
CA SER A 565 20.50 28.89 -4.58
C SER A 565 21.68 28.49 -5.46
N GLY A 566 22.07 27.21 -5.43
CA GLY A 566 23.17 26.75 -6.26
C GLY A 566 22.98 26.84 -7.76
N ARG A 567 21.87 27.40 -8.19
CA ARG A 567 21.61 27.58 -9.62
C ARG A 567 22.46 28.72 -10.24
N TRP A 568 22.90 29.65 -9.41
CA TRP A 568 23.64 30.83 -9.85
C TRP A 568 24.96 30.99 -9.09
N ALA A 569 25.18 30.13 -8.10
CA ALA A 569 26.34 30.26 -7.23
C ALA A 569 26.90 28.94 -6.74
N GLY A 570 28.04 29.02 -6.07
CA GLY A 570 28.66 27.91 -5.39
C GLY A 570 28.63 28.31 -3.94
N HIS A 571 29.35 27.59 -3.08
CA HIS A 571 29.25 27.84 -1.64
C HIS A 571 30.48 27.29 -0.96
N TRP A 572 30.89 27.96 0.10
CA TRP A 572 32.04 27.51 0.86
C TRP A 572 31.44 27.28 2.22
N LEU A 573 32.03 26.38 3.00
CA LEU A 573 31.35 25.88 4.20
C LEU A 573 31.47 26.77 5.42
N GLY A 574 32.08 27.94 5.25
CA GLY A 574 32.06 28.95 6.30
C GLY A 574 33.18 28.86 7.33
N ASP A 575 32.90 29.47 8.48
CA ASP A 575 33.90 29.72 9.52
C ASP A 575 34.35 28.50 10.35
N ASN A 576 34.99 27.55 9.68
CA ASN A 576 35.59 26.45 10.41
C ASN A 576 36.72 26.93 11.31
N THR A 577 37.30 26.02 12.09
CA THR A 577 38.43 26.34 12.94
C THR A 577 39.58 25.43 12.55
N ALA A 578 40.82 25.86 12.80
CA ALA A 578 41.95 25.00 12.51
C ALA A 578 42.04 23.88 13.55
N ALA A 579 41.20 22.86 13.38
CA ALA A 579 41.19 21.68 14.23
C ALA A 579 40.94 20.44 13.41
N TRP A 580 41.36 19.29 13.93
CA TRP A 580 41.38 18.06 13.15
C TRP A 580 40.01 17.53 12.75
N ASP A 581 39.02 17.66 13.63
CA ASP A 581 37.69 17.15 13.33
C ASP A 581 37.12 17.82 12.11
N GLN A 582 37.56 19.05 11.88
CA GLN A 582 36.97 19.90 10.86
C GLN A 582 37.33 19.47 9.44
N LEU A 583 38.36 18.63 9.29
CA LEU A 583 38.68 18.10 7.96
C LEU A 583 37.57 17.19 7.49
N LYS A 584 37.29 16.15 8.28
CA LYS A 584 36.23 15.20 7.95
C LYS A 584 34.89 15.89 7.68
N LYS A 585 34.54 16.85 8.53
CA LYS A 585 33.28 17.59 8.39
C LYS A 585 33.13 18.24 7.02
N SER A 586 34.24 18.63 6.43
CA SER A 586 34.22 19.27 5.12
C SER A 586 33.83 18.25 4.04
N ILE A 587 34.27 17.01 4.24
CA ILE A 587 33.92 15.92 3.32
C ILE A 587 32.42 15.73 3.37
N ILE A 588 31.86 15.72 4.57
CA ILE A 588 30.42 15.66 4.72
C ILE A 588 29.77 16.84 4.03
N GLY A 589 30.06 18.04 4.53
CA GLY A 589 29.51 19.27 3.99
C GLY A 589 29.39 19.24 2.48
N MET A 590 30.47 18.92 1.81
CA MET A 590 30.47 18.85 0.36
C MET A 590 29.44 17.89 -0.15
N MET A 591 29.58 16.63 0.27
CA MET A 591 28.62 15.59 -0.04
C MET A 591 27.18 16.05 0.14
N GLU A 592 26.86 16.54 1.32
CA GLU A 592 25.50 17.02 1.58
C GLU A 592 25.11 18.07 0.56
N PHE A 593 26.02 18.99 0.27
CA PHE A 593 25.68 20.06 -0.66
C PHE A 593 25.39 19.56 -2.08
N SER A 594 26.10 18.52 -2.53
CA SER A 594 25.79 17.90 -3.83
C SER A 594 24.32 17.47 -3.85
N LEU A 595 23.89 16.84 -2.76
CA LEU A 595 22.47 16.52 -2.58
C LEU A 595 21.60 17.78 -2.68
N PHE A 596 22.03 18.86 -2.01
CA PHE A 596 21.26 20.11 -1.96
C PHE A 596 21.22 20.86 -3.29
N GLY A 597 22.04 20.41 -4.25
CA GLY A 597 21.98 20.88 -5.62
C GLY A 597 23.01 21.95 -5.95
N ILE A 598 24.14 21.88 -5.24
CA ILE A 598 25.21 22.86 -5.33
C ILE A 598 26.57 22.16 -5.49
N SER A 599 27.05 22.12 -6.74
CA SER A 599 28.26 21.38 -7.13
C SER A 599 29.60 22.02 -6.74
N TYR A 600 29.64 23.35 -6.70
CA TYR A 600 30.90 24.08 -6.50
C TYR A 600 31.09 24.50 -5.03
N THR A 601 31.69 23.62 -4.24
CA THR A 601 31.82 23.88 -2.79
C THR A 601 33.11 23.38 -2.19
N GLY A 602 33.40 23.83 -0.98
CA GLY A 602 34.59 23.44 -0.26
C GLY A 602 34.64 24.11 1.11
N ALA A 603 35.68 23.78 1.90
CA ALA A 603 35.94 24.48 3.16
C ALA A 603 37.22 25.31 3.08
N ASP A 604 37.41 26.19 4.07
CA ASP A 604 38.61 27.04 4.12
C ASP A 604 39.81 26.21 4.53
N ILE A 605 40.57 25.79 3.53
CA ILE A 605 41.73 24.95 3.74
C ILE A 605 42.62 25.45 4.87
N CYS A 606 43.04 24.53 5.72
CA CYS A 606 43.91 24.84 6.86
C CYS A 606 43.19 25.49 8.03
N GLY A 607 41.99 25.99 7.78
CA GLY A 607 41.16 26.44 8.87
C GLY A 607 41.12 27.94 9.08
N PHE A 608 39.92 28.49 8.94
CA PHE A 608 39.71 29.90 9.16
C PHE A 608 40.13 30.33 10.57
N PHE A 609 39.22 30.18 11.52
CA PHE A 609 39.47 30.55 12.90
C PHE A 609 40.69 29.85 13.49
N GLN A 610 41.52 30.62 14.19
CA GLN A 610 42.66 30.08 14.90
C GLN A 610 43.91 29.81 14.05
N ASP A 611 45.03 29.63 14.75
CA ASP A 611 46.33 29.48 14.11
C ASP A 611 46.49 28.08 13.55
N ALA A 612 46.90 28.00 12.29
CA ALA A 612 47.15 26.70 11.67
C ALA A 612 48.39 26.03 12.24
N GLU A 613 48.37 24.71 12.35
CA GLU A 613 49.58 23.99 12.73
C GLU A 613 50.15 23.34 11.47
N TYR A 614 51.45 23.02 11.48
CA TYR A 614 52.12 22.48 10.29
C TYR A 614 51.48 21.19 9.74
N GLU A 615 51.49 20.11 10.53
CA GLU A 615 51.01 18.79 10.07
C GLU A 615 49.54 18.79 9.62
N MET A 616 48.67 19.41 10.40
CA MET A 616 47.25 19.49 10.03
C MET A 616 47.10 20.15 8.68
N CYS A 617 47.97 21.10 8.41
CA CYS A 617 47.88 21.91 7.20
C CYS A 617 48.44 21.19 5.98
N VAL A 618 49.42 20.33 6.19
CA VAL A 618 49.93 19.51 5.09
C VAL A 618 48.83 18.57 4.67
N ARG A 619 48.11 18.05 5.68
CA ARG A 619 47.03 17.09 5.47
C ARG A 619 45.83 17.75 4.83
N TRP A 620 45.61 19.02 5.15
CA TRP A 620 44.42 19.73 4.69
C TRP A 620 44.61 20.22 3.27
N MET A 621 45.83 20.62 2.94
CA MET A 621 46.13 21.02 1.57
C MET A 621 45.97 19.82 0.66
N GLN A 622 46.25 18.64 1.18
CA GLN A 622 46.16 17.42 0.38
C GLN A 622 44.70 17.06 0.18
N LEU A 623 43.90 17.25 1.21
CA LEU A 623 42.48 16.95 1.12
C LEU A 623 41.84 18.01 0.25
N GLY A 624 42.02 19.28 0.66
CA GLY A 624 41.43 20.42 0.01
C GLY A 624 41.83 20.58 -1.43
N ALA A 625 42.99 20.03 -1.79
CA ALA A 625 43.45 20.04 -3.17
C ALA A 625 42.45 19.37 -4.08
N PHE A 626 41.39 18.83 -3.48
CA PHE A 626 40.39 18.11 -4.25
C PHE A 626 38.97 18.58 -3.96
N TYR A 627 38.81 19.63 -3.16
CA TYR A 627 37.53 20.31 -3.12
C TYR A 627 37.31 20.87 -4.52
N PRO A 628 36.08 20.88 -5.01
CA PRO A 628 35.83 21.62 -6.24
C PRO A 628 36.23 23.09 -6.07
N PHE A 629 35.86 23.68 -4.94
CA PHE A 629 36.24 25.04 -4.59
C PHE A 629 37.43 25.00 -3.65
N SER A 630 38.63 24.94 -4.24
CA SER A 630 39.83 24.76 -3.43
C SER A 630 40.48 26.07 -2.99
N ARG A 631 40.12 26.58 -1.81
CA ARG A 631 40.64 27.87 -1.34
C ARG A 631 41.23 27.85 0.05
N ASN A 632 42.42 28.43 0.20
CA ASN A 632 43.06 28.59 1.51
C ASN A 632 42.77 29.96 2.09
N HIS A 633 41.86 30.00 3.06
CA HIS A 633 41.37 31.25 3.62
C HIS A 633 41.52 31.19 5.13
N ASN A 634 41.46 32.33 5.79
CA ASN A 634 41.95 32.46 7.16
C ASN A 634 41.46 33.74 7.82
N THR A 635 41.15 33.67 9.10
CA THR A 635 40.65 34.85 9.81
C THR A 635 41.74 35.89 10.07
N ILE A 636 41.39 36.95 10.79
CA ILE A 636 42.24 38.14 10.89
C ILE A 636 43.53 37.95 11.70
N GLY A 637 43.43 38.03 13.02
CA GLY A 637 44.62 38.07 13.86
C GLY A 637 45.55 36.88 13.80
N THR A 638 45.04 35.73 13.36
CA THR A 638 45.80 34.49 13.28
C THR A 638 47.10 34.66 12.50
N ARG A 639 48.06 33.78 12.70
CA ARG A 639 49.24 33.70 11.84
C ARG A 639 48.86 33.26 10.41
N ARG A 640 49.67 33.64 9.42
CA ARG A 640 49.36 33.28 8.05
C ARG A 640 49.60 31.81 7.83
N GLN A 641 48.78 31.19 6.98
CA GLN A 641 48.82 29.75 6.80
C GLN A 641 48.92 29.28 5.36
N ASP A 642 49.21 30.19 4.44
CA ASP A 642 49.37 29.84 3.03
C ASP A 642 50.62 28.98 2.86
N PRO A 643 50.74 28.29 1.73
CA PRO A 643 51.79 27.32 1.40
C PRO A 643 53.22 27.89 1.45
N VAL A 644 53.38 29.15 1.11
CA VAL A 644 54.71 29.73 1.17
C VAL A 644 54.93 30.48 2.48
N SER A 645 54.37 29.95 3.57
CA SER A 645 54.57 30.57 4.88
C SER A 645 54.95 29.52 5.91
N TRP A 646 55.39 28.37 5.41
CA TRP A 646 55.82 27.26 6.29
C TRP A 646 57.30 26.98 6.11
N ASP A 647 57.64 26.10 5.18
CA ASP A 647 59.03 25.88 4.84
C ASP A 647 59.22 25.14 3.52
N VAL A 648 60.47 24.94 3.15
CA VAL A 648 60.79 24.28 1.89
C VAL A 648 60.08 22.94 1.80
N ALA A 649 60.01 22.24 2.93
CA ALA A 649 59.38 20.93 2.98
C ALA A 649 57.91 21.01 2.63
N PHE A 650 57.24 22.02 3.17
CA PHE A 650 55.84 22.25 2.88
C PHE A 650 55.71 22.57 1.42
N VAL A 651 56.24 23.71 1.02
CA VAL A 651 56.16 24.14 -0.37
C VAL A 651 56.21 22.95 -1.31
N ASN A 652 57.32 22.22 -1.28
CA ASN A 652 57.48 21.10 -2.21
C ASN A 652 56.27 20.15 -2.24
N ILE A 653 55.74 19.82 -1.06
CA ILE A 653 54.53 19.00 -0.96
C ILE A 653 53.33 19.65 -1.65
N SER A 654 53.03 20.87 -1.24
CA SER A 654 51.97 21.66 -1.85
C SER A 654 52.05 21.62 -3.37
N ARG A 655 53.26 21.76 -3.91
CA ARG A 655 53.46 21.75 -5.35
C ARG A 655 52.93 20.46 -5.94
N THR A 656 53.43 19.34 -5.43
CA THR A 656 53.08 18.03 -5.98
C THR A 656 51.57 17.80 -6.03
N VAL A 657 50.92 17.93 -4.88
CA VAL A 657 49.49 17.66 -4.80
C VAL A 657 48.69 18.61 -5.69
N LEU A 658 49.04 19.89 -5.65
CA LEU A 658 48.35 20.84 -6.51
C LEU A 658 48.52 20.47 -7.97
N GLN A 659 49.71 20.01 -8.33
CA GLN A 659 49.97 19.60 -9.70
C GLN A 659 48.94 18.56 -10.08
N THR A 660 48.81 17.54 -9.24
CA THR A 660 47.90 16.43 -9.48
C THR A 660 46.51 16.95 -9.82
N ARG A 661 46.03 17.90 -9.01
CA ARG A 661 44.73 18.51 -9.23
C ARG A 661 44.63 19.23 -10.56
N TYR A 662 45.69 19.94 -10.95
CA TYR A 662 45.69 20.68 -12.21
C TYR A 662 45.74 19.74 -13.39
N THR A 663 45.99 18.47 -13.08
CA THR A 663 45.97 17.40 -14.06
C THR A 663 44.57 16.85 -14.28
N LEU A 664 43.83 16.70 -13.18
CA LEU A 664 42.47 16.19 -13.23
C LEU A 664 41.52 17.20 -13.84
N LEU A 665 41.96 18.45 -13.93
CA LEU A 665 41.08 19.55 -14.31
C LEU A 665 40.14 19.29 -15.49
N PRO A 666 40.63 18.69 -16.58
CA PRO A 666 39.73 18.42 -17.70
C PRO A 666 38.62 17.47 -17.29
N TYR A 667 38.93 16.55 -16.39
CA TYR A 667 37.93 15.66 -15.81
C TYR A 667 37.03 16.44 -14.85
N LEU A 668 37.64 17.14 -13.91
CA LEU A 668 36.88 17.96 -12.97
C LEU A 668 35.96 18.96 -13.68
N TYR A 669 36.42 19.50 -14.82
CA TYR A 669 35.62 20.44 -15.61
C TYR A 669 34.45 19.73 -16.31
N THR A 670 34.68 18.56 -16.90
CA THR A 670 33.56 17.85 -17.53
C THR A 670 32.51 17.45 -16.50
N LEU A 671 32.94 16.96 -15.34
CA LEU A 671 32.00 16.67 -14.26
C LEU A 671 31.09 17.87 -14.06
N MET A 672 31.72 19.04 -13.92
CA MET A 672 30.98 20.29 -13.78
C MET A 672 30.03 20.51 -14.94
N HIS A 673 30.47 20.17 -16.15
CA HIS A 673 29.59 20.23 -17.31
C HIS A 673 28.42 19.27 -17.18
N LYS A 674 28.70 18.08 -16.66
CA LYS A 674 27.70 17.01 -16.60
C LYS A 674 26.70 17.28 -15.50
N ALA A 675 27.19 17.81 -14.39
CA ALA A 675 26.29 18.25 -13.32
C ALA A 675 25.40 19.41 -13.77
N HIS A 676 25.91 20.27 -14.64
CA HIS A 676 25.12 21.41 -15.05
C HIS A 676 24.08 20.95 -16.07
N THR A 677 24.46 20.01 -16.91
CA THR A 677 23.60 19.53 -17.98
C THR A 677 22.68 18.38 -17.56
N GLU A 678 23.11 17.54 -16.60
CA GLU A 678 22.41 16.29 -16.30
C GLU A 678 21.81 16.20 -14.88
N GLY A 679 22.31 17.00 -13.95
CA GLY A 679 21.78 17.00 -12.59
C GLY A 679 22.64 16.14 -11.70
N VAL A 680 23.41 15.28 -12.34
CA VAL A 680 24.37 14.40 -11.70
C VAL A 680 25.21 15.09 -10.61
N THR A 681 26.00 14.33 -9.85
CA THR A 681 26.79 14.92 -8.77
C THR A 681 28.26 15.02 -9.12
N VAL A 682 28.96 15.93 -8.44
CA VAL A 682 30.40 16.12 -8.62
C VAL A 682 31.14 15.48 -7.47
N VAL A 683 31.14 16.11 -6.30
CA VAL A 683 31.54 15.40 -5.08
C VAL A 683 30.45 14.38 -4.79
N ARG A 684 30.82 13.11 -4.79
CA ARG A 684 29.86 12.02 -4.81
C ARG A 684 30.28 10.96 -3.81
N PRO A 685 29.40 10.61 -2.86
CA PRO A 685 29.64 9.60 -1.83
C PRO A 685 29.78 8.26 -2.49
N LEU A 686 30.62 7.36 -1.99
CA LEU A 686 30.79 6.06 -2.64
C LEU A 686 29.44 5.38 -2.81
N LEU A 687 28.59 5.53 -1.81
CA LEU A 687 27.32 4.84 -1.81
C LEU A 687 26.45 5.22 -3.00
N HIS A 688 26.81 6.26 -3.73
CA HIS A 688 26.02 6.65 -4.90
C HIS A 688 26.34 5.75 -6.09
N GLU A 689 27.57 5.24 -6.11
CA GLU A 689 28.07 4.41 -7.23
C GLU A 689 28.12 2.92 -6.89
N PHE A 690 27.92 2.57 -5.63
CA PHE A 690 27.97 1.19 -5.18
C PHE A 690 26.91 0.95 -4.11
N VAL A 691 25.62 1.18 -4.43
CA VAL A 691 24.58 1.14 -3.40
C VAL A 691 24.38 -0.22 -2.79
N SER A 692 24.54 -1.25 -3.62
CA SER A 692 24.29 -2.63 -3.23
C SER A 692 25.25 -3.08 -2.14
N ASP A 693 26.33 -2.33 -1.96
CA ASP A 693 27.28 -2.62 -0.91
C ASP A 693 27.01 -1.76 0.32
N GLN A 694 26.48 -2.39 1.37
CA GLN A 694 25.98 -1.66 2.51
C GLN A 694 27.13 -1.08 3.33
N VAL A 695 28.35 -1.56 3.12
CA VAL A 695 29.50 -1.00 3.81
C VAL A 695 29.63 0.50 3.51
N THR A 696 29.26 0.87 2.28
CA THR A 696 29.44 2.23 1.79
C THR A 696 28.39 3.20 2.31
N TRP A 697 27.23 2.68 2.69
CA TRP A 697 26.15 3.49 3.26
C TRP A 697 26.63 4.32 4.44
N ASP A 698 27.71 3.86 5.09
CA ASP A 698 28.19 4.48 6.31
C ASP A 698 29.53 5.18 6.16
N ILE A 699 30.28 4.87 5.11
CA ILE A 699 31.61 5.50 4.97
C ILE A 699 31.49 6.96 4.52
N ASP A 700 32.13 7.84 5.27
CA ASP A 700 31.99 9.28 5.08
C ASP A 700 33.34 9.98 5.32
N SER A 701 34.40 9.19 5.34
CA SER A 701 35.72 9.69 5.61
C SER A 701 36.55 9.54 4.34
N GLN A 702 35.85 9.32 3.24
CA GLN A 702 36.48 9.30 1.92
C GLN A 702 35.39 9.55 0.88
N PHE A 703 35.78 9.96 -0.33
CA PHE A 703 34.77 10.40 -1.28
C PHE A 703 35.20 10.23 -2.72
N LEU A 704 34.24 10.36 -3.63
CA LEU A 704 34.55 10.31 -5.06
C LEU A 704 34.43 11.67 -5.71
N LEU A 705 35.25 11.91 -6.72
CA LEU A 705 34.98 12.99 -7.64
C LEU A 705 34.41 12.33 -8.88
N GLY A 706 33.17 12.65 -9.21
CA GLY A 706 32.50 11.97 -10.30
C GLY A 706 32.41 10.52 -9.93
N PRO A 707 32.28 9.64 -10.95
CA PRO A 707 32.16 8.21 -10.71
C PRO A 707 33.49 7.50 -10.50
N ALA A 708 34.55 7.95 -11.15
CA ALA A 708 35.78 7.17 -11.18
C ALA A 708 36.97 7.64 -10.32
N PHE A 709 36.85 8.76 -9.61
CA PHE A 709 38.00 9.23 -8.84
C PHE A 709 37.83 9.11 -7.31
N LEU A 710 38.57 8.18 -6.71
CA LEU A 710 38.36 7.85 -5.31
C LEU A 710 39.42 8.45 -4.42
N VAL A 711 39.00 9.42 -3.62
CA VAL A 711 39.92 10.14 -2.73
C VAL A 711 39.86 9.59 -1.31
N SER A 712 41.02 9.24 -0.77
CA SER A 712 41.14 8.53 0.51
C SER A 712 42.08 9.27 1.45
N PRO A 713 41.59 10.35 2.05
CA PRO A 713 42.32 11.32 2.87
C PRO A 713 42.82 10.75 4.18
N VAL A 714 43.98 11.23 4.64
CA VAL A 714 44.43 11.00 6.00
C VAL A 714 43.88 12.10 6.88
N LEU A 715 43.13 11.76 7.93
CA LEU A 715 42.43 12.78 8.71
C LEU A 715 42.79 12.77 10.19
N GLU A 716 43.94 12.21 10.52
CA GLU A 716 44.36 12.11 11.91
C GLU A 716 45.81 12.55 12.03
N ARG A 717 46.14 13.16 13.17
CA ARG A 717 47.42 13.82 13.31
C ARG A 717 48.61 12.92 13.01
N ASN A 718 49.06 12.19 14.00
CA ASN A 718 50.32 11.49 13.90
C ASN A 718 50.31 10.44 12.78
N ALA A 719 49.13 10.04 12.36
CA ALA A 719 48.99 8.96 11.39
C ALA A 719 49.82 9.17 10.15
N ARG A 720 50.58 8.15 9.76
CA ARG A 720 51.22 8.19 8.46
C ARG A 720 50.87 6.91 7.65
N ASN A 721 49.75 6.29 8.03
CA ASN A 721 49.08 5.24 7.25
C ASN A 721 47.57 5.48 7.29
N VAL A 722 46.80 4.83 6.41
CA VAL A 722 45.34 4.94 6.49
C VAL A 722 44.61 3.66 6.11
N THR A 723 43.50 3.40 6.79
CA THR A 723 42.62 2.30 6.43
C THR A 723 41.48 2.88 5.61
N ALA A 724 41.36 2.44 4.37
CA ALA A 724 40.28 2.93 3.53
C ALA A 724 39.53 1.78 2.90
N TYR A 725 38.26 1.98 2.61
CA TYR A 725 37.46 0.97 1.95
C TYR A 725 37.61 1.03 0.44
N PHE A 726 37.55 -0.13 -0.20
CA PHE A 726 37.63 -0.25 -1.65
C PHE A 726 36.57 -1.21 -2.12
N PRO A 727 35.45 -0.68 -2.63
CA PRO A 727 34.32 -1.48 -3.13
C PRO A 727 34.72 -2.54 -4.17
N ARG A 728 33.73 -3.28 -4.67
CA ARG A 728 34.00 -4.34 -5.64
C ARG A 728 34.23 -3.77 -7.03
N ALA A 729 35.49 -3.51 -7.35
CA ALA A 729 35.91 -3.05 -8.68
C ALA A 729 37.42 -2.84 -8.67
N ARG A 730 38.02 -2.55 -9.84
CA ARG A 730 39.47 -2.35 -9.88
C ARG A 730 39.87 -0.92 -9.52
N TRP A 731 40.75 -0.78 -8.53
CA TRP A 731 41.17 0.54 -8.08
C TRP A 731 42.65 0.79 -8.37
N TYR A 732 42.92 1.51 -9.46
CA TYR A 732 44.28 1.81 -9.88
C TYR A 732 44.85 3.03 -9.16
N ASP A 733 45.99 2.87 -8.50
CA ASP A 733 46.69 4.02 -7.93
C ASP A 733 46.99 5.04 -9.03
N TYR A 734 46.51 6.26 -8.85
CA TYR A 734 46.67 7.32 -9.84
C TYR A 734 48.12 7.67 -10.14
N TYR A 735 48.99 7.50 -9.15
CA TYR A 735 50.41 7.80 -9.33
C TYR A 735 51.15 6.74 -10.14
N THR A 736 51.02 5.47 -9.71
CA THR A 736 51.81 4.37 -10.28
C THR A 736 51.17 3.61 -11.44
N GLY A 737 49.85 3.54 -11.47
CA GLY A 737 49.15 2.83 -12.53
C GLY A 737 48.77 1.43 -12.11
N VAL A 738 49.25 0.99 -10.95
CA VAL A 738 49.01 -0.38 -10.48
C VAL A 738 47.69 -0.58 -9.74
N ASP A 739 46.98 -1.68 -10.02
CA ASP A 739 45.76 -2.03 -9.29
C ASP A 739 46.05 -2.43 -7.85
N ILE A 740 45.31 -1.84 -6.91
CA ILE A 740 45.51 -2.10 -5.49
C ILE A 740 45.09 -3.54 -5.17
N ASN A 741 44.04 -3.98 -5.85
CA ASN A 741 43.52 -5.35 -5.75
C ASN A 741 42.83 -5.64 -4.43
N ALA A 742 42.06 -4.67 -3.96
CA ALA A 742 41.07 -4.95 -2.93
C ALA A 742 39.73 -4.95 -3.64
N ARG A 743 38.78 -5.68 -3.09
CA ARG A 743 37.46 -5.78 -3.69
C ARG A 743 36.42 -5.99 -2.61
N GLY A 744 35.67 -4.95 -2.29
CA GLY A 744 34.77 -5.00 -1.16
C GLY A 744 35.58 -5.30 0.09
N GLU A 745 36.82 -4.82 0.10
CA GLU A 745 37.75 -5.06 1.20
C GLU A 745 38.26 -3.77 1.79
N TRP A 746 38.59 -3.81 3.07
CA TRP A 746 39.27 -2.71 3.73
C TRP A 746 40.76 -2.98 3.68
N LYS A 747 41.51 -2.06 3.06
CA LYS A 747 42.97 -2.15 3.07
C LYS A 747 43.61 -1.03 3.87
N THR A 748 44.75 -1.33 4.48
CA THR A 748 45.57 -0.28 5.07
C THR A 748 46.74 0.07 4.16
N LEU A 749 46.62 1.21 3.49
CA LEU A 749 47.61 1.66 2.53
C LEU A 749 48.56 2.61 3.25
N PRO A 750 49.81 2.65 2.80
CA PRO A 750 50.78 3.55 3.44
C PRO A 750 50.46 4.99 3.06
N ALA A 751 50.54 5.89 4.01
CA ALA A 751 50.22 7.28 3.74
C ALA A 751 51.22 8.22 4.37
N PRO A 752 52.41 8.32 3.77
CA PRO A 752 53.46 9.21 4.24
C PRO A 752 53.00 10.68 4.28
N LEU A 753 53.74 11.53 4.97
CA LEU A 753 53.35 12.92 5.14
C LEU A 753 53.44 13.72 3.84
N ASP A 754 54.02 13.12 2.80
CA ASP A 754 54.11 13.79 1.49
C ASP A 754 53.03 13.30 0.52
N HIS A 755 52.29 12.27 0.92
CA HIS A 755 51.48 11.49 -0.02
C HIS A 755 50.02 11.46 0.40
N ILE A 756 49.12 11.64 -0.57
CA ILE A 756 47.71 11.35 -0.37
C ILE A 756 47.25 10.30 -1.38
N ASN A 757 46.40 9.37 -0.95
CA ASN A 757 46.00 8.26 -1.79
C ASN A 757 44.87 8.60 -2.75
N LEU A 758 45.07 8.33 -4.03
CA LEU A 758 44.02 8.54 -5.02
C LEU A 758 44.00 7.34 -5.93
N HIS A 759 42.80 6.86 -6.28
CA HIS A 759 42.69 5.68 -7.14
C HIS A 759 41.64 5.87 -8.23
N VAL A 760 41.90 5.31 -9.40
CA VAL A 760 40.96 5.42 -10.51
C VAL A 760 40.18 4.14 -10.75
N ARG A 761 38.87 4.27 -10.74
CA ARG A 761 37.94 3.15 -10.91
C ARG A 761 38.07 2.51 -12.28
N GLY A 762 38.30 1.20 -12.29
CA GLY A 762 38.37 0.45 -13.53
C GLY A 762 37.09 0.59 -14.32
N GLY A 763 37.20 0.77 -15.63
CA GLY A 763 36.05 0.91 -16.49
C GLY A 763 35.85 2.33 -16.98
N TYR A 764 36.81 3.18 -16.67
CA TYR A 764 36.70 4.60 -16.99
C TYR A 764 37.99 5.14 -17.63
N ILE A 765 37.84 6.04 -18.61
CA ILE A 765 38.98 6.82 -19.11
C ILE A 765 38.90 8.28 -18.64
N LEU A 766 39.99 8.75 -18.05
CA LEU A 766 40.08 10.10 -17.54
C LEU A 766 40.93 10.96 -18.48
N PRO A 767 40.39 12.10 -18.94
CA PRO A 767 41.19 13.03 -19.72
C PRO A 767 42.01 13.85 -18.78
N TRP A 768 43.32 13.96 -18.99
CA TRP A 768 44.16 14.83 -18.16
C TRP A 768 44.96 15.83 -18.97
N GLN A 769 45.73 16.67 -18.29
CA GLN A 769 46.51 17.68 -18.97
C GLN A 769 47.61 18.19 -18.05
N GLU A 770 48.75 18.50 -18.64
CA GLU A 770 49.94 18.84 -17.88
C GLU A 770 49.71 20.05 -16.99
N PRO A 771 50.23 19.97 -15.76
CA PRO A 771 50.18 21.02 -14.74
C PRO A 771 51.01 22.26 -15.08
N ALA A 772 50.35 23.41 -15.17
CA ALA A 772 51.02 24.69 -15.32
C ALA A 772 51.06 25.42 -14.00
N LEU A 773 51.18 26.74 -14.06
CA LEU A 773 51.19 27.56 -12.86
C LEU A 773 49.85 28.27 -12.74
N ASN A 774 49.08 28.19 -13.80
CA ASN A 774 47.70 28.65 -13.79
C ASN A 774 47.02 28.17 -15.05
N THR A 775 45.70 28.03 -14.98
CA THR A 775 44.95 27.39 -16.06
C THR A 775 45.20 28.03 -17.40
N HIS A 776 45.74 29.25 -17.41
CA HIS A 776 46.09 29.93 -18.67
C HIS A 776 47.26 29.25 -19.35
N LEU A 777 48.33 29.01 -18.59
CA LEU A 777 49.47 28.25 -19.09
C LEU A 777 49.12 26.77 -19.28
N SER A 778 48.18 26.30 -18.46
CA SER A 778 47.78 24.89 -18.46
C SER A 778 47.04 24.50 -19.74
N ARG A 779 46.02 25.25 -20.13
CA ARG A 779 45.22 24.91 -21.31
C ARG A 779 46.05 24.87 -22.59
N GLN A 780 47.27 25.37 -22.51
CA GLN A 780 48.12 25.40 -23.70
C GLN A 780 48.93 24.12 -23.80
N LYS A 781 49.30 23.56 -22.66
CA LYS A 781 50.12 22.34 -22.62
C LYS A 781 49.40 21.12 -23.19
N PHE A 782 50.01 19.95 -23.00
CA PHE A 782 49.56 18.71 -23.65
C PHE A 782 48.43 17.96 -22.94
N MET A 783 47.46 17.49 -23.72
CA MET A 783 46.32 16.72 -23.23
C MET A 783 46.70 15.26 -23.11
N GLY A 784 46.31 14.61 -22.03
CA GLY A 784 46.60 13.20 -21.86
C GLY A 784 45.39 12.29 -21.75
N PHE A 785 45.63 10.99 -21.77
CA PHE A 785 44.57 10.04 -21.50
C PHE A 785 45.02 9.09 -20.42
N LYS A 786 44.09 8.68 -19.57
CA LYS A 786 44.36 7.59 -18.65
C LYS A 786 43.22 6.62 -18.79
N ILE A 787 43.49 5.52 -19.50
CA ILE A 787 42.51 4.47 -19.72
C ILE A 787 42.66 3.40 -18.64
N ALA A 788 41.82 3.48 -17.63
CA ALA A 788 41.84 2.54 -16.52
C ALA A 788 40.95 1.36 -16.85
N LEU A 789 41.47 0.43 -17.64
CA LEU A 789 40.77 -0.80 -17.96
C LEU A 789 40.45 -1.53 -16.68
N ASP A 790 39.33 -2.24 -16.66
CA ASP A 790 39.07 -3.20 -15.61
C ASP A 790 38.76 -4.53 -16.23
N ASP A 791 39.38 -5.59 -15.71
CA ASP A 791 38.92 -6.92 -16.05
C ASP A 791 37.46 -6.90 -15.67
N GLU A 792 37.17 -6.00 -14.72
CA GLU A 792 35.85 -5.75 -14.15
C GLU A 792 34.93 -4.91 -15.05
N GLY A 793 35.54 -4.25 -16.05
CA GLY A 793 34.83 -3.47 -17.05
C GLY A 793 35.91 -2.88 -17.92
N THR A 794 35.76 -2.94 -19.23
CA THR A 794 36.82 -2.43 -20.11
C THR A 794 37.13 -0.95 -19.93
N ALA A 795 36.33 -0.07 -20.51
CA ALA A 795 36.50 1.39 -20.27
C ALA A 795 35.50 2.31 -20.97
N GLY A 796 35.01 3.31 -20.25
CA GLY A 796 34.17 4.35 -20.80
C GLY A 796 34.62 5.70 -20.27
N GLY A 797 34.38 6.77 -21.03
CA GLY A 797 34.86 8.08 -20.61
C GLY A 797 34.24 9.26 -21.34
N TRP A 798 34.49 10.47 -20.85
CA TRP A 798 33.95 11.67 -21.47
C TRP A 798 34.91 12.83 -21.35
N LEU A 799 34.94 13.69 -22.37
CA LEU A 799 35.60 14.99 -22.29
C LEU A 799 34.75 16.10 -22.90
N PHE A 800 34.72 17.25 -22.24
CA PHE A 800 34.01 18.42 -22.75
C PHE A 800 34.97 19.61 -22.76
N TRP A 801 35.23 20.20 -23.93
CA TRP A 801 36.10 21.41 -24.04
C TRP A 801 35.41 22.68 -24.47
N ASP A 802 35.90 23.77 -23.91
CA ASP A 802 35.22 25.04 -23.92
C ASP A 802 36.26 26.15 -23.98
N ASP A 803 35.88 27.36 -24.39
CA ASP A 803 36.81 28.49 -24.25
C ASP A 803 36.98 28.78 -22.78
N GLY A 804 36.22 28.07 -21.97
CA GLY A 804 36.41 28.02 -20.53
C GLY A 804 35.99 29.27 -19.78
N GLN A 805 35.18 30.13 -20.41
CA GLN A 805 34.82 31.40 -19.78
C GLN A 805 33.62 32.13 -20.39
N SER A 806 33.23 31.74 -21.59
CA SER A 806 32.07 32.36 -22.24
C SER A 806 30.74 31.94 -21.59
N ILE A 807 29.75 32.82 -21.71
CA ILE A 807 28.40 32.57 -21.21
C ILE A 807 27.68 31.51 -22.05
N ASP A 808 27.08 30.52 -21.38
CA ASP A 808 26.20 29.53 -22.00
C ASP A 808 26.82 28.91 -23.23
N THR A 809 28.08 28.49 -23.11
CA THR A 809 28.79 27.95 -24.24
C THR A 809 28.09 26.72 -24.81
N TYR A 810 27.80 25.77 -23.94
CA TYR A 810 27.07 24.57 -24.33
C TYR A 810 25.73 24.95 -24.95
N GLY A 811 24.96 25.78 -24.24
CA GLY A 811 23.63 26.17 -24.68
C GLY A 811 23.51 26.87 -26.03
N LYS A 812 24.59 27.49 -26.50
CA LYS A 812 24.50 28.17 -27.79
C LYS A 812 25.83 28.30 -28.51
N GLY A 813 26.30 27.19 -29.08
CA GLY A 813 27.36 27.26 -30.07
C GLY A 813 28.65 26.52 -29.81
N LEU A 814 29.60 27.19 -29.17
CA LEU A 814 30.98 26.74 -29.18
C LEU A 814 31.35 25.88 -28.00
N TYR A 815 31.30 24.56 -28.21
CA TYR A 815 31.78 23.59 -27.23
C TYR A 815 32.25 22.34 -27.94
N TYR A 816 32.82 21.41 -27.19
CA TYR A 816 33.29 20.15 -27.73
C TYR A 816 32.93 19.02 -26.79
N LEU A 817 32.27 18.00 -27.32
CA LEU A 817 31.78 16.90 -26.52
C LEU A 817 32.21 15.58 -27.13
N ALA A 818 33.04 14.84 -26.40
CA ALA A 818 33.54 13.57 -26.91
C ALA A 818 33.42 12.45 -25.88
N SER A 819 32.84 11.34 -26.30
CA SER A 819 32.77 10.15 -25.47
C SER A 819 33.84 9.18 -25.93
N PHE A 820 34.44 8.49 -24.98
CA PHE A 820 35.55 7.61 -25.29
C PHE A 820 35.21 6.20 -24.81
N SER A 821 35.71 5.19 -25.51
CA SER A 821 35.36 3.80 -25.19
C SER A 821 36.44 2.82 -25.64
N ALA A 822 36.85 1.94 -24.74
CA ALA A 822 37.84 0.92 -25.06
C ALA A 822 37.26 -0.48 -24.91
N SER A 823 36.99 -1.13 -26.04
CA SER A 823 36.46 -2.49 -26.06
C SER A 823 37.55 -3.53 -25.91
N GLN A 824 38.29 -3.79 -27.00
CA GLN A 824 39.25 -4.88 -26.99
C GLN A 824 40.68 -4.43 -27.28
N ASN A 825 41.45 -4.26 -26.20
CA ASN A 825 42.84 -3.83 -26.28
C ASN A 825 43.02 -2.45 -26.91
N THR A 826 41.92 -1.93 -27.46
CA THR A 826 41.86 -0.70 -28.24
C THR A 826 40.85 0.35 -27.75
N MET A 827 41.29 1.60 -27.69
CA MET A 827 40.42 2.72 -27.34
C MET A 827 39.99 3.47 -28.60
N GLN A 828 38.71 3.82 -28.67
CA GLN A 828 38.15 4.49 -29.84
C GLN A 828 37.46 5.79 -29.44
N SER A 829 37.54 6.81 -30.29
CA SER A 829 37.00 8.12 -29.94
C SER A 829 35.83 8.56 -30.83
N HIS A 830 34.75 8.97 -30.20
CA HIS A 830 33.55 9.39 -30.91
C HIS A 830 33.14 10.82 -30.56
N ILE A 831 33.43 11.78 -31.45
CA ILE A 831 33.05 13.17 -31.24
C ILE A 831 31.56 13.38 -31.44
N ILE A 832 30.83 13.65 -30.36
CA ILE A 832 29.38 13.86 -30.40
C ILE A 832 29.00 15.18 -31.05
N PHE A 833 29.83 16.19 -30.85
CA PHE A 833 29.61 17.53 -31.39
C PHE A 833 30.87 18.35 -31.21
N ASN A 834 31.34 19.00 -32.27
CA ASN A 834 32.56 19.80 -32.19
C ASN A 834 32.38 21.16 -32.84
N ASN A 835 32.88 22.20 -32.17
CA ASN A 835 32.63 23.58 -32.60
C ASN A 835 33.58 24.59 -31.97
N TYR A 836 34.63 24.11 -31.30
CA TYR A 836 35.64 24.98 -30.72
C TYR A 836 37.07 24.46 -30.98
N ILE A 837 37.22 23.16 -31.23
CA ILE A 837 38.52 22.63 -31.63
C ILE A 837 38.54 22.35 -33.13
N THR A 838 38.98 23.35 -33.90
CA THR A 838 39.04 23.23 -35.36
C THR A 838 40.49 23.14 -35.82
N GLY A 839 40.70 22.86 -37.10
CA GLY A 839 42.04 22.78 -37.65
C GLY A 839 42.94 23.86 -37.09
N THR A 840 42.52 25.11 -37.23
CA THR A 840 43.30 26.25 -36.77
C THR A 840 43.43 26.30 -35.25
N ASN A 841 42.33 26.02 -34.56
CA ASN A 841 42.33 25.93 -33.10
C ASN A 841 42.56 24.49 -32.64
N PRO A 842 43.81 24.16 -32.30
CA PRO A 842 44.21 22.78 -32.06
C PRO A 842 44.30 22.47 -30.57
N LEU A 843 44.00 21.24 -30.19
CA LEU A 843 44.19 20.81 -28.81
C LEU A 843 45.30 19.76 -28.75
N LYS A 844 46.46 20.16 -28.25
CA LYS A 844 47.64 19.30 -28.21
C LYS A 844 47.37 18.02 -27.45
N LEU A 845 47.40 16.88 -28.13
CA LEU A 845 47.22 15.58 -27.46
C LEU A 845 48.54 14.88 -27.13
N GLY A 846 49.02 15.11 -25.91
CA GLY A 846 50.30 14.58 -25.47
C GLY A 846 50.42 13.08 -25.32
N TYR A 847 50.13 12.56 -24.13
CA TYR A 847 50.38 11.15 -23.84
C TYR A 847 49.11 10.32 -23.75
N ILE A 848 49.27 9.01 -23.89
CA ILE A 848 48.19 8.06 -23.72
C ILE A 848 48.66 6.90 -22.85
N GLU A 849 48.24 6.89 -21.59
CA GLU A 849 48.55 5.78 -20.69
C GLU A 849 47.41 4.78 -20.68
N ILE A 850 47.73 3.51 -20.49
CA ILE A 850 46.71 2.49 -20.27
C ILE A 850 47.10 1.54 -19.16
N TRP A 851 46.23 1.41 -18.16
CA TRP A 851 46.48 0.54 -17.01
C TRP A 851 45.61 -0.70 -17.11
N GLY A 852 46.11 -1.81 -16.60
CA GLY A 852 45.39 -3.07 -16.67
C GLY A 852 45.16 -3.55 -18.10
N VAL A 853 46.23 -3.95 -18.78
CA VAL A 853 46.11 -4.40 -20.16
C VAL A 853 46.33 -5.90 -20.30
N GLY A 854 47.03 -6.49 -19.33
CA GLY A 854 47.34 -7.90 -19.35
C GLY A 854 48.79 -8.15 -19.03
N SER A 855 49.08 -9.30 -18.44
CA SER A 855 50.45 -9.66 -18.12
C SER A 855 51.20 -10.07 -19.39
N VAL A 856 50.46 -10.40 -20.43
CA VAL A 856 51.05 -10.78 -21.71
C VAL A 856 51.24 -9.58 -22.62
N PRO A 857 52.50 -9.14 -22.79
CA PRO A 857 52.88 -7.90 -23.48
C PRO A 857 52.52 -7.85 -24.97
N VAL A 858 51.77 -8.85 -25.44
CA VAL A 858 51.43 -8.98 -26.86
C VAL A 858 50.23 -8.17 -27.30
N THR A 859 50.46 -7.26 -28.23
CA THR A 859 49.40 -6.48 -28.85
C THR A 859 49.07 -7.11 -30.19
N SER A 860 47.80 -7.00 -30.57
CA SER A 860 47.37 -7.40 -31.90
C SER A 860 47.27 -6.11 -32.73
N VAL A 861 47.36 -4.99 -32.04
CA VAL A 861 47.29 -3.66 -32.65
C VAL A 861 47.91 -2.56 -31.78
N SER A 862 49.07 -2.06 -32.23
CA SER A 862 49.91 -1.13 -31.48
C SER A 862 49.89 0.32 -32.02
N ILE A 863 49.31 0.50 -33.19
CA ILE A 863 49.37 1.78 -33.91
C ILE A 863 48.06 2.58 -33.84
N SER A 864 48.17 3.91 -33.77
CA SER A 864 46.98 4.78 -33.67
C SER A 864 46.57 5.49 -34.97
N VAL A 865 45.26 5.70 -35.13
CA VAL A 865 44.68 6.23 -36.36
C VAL A 865 44.25 7.67 -36.19
N SER A 866 44.47 8.46 -37.23
CA SER A 866 44.03 9.84 -37.25
C SER A 866 43.22 10.07 -38.52
N GLY A 867 43.08 8.98 -39.28
CA GLY A 867 42.75 9.02 -40.69
C GLY A 867 43.92 8.33 -41.36
N MET A 868 45.12 8.80 -41.05
CA MET A 868 46.36 8.07 -41.35
C MET A 868 46.68 7.16 -40.17
N VAL A 869 47.77 6.41 -40.27
CA VAL A 869 48.08 5.41 -39.24
C VAL A 869 49.57 5.36 -38.93
N ILE A 870 49.94 5.71 -37.70
CA ILE A 870 51.34 5.60 -37.28
C ILE A 870 51.53 4.58 -36.16
N THR A 871 52.76 4.07 -36.04
CA THR A 871 53.07 3.03 -35.06
C THR A 871 54.14 3.50 -34.07
N PRO A 872 53.86 4.59 -33.34
CA PRO A 872 54.85 5.27 -32.50
C PRO A 872 55.41 4.37 -31.40
N SER A 873 56.62 4.67 -30.94
CA SER A 873 57.28 3.86 -29.93
C SER A 873 56.56 3.91 -28.57
N PHE A 874 56.57 2.77 -27.86
CA PHE A 874 55.88 2.67 -26.58
C PHE A 874 56.72 2.02 -25.48
N ASN A 875 56.33 2.22 -24.23
CA ASN A 875 56.90 1.50 -23.09
C ASN A 875 55.84 0.59 -22.47
N ASN A 876 56.26 -0.59 -22.00
CA ASN A 876 55.32 -1.54 -21.39
C ASN A 876 56.03 -2.37 -20.32
N ASP A 877 55.43 -2.46 -19.13
CA ASP A 877 55.91 -3.38 -18.11
C ASP A 877 54.91 -4.50 -17.97
N PRO A 878 55.38 -5.76 -17.95
CA PRO A 878 54.47 -6.90 -17.75
C PRO A 878 54.00 -7.00 -16.30
N THR A 879 54.91 -6.75 -15.36
CA THR A 879 54.58 -6.69 -13.94
C THR A 879 53.36 -5.80 -13.72
N THR A 880 53.56 -4.50 -13.91
CA THR A 880 52.49 -3.51 -13.79
C THR A 880 51.87 -3.27 -15.15
N GLN A 881 50.57 -3.56 -15.26
CA GLN A 881 49.85 -3.50 -16.53
C GLN A 881 50.08 -2.24 -17.38
N VAL A 882 50.81 -1.26 -16.87
CA VAL A 882 50.98 0.01 -17.57
C VAL A 882 51.44 -0.13 -19.01
N LEU A 883 50.82 0.66 -19.89
CA LEU A 883 51.27 0.76 -21.28
C LEU A 883 51.31 2.23 -21.69
N SER A 884 52.48 2.85 -21.56
CA SER A 884 52.66 4.26 -21.87
C SER A 884 52.95 4.47 -23.36
N ILE A 885 52.50 5.60 -23.91
CA ILE A 885 52.58 5.85 -25.35
C ILE A 885 52.75 7.34 -25.67
N ASP A 886 53.96 7.87 -25.51
CA ASP A 886 54.21 9.29 -25.77
C ASP A 886 53.89 9.64 -27.22
N VAL A 887 53.44 10.87 -27.47
CA VAL A 887 53.06 11.33 -28.80
C VAL A 887 53.30 12.84 -28.95
N THR A 888 54.19 13.39 -28.13
CA THR A 888 54.50 14.82 -28.18
C THR A 888 55.23 15.23 -29.46
N ASP A 889 55.24 14.33 -30.44
CA ASP A 889 56.04 14.52 -31.64
C ASP A 889 55.18 14.47 -32.91
N ARG A 890 53.87 14.39 -32.75
CA ARG A 890 52.96 14.28 -33.89
C ARG A 890 52.11 15.54 -34.05
N ASN A 891 51.29 15.58 -35.10
CA ASN A 891 50.29 16.64 -35.26
C ASN A 891 48.92 16.06 -34.92
N ILE A 892 48.82 15.54 -33.70
CA ILE A 892 47.62 14.88 -33.17
C ILE A 892 46.81 15.81 -32.27
N SER A 893 45.57 16.11 -32.67
CA SER A 893 44.66 16.89 -31.84
C SER A 893 43.31 16.19 -31.65
N LEU A 894 42.64 16.52 -30.56
CA LEU A 894 41.38 15.89 -30.20
C LEU A 894 40.35 15.91 -31.33
N HIS A 895 40.55 16.77 -32.33
CA HIS A 895 39.57 16.90 -33.39
C HIS A 895 39.85 16.04 -34.61
N ASN A 896 41.08 15.56 -34.76
CA ASN A 896 41.41 14.67 -35.88
C ASN A 896 41.76 13.22 -35.48
N PHE A 897 41.81 12.99 -34.17
CA PHE A 897 42.20 11.70 -33.58
C PHE A 897 41.09 10.61 -33.63
N THR A 898 41.49 9.33 -33.68
CA THR A 898 40.55 8.21 -33.68
C THR A 898 41.14 6.84 -33.20
N ASP B 9 8.30 -18.80 14.08
CA ASP B 9 7.64 -20.12 14.22
C ASP B 9 6.44 -20.30 13.29
N GLU B 10 5.61 -19.26 13.24
CA GLU B 10 4.66 -19.07 12.14
C GLU B 10 5.51 -18.82 10.92
N GLU B 11 4.91 -18.35 9.83
CA GLU B 11 5.70 -18.03 8.66
C GLU B 11 6.39 -19.26 8.10
N LYS B 12 6.52 -20.28 8.95
CA LYS B 12 6.92 -21.60 8.51
C LYS B 12 5.80 -22.14 7.65
N ILE B 13 6.11 -22.39 6.39
CA ILE B 13 5.12 -22.88 5.44
C ILE B 13 5.40 -24.35 5.15
N ASP B 14 4.62 -25.22 5.76
CA ASP B 14 4.80 -26.67 5.68
C ASP B 14 5.25 -27.15 4.31
N CYS B 15 6.44 -27.73 4.26
CA CYS B 15 7.02 -28.24 3.03
C CYS B 15 6.58 -29.68 2.71
N TYR B 16 6.27 -30.45 3.75
CA TYR B 16 5.83 -31.82 3.57
C TYR B 16 4.44 -32.07 4.16
N PRO B 17 3.41 -31.70 3.40
CA PRO B 17 2.04 -32.06 3.79
C PRO B 17 1.67 -33.37 3.14
N ASP B 18 2.63 -33.97 2.43
CA ASP B 18 2.40 -35.22 1.74
C ASP B 18 1.86 -36.31 2.69
N GLU B 19 1.16 -37.29 2.13
CA GLU B 19 0.58 -38.35 2.93
C GLU B 19 1.68 -39.22 3.49
N ASN B 20 2.68 -39.49 2.66
CA ASN B 20 3.82 -40.32 3.04
C ASN B 20 5.15 -39.71 2.61
N GLY B 21 6.18 -39.92 3.42
CA GLY B 21 7.54 -39.64 3.00
C GLY B 21 8.16 -38.43 3.65
N ALA B 22 7.44 -37.80 4.55
CA ALA B 22 8.03 -36.71 5.29
C ALA B 22 9.14 -37.30 6.14
N SER B 23 10.34 -36.76 5.99
CA SER B 23 11.52 -37.24 6.68
C SER B 23 12.63 -36.21 6.48
N ALA B 24 13.54 -36.14 7.44
CA ALA B 24 14.61 -35.15 7.35
C ALA B 24 15.29 -35.18 5.98
N GLU B 25 15.71 -36.35 5.51
CA GLU B 25 16.44 -36.43 4.24
C GLU B 25 15.57 -36.16 3.01
N ASN B 26 14.38 -36.76 2.99
CA ASN B 26 13.41 -36.50 1.93
C ASN B 26 13.06 -35.00 1.92
N CYS B 27 13.03 -34.35 3.08
CA CYS B 27 12.75 -32.92 3.17
C CYS B 27 13.84 -32.07 2.55
N THR B 28 15.09 -32.41 2.84
CA THR B 28 16.22 -31.72 2.30
C THR B 28 16.21 -31.78 0.78
N ALA B 29 15.73 -32.90 0.24
CA ALA B 29 15.76 -33.07 -1.22
C ALA B 29 14.87 -32.07 -1.99
N ARG B 30 13.96 -31.40 -1.28
CA ARG B 30 13.36 -30.17 -1.80
C ARG B 30 14.13 -29.00 -1.17
N GLY B 31 13.87 -27.78 -1.62
CA GLY B 31 14.61 -26.64 -1.11
C GLY B 31 14.23 -26.28 0.31
N CYS B 32 14.24 -27.28 1.19
CA CYS B 32 13.57 -27.17 2.48
C CYS B 32 14.37 -27.61 3.70
N ILE B 33 13.97 -27.10 4.86
CA ILE B 33 14.69 -27.29 6.11
C ILE B 33 13.91 -28.09 7.16
N TRP B 34 14.56 -29.09 7.75
CA TRP B 34 13.92 -29.99 8.69
C TRP B 34 14.35 -29.67 10.12
N GLU B 35 13.38 -29.48 11.00
CA GLU B 35 13.65 -29.07 12.37
C GLU B 35 12.44 -29.41 13.23
N ALA B 36 12.55 -30.45 14.04
CA ALA B 36 11.45 -30.87 14.93
C ALA B 36 10.97 -29.76 15.84
N SER B 37 9.77 -29.92 16.41
CA SER B 37 9.24 -28.98 17.40
C SER B 37 8.38 -29.64 18.48
N ASN B 38 8.31 -29.00 19.64
CA ASN B 38 7.47 -29.49 20.73
C ASN B 38 6.15 -28.73 20.76
N SER B 39 5.95 -27.85 19.78
CA SER B 39 4.71 -27.07 19.71
C SER B 39 3.76 -27.71 18.70
N SER B 40 2.56 -28.06 19.15
CA SER B 40 1.58 -28.65 18.25
C SER B 40 1.38 -27.76 17.02
N GLY B 41 1.33 -28.39 15.85
CA GLY B 41 0.99 -27.69 14.63
C GLY B 41 2.13 -27.38 13.69
N VAL B 42 3.25 -26.89 14.22
CA VAL B 42 4.38 -26.47 13.39
C VAL B 42 4.94 -27.60 12.55
N PRO B 43 5.27 -27.28 11.29
CA PRO B 43 5.76 -28.24 10.29
C PRO B 43 7.22 -28.60 10.46
N PHE B 44 7.50 -29.87 10.68
CA PHE B 44 8.88 -30.30 10.76
C PHE B 44 9.63 -29.84 9.52
N CYS B 45 9.03 -29.98 8.36
CA CYS B 45 9.63 -29.48 7.12
C CYS B 45 9.07 -28.11 6.77
N TYR B 46 9.92 -27.15 6.42
CA TYR B 46 9.42 -25.83 5.98
C TYR B 46 10.26 -25.18 4.89
N PHE B 47 9.72 -24.10 4.34
CA PHE B 47 10.36 -23.41 3.23
C PHE B 47 11.37 -22.40 3.72
N VAL B 48 12.53 -22.39 3.07
CA VAL B 48 13.52 -21.36 3.39
C VAL B 48 13.72 -20.44 2.21
N ASN B 49 13.40 -20.91 1.01
CA ASN B 49 13.41 -20.04 -0.17
C ASN B 49 12.52 -20.53 -1.31
N ASP B 50 12.13 -19.61 -2.17
CA ASP B 50 11.14 -19.85 -3.22
C ASP B 50 11.72 -20.60 -4.42
N LEU B 51 10.86 -20.90 -5.40
CA LEU B 51 11.29 -21.62 -6.59
C LEU B 51 10.74 -21.03 -7.91
N TYR B 52 9.89 -20.03 -7.79
CA TYR B 52 9.47 -19.28 -8.97
C TYR B 52 9.91 -17.83 -8.87
N SER B 53 10.13 -17.20 -10.02
CA SER B 53 10.54 -15.80 -10.02
C SER B 53 9.68 -15.01 -10.96
N VAL B 54 9.01 -14.00 -10.42
CA VAL B 54 8.24 -13.08 -11.25
C VAL B 54 9.17 -12.21 -12.08
N SER B 55 8.74 -11.82 -13.27
CA SER B 55 9.66 -11.16 -14.18
C SER B 55 9.12 -9.86 -14.77
N ASP B 56 8.24 -9.95 -15.76
CA ASP B 56 7.90 -8.79 -16.56
C ASP B 56 6.60 -8.11 -16.08
N VAL B 57 6.64 -7.60 -14.86
CA VAL B 57 5.48 -6.94 -14.27
C VAL B 57 5.08 -5.73 -15.10
N GLN B 58 3.76 -5.55 -15.26
CA GLN B 58 3.20 -4.46 -16.07
C GLN B 58 1.86 -4.03 -15.51
N TYR B 59 1.62 -2.73 -15.46
CA TYR B 59 0.35 -2.23 -14.96
C TYR B 59 -0.36 -1.49 -16.07
N ASN B 60 -1.68 -1.38 -15.93
CA ASN B 60 -2.45 -0.50 -16.80
C ASN B 60 -3.75 -0.01 -16.16
N SER B 61 -4.52 0.74 -16.94
CA SER B 61 -5.70 1.42 -16.45
C SER B 61 -6.71 0.42 -15.89
N HIS B 62 -6.64 -0.81 -16.39
CA HIS B 62 -7.71 -1.78 -16.14
C HIS B 62 -7.24 -3.10 -15.53
N GLY B 63 -5.95 -3.24 -15.31
CA GLY B 63 -5.44 -4.48 -14.75
C GLY B 63 -3.96 -4.51 -14.43
N ALA B 64 -3.33 -5.63 -14.78
CA ALA B 64 -1.95 -5.90 -14.44
C ALA B 64 -1.58 -7.31 -14.86
N THR B 65 -0.31 -7.50 -15.19
CA THR B 65 0.15 -8.81 -15.65
C THR B 65 1.67 -8.92 -15.48
N ALA B 66 2.09 -10.04 -14.91
CA ALA B 66 3.51 -10.34 -14.78
C ALA B 66 3.76 -11.71 -15.39
N ASP B 67 4.99 -12.20 -15.29
CA ASP B 67 5.32 -13.55 -15.75
C ASP B 67 6.05 -14.30 -14.66
N ILE B 68 5.79 -15.59 -14.54
CA ILE B 68 6.41 -16.38 -13.49
C ILE B 68 7.24 -17.50 -14.09
N SER B 69 8.46 -17.69 -13.60
CA SER B 69 9.37 -18.70 -14.15
C SER B 69 10.14 -19.42 -13.06
N LEU B 70 10.51 -20.67 -13.33
CA LEU B 70 11.24 -21.47 -12.36
C LEU B 70 12.68 -20.98 -12.12
N LYS B 71 13.24 -21.34 -10.98
CA LYS B 71 14.62 -21.01 -10.65
C LYS B 71 15.10 -21.76 -9.39
N SER B 72 15.67 -22.95 -9.58
CA SER B 72 15.62 -23.66 -10.83
C SER B 72 14.98 -25.02 -10.61
N SER B 73 14.81 -25.78 -11.68
CA SER B 73 14.05 -27.02 -11.61
C SER B 73 14.64 -28.04 -10.63
N VAL B 74 15.83 -27.74 -10.11
CA VAL B 74 16.51 -28.65 -9.18
C VAL B 74 15.57 -29.14 -8.09
N TYR B 75 14.69 -28.24 -7.64
CA TYR B 75 13.83 -28.53 -6.50
C TYR B 75 12.37 -28.62 -6.88
N ALA B 76 11.95 -27.82 -7.86
CA ALA B 76 10.60 -27.91 -8.34
C ALA B 76 10.30 -29.34 -8.82
N ASN B 77 11.28 -29.97 -9.44
CA ASN B 77 11.15 -31.33 -9.93
C ASN B 77 11.05 -32.33 -8.78
N ALA B 78 11.31 -31.84 -7.57
CA ALA B 78 11.46 -32.70 -6.40
C ALA B 78 10.14 -33.00 -5.72
N PHE B 79 9.08 -32.28 -6.10
CA PHE B 79 7.82 -32.53 -5.45
C PHE B 79 6.57 -32.75 -6.35
N PRO B 80 5.56 -33.44 -5.79
CA PRO B 80 4.38 -33.91 -6.51
C PRO B 80 4.46 -34.03 -8.02
N SER B 81 3.86 -33.10 -8.75
CA SER B 81 3.72 -33.34 -10.18
C SER B 81 4.88 -32.69 -10.93
N THR B 82 4.92 -32.88 -12.24
CA THR B 82 5.88 -32.16 -13.06
C THR B 82 5.45 -30.69 -13.16
N PRO B 83 6.27 -29.80 -12.59
CA PRO B 83 5.96 -28.37 -12.50
C PRO B 83 5.66 -27.82 -13.87
N VAL B 84 4.91 -26.73 -13.95
CA VAL B 84 4.61 -26.10 -15.24
C VAL B 84 5.43 -24.84 -15.40
N ASN B 85 5.91 -24.65 -16.63
CA ASN B 85 6.86 -23.59 -16.93
C ASN B 85 6.74 -23.12 -18.37
N PRO B 86 6.68 -21.81 -18.55
CA PRO B 86 6.53 -20.94 -17.39
C PRO B 86 5.06 -20.68 -17.15
N LEU B 87 4.76 -19.89 -16.12
CA LEU B 87 3.40 -19.52 -15.80
C LEU B 87 3.09 -18.09 -16.26
N ARG B 88 1.89 -17.62 -15.95
CA ARG B 88 1.52 -16.25 -16.29
C ARG B 88 0.36 -15.74 -15.42
N LEU B 89 0.47 -14.49 -14.96
CA LEU B 89 -0.50 -13.89 -14.04
C LEU B 89 -1.27 -12.74 -14.69
N ASP B 90 -2.60 -12.79 -14.63
CA ASP B 90 -3.45 -11.72 -15.15
C ASP B 90 -4.41 -11.23 -14.08
N VAL B 91 -4.20 -10.01 -13.61
CA VAL B 91 -5.11 -9.38 -12.67
C VAL B 91 -6.04 -8.49 -13.47
N THR B 92 -7.30 -8.41 -13.07
CA THR B 92 -8.29 -7.64 -13.82
C THR B 92 -9.19 -6.85 -12.91
N TYR B 93 -9.21 -5.55 -13.10
CA TYR B 93 -10.10 -4.69 -12.34
C TYR B 93 -11.49 -4.69 -12.98
N HIS B 94 -12.34 -5.62 -12.60
CA HIS B 94 -13.67 -5.72 -13.19
C HIS B 94 -14.53 -4.54 -12.79
N LYS B 95 -14.88 -4.47 -11.52
CA LYS B 95 -15.61 -3.31 -11.02
C LYS B 95 -14.75 -2.62 -9.99
N ASN B 96 -15.28 -1.58 -9.36
CA ASN B 96 -14.55 -0.95 -8.28
C ASN B 96 -14.54 -1.80 -7.01
N GLU B 97 -15.48 -2.73 -6.91
CA GLU B 97 -15.64 -3.50 -5.68
C GLU B 97 -15.21 -4.94 -5.88
N MET B 98 -14.81 -5.26 -7.10
CA MET B 98 -14.44 -6.64 -7.41
C MET B 98 -13.24 -6.84 -8.35
N LEU B 99 -12.48 -7.89 -8.06
CA LEU B 99 -11.23 -8.19 -8.69
C LEU B 99 -11.25 -9.62 -9.16
N GLN B 100 -10.37 -9.92 -10.10
CA GLN B 100 -9.99 -11.31 -10.31
C GLN B 100 -8.53 -11.35 -10.71
N PHE B 101 -7.79 -12.30 -10.15
CA PHE B 101 -6.45 -12.55 -10.64
C PHE B 101 -6.32 -14.03 -10.87
N LYS B 102 -5.73 -14.41 -12.00
CA LYS B 102 -5.58 -15.81 -12.34
C LYS B 102 -4.15 -16.12 -12.72
N ILE B 103 -3.65 -17.24 -12.23
CA ILE B 103 -2.36 -17.74 -12.64
C ILE B 103 -2.60 -19.00 -13.44
N TYR B 104 -2.09 -19.03 -14.66
CA TYR B 104 -2.29 -20.16 -15.53
C TYR B 104 -1.09 -20.48 -16.37
N ASP B 105 -1.28 -21.45 -17.26
CA ASP B 105 -0.25 -21.86 -18.20
C ASP B 105 -0.70 -21.32 -19.53
N PRO B 106 0.12 -20.45 -20.12
CA PRO B 106 -0.25 -19.78 -21.37
C PRO B 106 -0.01 -20.68 -22.56
N ASN B 107 0.81 -21.71 -22.36
CA ASN B 107 1.15 -22.64 -23.43
C ASN B 107 0.09 -23.72 -23.60
N LYS B 108 0.15 -24.72 -22.75
CA LYS B 108 -0.89 -25.75 -22.70
C LYS B 108 -2.16 -25.13 -22.09
N ASN B 109 -3.33 -25.64 -22.48
CA ASN B 109 -4.60 -25.11 -21.99
C ASN B 109 -5.19 -25.95 -20.84
N ARG B 110 -4.98 -25.48 -19.62
CA ARG B 110 -5.31 -26.27 -18.45
C ARG B 110 -6.82 -26.36 -18.20
N TYR B 111 -7.24 -27.35 -17.40
CA TYR B 111 -8.64 -27.46 -17.01
C TYR B 111 -9.13 -26.26 -16.22
N GLU B 112 -10.15 -25.59 -16.74
CA GLU B 112 -10.77 -24.49 -16.02
C GLU B 112 -12.27 -24.73 -15.75
N VAL B 113 -12.70 -24.35 -14.56
CA VAL B 113 -14.03 -24.65 -14.06
C VAL B 113 -15.13 -24.09 -14.97
N PRO B 114 -15.99 -24.96 -15.49
CA PRO B 114 -17.06 -24.59 -16.43
C PRO B 114 -18.36 -24.17 -15.76
N VAL B 115 -18.31 -23.26 -14.79
CA VAL B 115 -19.56 -22.72 -14.23
C VAL B 115 -19.69 -21.23 -14.47
N PRO B 116 -20.69 -20.85 -15.27
CA PRO B 116 -20.86 -19.47 -15.75
C PRO B 116 -20.91 -18.47 -14.62
N LEU B 117 -20.23 -17.35 -14.80
CA LEU B 117 -20.34 -16.22 -13.88
C LEU B 117 -20.62 -15.00 -14.73
N ASN B 118 -21.23 -13.98 -14.14
CA ASN B 118 -21.37 -12.74 -14.91
C ASN B 118 -20.33 -11.69 -14.57
N ILE B 119 -19.79 -11.11 -15.62
CA ILE B 119 -18.72 -10.18 -15.50
C ILE B 119 -19.08 -9.01 -16.39
N PRO B 120 -18.74 -7.78 -15.96
CA PRO B 120 -18.94 -6.63 -16.85
C PRO B 120 -18.33 -6.93 -18.21
N SER B 121 -19.07 -6.60 -19.27
CA SER B 121 -18.65 -6.88 -20.64
C SER B 121 -17.16 -6.57 -20.83
N MET B 122 -16.77 -5.33 -20.51
CA MET B 122 -15.35 -4.99 -20.28
C MET B 122 -15.17 -4.29 -18.91
N PRO B 123 -13.94 -4.35 -18.38
CA PRO B 123 -13.52 -3.75 -17.11
C PRO B 123 -14.06 -2.34 -16.92
N SER B 124 -14.94 -2.17 -15.93
CA SER B 124 -15.56 -0.86 -15.68
C SER B 124 -15.11 -0.14 -14.38
N SER B 125 -13.84 -0.33 -13.99
CA SER B 125 -13.30 0.30 -12.80
C SER B 125 -12.89 1.73 -13.07
N THR B 126 -13.09 2.62 -12.10
CA THR B 126 -12.75 4.02 -12.26
C THR B 126 -11.81 4.54 -11.16
N PRO B 127 -10.66 5.11 -11.57
CA PRO B 127 -9.59 5.59 -10.68
C PRO B 127 -10.10 6.25 -9.41
N GLU B 128 -11.27 6.90 -9.50
CA GLU B 128 -11.85 7.63 -8.36
C GLU B 128 -12.70 6.75 -7.45
N GLY B 129 -13.40 5.78 -8.03
CA GLY B 129 -14.26 4.87 -7.29
C GLY B 129 -13.63 3.56 -6.84
N GLN B 130 -12.69 3.04 -7.64
CA GLN B 130 -11.93 1.83 -7.32
C GLN B 130 -11.50 1.80 -5.85
N LEU B 131 -11.96 0.81 -5.09
CA LEU B 131 -11.75 0.85 -3.64
C LEU B 131 -10.54 0.09 -3.15
N TYR B 132 -9.81 -0.50 -4.08
CA TYR B 132 -8.70 -1.38 -3.75
C TYR B 132 -7.61 -1.07 -4.76
N ASP B 133 -6.39 -1.49 -4.47
CA ASP B 133 -5.31 -1.47 -5.46
C ASP B 133 -4.37 -2.67 -5.27
N VAL B 134 -3.72 -3.09 -6.36
CA VAL B 134 -2.94 -4.31 -6.30
C VAL B 134 -1.49 -4.05 -6.70
N LEU B 135 -0.59 -4.85 -6.14
CA LEU B 135 0.84 -4.75 -6.46
C LEU B 135 1.39 -6.16 -6.65
N ILE B 136 1.99 -6.42 -7.80
CA ILE B 136 2.72 -7.67 -7.99
C ILE B 136 4.14 -7.49 -7.50
N LYS B 137 4.40 -7.93 -6.28
CA LYS B 137 5.70 -7.78 -5.62
C LYS B 137 6.69 -8.83 -6.10
N LYS B 138 7.99 -8.56 -5.95
CA LYS B 138 8.98 -9.26 -6.76
C LYS B 138 9.88 -10.26 -6.05
N ASN B 139 10.15 -10.07 -4.76
CA ASN B 139 11.08 -11.01 -4.12
C ASN B 139 10.82 -11.30 -2.64
N PRO B 140 10.24 -12.49 -2.34
CA PRO B 140 9.89 -13.53 -3.32
C PRO B 140 8.58 -13.17 -3.99
N PHE B 141 8.21 -13.87 -5.06
CA PHE B 141 7.00 -13.52 -5.82
C PHE B 141 5.81 -13.41 -4.89
N GLY B 142 5.04 -12.33 -5.05
CA GLY B 142 3.91 -12.06 -4.18
C GLY B 142 2.87 -11.21 -4.87
N ILE B 143 1.69 -11.14 -4.26
CA ILE B 143 0.56 -10.37 -4.78
C ILE B 143 -0.11 -9.68 -3.62
N GLU B 144 -0.21 -8.36 -3.69
CA GLU B 144 -0.67 -7.59 -2.53
C GLU B 144 -1.88 -6.72 -2.86
N ILE B 145 -3.04 -7.12 -2.36
CA ILE B 145 -4.27 -6.37 -2.56
C ILE B 145 -4.55 -5.53 -1.33
N ARG B 146 -4.97 -4.29 -1.56
CA ARG B 146 -5.07 -3.34 -0.46
C ARG B 146 -6.36 -2.55 -0.56
N ARG B 147 -6.95 -2.26 0.59
CA ARG B 147 -8.11 -1.38 0.57
C ARG B 147 -7.63 0.07 0.48
N LYS B 148 -7.81 0.70 -0.68
CA LYS B 148 -7.40 2.09 -0.87
C LYS B 148 -7.96 2.91 0.29
N SER B 149 -9.16 2.55 0.74
CA SER B 149 -9.85 3.29 1.80
C SER B 149 -8.97 3.62 3.00
N THR B 150 -8.35 2.58 3.56
CA THR B 150 -7.48 2.65 4.73
C THR B 150 -6.58 1.46 4.54
N GLY B 151 -5.29 1.70 4.58
CA GLY B 151 -4.32 0.80 3.98
C GLY B 151 -4.43 -0.70 4.18
N THR B 152 -5.35 -1.17 5.01
CA THR B 152 -5.42 -2.61 5.33
C THR B 152 -5.16 -3.44 4.08
N ILE B 153 -4.28 -4.44 4.21
CA ILE B 153 -4.00 -5.37 3.11
C ILE B 153 -4.95 -6.57 3.18
N ILE B 154 -5.70 -6.79 2.11
CA ILE B 154 -6.66 -7.88 2.02
C ILE B 154 -5.96 -9.20 1.71
N TRP B 155 -5.20 -9.26 0.61
CA TRP B 155 -4.44 -10.45 0.22
C TRP B 155 -2.96 -10.13 0.18
N ASP B 156 -2.14 -11.11 0.52
CA ASP B 156 -0.70 -10.94 0.52
C ASP B 156 -0.03 -12.30 0.35
N SER B 157 0.26 -12.66 -0.90
CA SER B 157 0.84 -13.97 -1.19
C SER B 157 2.35 -13.90 -1.28
N GLN B 158 2.93 -12.85 -0.70
CA GLN B 158 4.37 -12.74 -0.62
C GLN B 158 4.88 -13.60 0.53
N LEU B 159 4.35 -14.81 0.63
CA LEU B 159 4.91 -15.85 1.48
C LEU B 159 5.52 -16.93 0.59
N LEU B 160 6.33 -17.81 1.17
CA LEU B 160 6.92 -18.90 0.41
C LEU B 160 5.97 -20.08 0.22
N GLY B 161 6.43 -21.09 -0.52
CA GLY B 161 5.63 -22.28 -0.72
C GLY B 161 4.98 -22.40 -2.08
N PHE B 162 4.72 -21.26 -2.72
CA PHE B 162 4.07 -21.25 -4.04
C PHE B 162 4.63 -22.34 -4.92
N THR B 163 3.78 -23.29 -5.28
CA THR B 163 4.16 -24.36 -6.19
C THR B 163 3.16 -24.34 -7.34
N PHE B 164 3.49 -24.95 -8.45
CA PHE B 164 2.53 -25.07 -9.54
C PHE B 164 3.01 -26.21 -10.42
N SER B 165 2.34 -27.34 -10.29
CA SER B 165 2.65 -28.55 -11.03
C SER B 165 1.33 -29.10 -11.51
N ASP B 166 1.36 -29.94 -12.53
CA ASP B 166 0.13 -30.36 -13.18
C ASP B 166 -0.95 -30.78 -12.20
N MET B 167 -0.58 -31.54 -11.18
CA MET B 167 -1.56 -32.05 -10.23
C MET B 167 -1.23 -31.67 -8.79
N PHE B 168 -0.62 -30.49 -8.64
CA PHE B 168 -0.35 -29.93 -7.32
C PHE B 168 -0.04 -28.43 -7.36
N ILE B 169 -0.90 -27.62 -6.76
CA ILE B 169 -0.76 -26.17 -6.80
C ILE B 169 -0.90 -25.66 -5.37
N ARG B 170 0.04 -24.79 -4.97
CA ARG B 170 0.00 -24.18 -3.65
C ARG B 170 0.13 -22.68 -3.74
N ILE B 171 -0.71 -21.98 -3.00
CA ILE B 171 -0.53 -20.56 -2.83
C ILE B 171 -0.94 -20.21 -1.42
N SER B 172 -0.38 -19.14 -0.88
CA SER B 172 -0.68 -18.78 0.49
C SER B 172 -1.02 -17.33 0.57
N THR B 173 -1.51 -16.90 1.72
CA THR B 173 -1.75 -15.49 1.93
C THR B 173 -1.74 -15.16 3.40
N ARG B 174 -1.23 -13.99 3.75
CA ARG B 174 -1.41 -13.49 5.09
C ARG B 174 -2.86 -13.02 5.21
N LEU B 175 -3.49 -13.28 6.35
CA LEU B 175 -4.82 -12.75 6.58
C LEU B 175 -4.65 -11.42 7.27
N PRO B 176 -5.49 -10.45 6.92
CA PRO B 176 -5.40 -9.13 7.53
C PRO B 176 -5.91 -9.17 8.97
N SER B 177 -6.38 -10.31 9.45
CA SER B 177 -6.85 -10.39 10.83
C SER B 177 -6.98 -11.81 11.38
N LYS B 178 -7.52 -11.90 12.59
CA LYS B 178 -7.67 -13.20 13.23
C LYS B 178 -9.12 -13.69 13.09
N TYR B 179 -9.86 -13.10 12.17
CA TYR B 179 -11.28 -13.44 11.98
C TYR B 179 -11.61 -13.82 10.55
N LEU B 180 -11.88 -15.10 10.33
CA LEU B 180 -12.17 -15.62 8.99
C LEU B 180 -13.42 -16.49 9.09
N TYR B 181 -14.32 -16.36 8.12
CA TYR B 181 -15.53 -17.18 8.17
C TYR B 181 -15.77 -18.04 6.93
N GLY B 182 -16.16 -19.30 7.18
CA GLY B 182 -16.67 -20.23 6.18
C GLY B 182 -15.78 -20.88 5.13
N PHE B 183 -15.80 -22.21 5.04
CA PHE B 183 -15.20 -22.87 3.90
C PHE B 183 -16.03 -24.09 3.44
N GLY B 184 -15.58 -24.70 2.34
CA GLY B 184 -16.36 -25.69 1.59
C GLY B 184 -16.92 -26.87 2.32
N GLU B 185 -18.24 -26.86 2.47
CA GLU B 185 -19.02 -27.82 3.28
C GLU B 185 -18.27 -28.82 4.15
N THR B 186 -18.23 -28.52 5.45
CA THR B 186 -17.91 -29.50 6.50
C THR B 186 -18.36 -28.95 7.85
N GLU B 187 -18.19 -29.74 8.90
CA GLU B 187 -18.73 -29.40 10.23
C GLU B 187 -17.73 -28.67 11.10
N HIS B 188 -17.75 -27.34 11.00
CA HIS B 188 -16.83 -26.53 11.81
C HIS B 188 -17.40 -26.49 13.22
N ARG B 189 -16.55 -26.18 14.19
CA ARG B 189 -16.97 -26.22 15.59
C ARG B 189 -17.49 -24.85 16.04
N SER B 190 -17.05 -23.80 15.35
CA SER B 190 -17.56 -22.45 15.57
C SER B 190 -17.62 -21.70 14.25
N TYR B 191 -18.43 -20.64 14.20
CA TYR B 191 -18.59 -19.85 12.96
C TYR B 191 -17.25 -19.29 12.43
N ARG B 192 -16.52 -18.60 13.30
CA ARG B 192 -15.20 -18.04 13.01
C ARG B 192 -14.06 -19.06 13.15
N ARG B 193 -13.30 -19.29 12.07
CA ARG B 193 -12.39 -20.46 12.03
C ARG B 193 -11.04 -20.23 12.74
N ASP B 194 -10.42 -21.32 13.18
CA ASP B 194 -9.41 -21.31 14.25
C ASP B 194 -8.07 -20.64 13.95
N LEU B 195 -7.43 -21.04 12.86
CA LEU B 195 -6.15 -20.46 12.48
C LEU B 195 -4.96 -21.09 13.21
N GLU B 196 -5.22 -21.81 14.30
CA GLU B 196 -4.14 -22.42 15.06
C GLU B 196 -3.69 -23.78 14.50
N TRP B 197 -3.25 -23.78 13.24
CA TRP B 197 -2.67 -24.98 12.63
C TRP B 197 -3.69 -26.06 12.34
N HIS B 198 -4.62 -25.77 11.42
CA HIS B 198 -5.66 -26.72 11.05
C HIS B 198 -5.78 -26.82 9.53
N THR B 199 -5.77 -28.06 9.05
CA THR B 199 -6.00 -28.37 7.64
C THR B 199 -7.41 -28.96 7.43
N TRP B 200 -8.04 -28.64 6.30
CA TRP B 200 -9.41 -29.07 6.01
C TRP B 200 -9.56 -29.60 4.59
N GLY B 201 -10.10 -30.82 4.46
CA GLY B 201 -10.34 -31.42 3.15
C GLY B 201 -11.54 -30.81 2.46
N MET B 202 -11.44 -30.68 1.14
CA MET B 202 -12.59 -30.24 0.34
C MET B 202 -12.81 -31.06 -0.93
N PHE B 203 -13.82 -31.92 -0.89
CA PHE B 203 -14.07 -32.84 -1.99
C PHE B 203 -15.41 -33.54 -1.75
N SER B 204 -16.35 -33.35 -2.68
CA SER B 204 -17.68 -33.96 -2.57
C SER B 204 -17.60 -35.42 -2.17
N ARG B 205 -18.10 -35.73 -0.98
CA ARG B 205 -18.12 -37.12 -0.53
C ARG B 205 -19.36 -37.31 0.33
N ASP B 206 -19.88 -38.53 0.32
CA ASP B 206 -21.01 -38.90 1.17
C ASP B 206 -20.52 -39.16 2.60
N GLN B 207 -20.34 -38.08 3.36
CA GLN B 207 -19.83 -38.13 4.72
C GLN B 207 -20.79 -37.41 5.66
N PRO B 208 -21.35 -38.13 6.62
CA PRO B 208 -22.09 -37.36 7.62
C PRO B 208 -21.18 -36.32 8.27
N PRO B 209 -21.68 -35.08 8.43
CA PRO B 209 -21.00 -33.97 9.09
C PRO B 209 -20.04 -34.45 10.17
N GLY B 210 -18.81 -33.96 10.16
CA GLY B 210 -17.84 -34.33 11.17
C GLY B 210 -16.64 -33.40 11.11
N TYR B 211 -15.96 -33.26 12.24
CA TYR B 211 -14.80 -32.39 12.37
C TYR B 211 -13.69 -32.80 11.41
N LYS B 212 -13.24 -31.81 10.65
CA LYS B 212 -12.19 -31.98 9.65
C LYS B 212 -12.48 -33.08 8.63
N LYS B 213 -13.76 -33.45 8.51
CA LYS B 213 -14.20 -34.42 7.50
C LYS B 213 -14.85 -33.74 6.30
N ASN B 214 -14.36 -34.05 5.09
CA ASN B 214 -14.94 -33.45 3.88
C ASN B 214 -16.33 -33.98 3.58
N SER B 215 -17.28 -33.08 3.37
CA SER B 215 -18.66 -33.52 3.27
C SER B 215 -19.30 -33.37 1.89
N TYR B 216 -20.59 -33.08 1.87
CA TYR B 216 -21.35 -33.19 0.64
C TYR B 216 -20.92 -32.20 -0.47
N GLY B 217 -20.82 -30.92 -0.14
CA GLY B 217 -20.39 -29.92 -1.12
C GLY B 217 -19.00 -29.32 -0.96
N VAL B 218 -18.59 -28.55 -1.96
CA VAL B 218 -17.31 -27.83 -1.92
C VAL B 218 -17.52 -26.33 -2.15
N HIS B 219 -16.99 -25.52 -1.25
CA HIS B 219 -17.13 -24.06 -1.38
C HIS B 219 -15.87 -23.26 -1.03
N PRO B 220 -14.92 -23.19 -1.97
CA PRO B 220 -13.66 -22.47 -1.71
C PRO B 220 -13.85 -20.95 -1.64
N TYR B 221 -14.58 -20.50 -0.62
CA TYR B 221 -14.92 -19.09 -0.44
C TYR B 221 -14.96 -18.74 1.03
N TYR B 222 -14.37 -17.60 1.40
CA TYR B 222 -14.35 -17.16 2.79
C TYR B 222 -14.63 -15.69 2.87
N MET B 223 -15.04 -15.23 4.04
CA MET B 223 -15.14 -13.81 4.31
C MET B 223 -14.20 -13.47 5.44
N GLY B 224 -13.41 -12.42 5.27
CA GLY B 224 -12.52 -11.97 6.32
C GLY B 224 -12.98 -10.66 6.91
N LEU B 225 -12.94 -10.54 8.24
CA LEU B 225 -13.12 -9.24 8.88
C LEU B 225 -11.77 -8.54 9.05
N GLU B 226 -11.78 -7.21 9.03
CA GLU B 226 -10.53 -6.45 9.10
C GLU B 226 -10.33 -5.74 10.43
N GLU B 227 -9.12 -5.24 10.65
CA GLU B 227 -8.80 -4.41 11.81
C GLU B 227 -10.02 -3.58 12.26
N ASP B 228 -10.48 -2.71 11.38
CA ASP B 228 -11.74 -1.98 11.60
C ASP B 228 -12.90 -2.87 11.20
N GLY B 229 -14.12 -2.37 11.28
CA GLY B 229 -15.27 -3.21 10.97
C GLY B 229 -15.42 -3.64 9.51
N SER B 230 -14.41 -3.37 8.70
CA SER B 230 -14.50 -3.62 7.26
C SER B 230 -14.43 -5.11 6.93
N ALA B 231 -15.01 -5.49 5.78
CA ALA B 231 -15.07 -6.90 5.41
C ALA B 231 -14.81 -7.12 3.93
N HIS B 232 -14.32 -8.31 3.61
CA HIS B 232 -13.98 -8.65 2.24
C HIS B 232 -14.26 -10.13 2.00
N GLY B 233 -14.13 -10.57 0.75
CA GLY B 233 -14.43 -11.95 0.41
C GLY B 233 -13.51 -12.47 -0.69
N VAL B 234 -13.26 -13.77 -0.68
CA VAL B 234 -12.33 -14.38 -1.63
C VAL B 234 -12.82 -15.76 -2.11
N LEU B 235 -12.95 -15.90 -3.43
CA LEU B 235 -13.38 -17.16 -4.04
C LEU B 235 -12.29 -17.72 -4.92
N LEU B 236 -12.04 -19.02 -4.79
CA LEU B 236 -11.09 -19.72 -5.65
C LEU B 236 -11.86 -20.64 -6.58
N LEU B 237 -12.22 -20.13 -7.75
CA LEU B 237 -12.95 -20.91 -8.73
C LEU B 237 -12.14 -22.11 -9.18
N ASN B 238 -11.91 -23.07 -8.27
CA ASN B 238 -11.29 -24.35 -8.60
C ASN B 238 -12.11 -25.55 -8.11
N SER B 239 -12.30 -26.54 -8.96
CA SER B 239 -13.13 -27.66 -8.56
C SER B 239 -12.36 -28.96 -8.30
N ASN B 240 -11.04 -28.88 -8.23
CA ASN B 240 -10.23 -30.06 -8.00
C ASN B 240 -10.15 -30.40 -6.52
N ALA B 241 -9.59 -31.57 -6.22
CA ALA B 241 -9.54 -31.99 -4.82
C ALA B 241 -8.51 -31.14 -4.11
N MET B 242 -8.93 -30.42 -3.08
CA MET B 242 -8.02 -29.49 -2.42
C MET B 242 -8.22 -29.47 -0.93
N ASP B 243 -7.26 -28.88 -0.24
CA ASP B 243 -7.36 -28.65 1.20
C ASP B 243 -6.74 -27.31 1.58
N VAL B 244 -7.34 -26.67 2.58
CA VAL B 244 -6.86 -25.38 3.04
C VAL B 244 -6.24 -25.49 4.43
N THR B 245 -5.26 -24.63 4.72
CA THR B 245 -4.54 -24.75 5.97
C THR B 245 -4.32 -23.44 6.71
N PHE B 246 -4.87 -23.35 7.92
CA PHE B 246 -4.86 -22.10 8.68
C PHE B 246 -3.73 -22.01 9.72
N GLN B 247 -2.85 -21.01 9.54
CA GLN B 247 -1.72 -20.77 10.43
C GLN B 247 -1.93 -19.52 11.28
N PRO B 248 -1.46 -19.56 12.54
CA PRO B 248 -1.68 -18.52 13.55
C PRO B 248 -1.03 -17.15 13.26
N LEU B 249 0.11 -17.09 12.55
CA LEU B 249 0.46 -15.83 11.90
C LEU B 249 -0.67 -15.71 10.93
N PRO B 250 -1.60 -14.80 11.20
CA PRO B 250 -2.88 -14.89 10.50
C PRO B 250 -2.64 -15.15 9.03
N ALA B 251 -2.83 -16.39 8.56
CA ALA B 251 -2.54 -16.74 7.17
C ALA B 251 -2.99 -18.14 6.78
N LEU B 252 -3.57 -18.25 5.59
CA LEU B 252 -4.00 -19.55 5.08
C LEU B 252 -3.29 -19.99 3.81
N THR B 253 -3.44 -21.27 3.49
CA THR B 253 -2.70 -21.92 2.43
C THR B 253 -3.59 -22.89 1.63
N TYR B 254 -3.77 -22.63 0.34
CA TYR B 254 -4.49 -23.53 -0.56
C TYR B 254 -3.54 -24.58 -1.16
N ARG B 255 -4.03 -25.81 -1.31
CA ARG B 255 -3.27 -26.86 -2.01
C ARG B 255 -4.21 -27.65 -2.90
N THR B 256 -4.44 -27.18 -4.13
CA THR B 256 -5.38 -27.86 -5.03
C THR B 256 -4.66 -28.98 -5.78
N THR B 257 -5.38 -29.78 -6.55
CA THR B 257 -4.74 -30.88 -7.26
C THR B 257 -4.88 -30.76 -8.75
N GLY B 258 -5.19 -29.58 -9.25
CA GLY B 258 -4.87 -29.36 -10.64
C GLY B 258 -5.82 -28.60 -11.51
N GLY B 259 -6.15 -27.38 -11.09
CA GLY B 259 -6.90 -26.51 -11.98
C GLY B 259 -5.98 -25.41 -12.44
N VAL B 260 -6.50 -24.19 -12.34
CA VAL B 260 -5.67 -22.99 -12.38
C VAL B 260 -6.11 -22.11 -11.22
N LEU B 261 -5.24 -21.21 -10.77
CA LEU B 261 -5.60 -20.38 -9.64
C LEU B 261 -6.47 -19.24 -10.12
N ASP B 262 -7.79 -19.43 -10.10
CA ASP B 262 -8.69 -18.36 -10.53
C ASP B 262 -9.37 -17.74 -9.31
N PHE B 263 -8.88 -16.59 -8.87
CA PHE B 263 -9.39 -15.92 -7.67
C PHE B 263 -10.30 -14.74 -8.01
N TYR B 264 -11.32 -14.50 -7.20
CA TYR B 264 -12.15 -13.33 -7.36
C TYR B 264 -12.25 -12.67 -5.99
N VAL B 265 -11.98 -11.38 -5.92
CA VAL B 265 -12.02 -10.69 -4.63
C VAL B 265 -13.06 -9.58 -4.55
N PHE B 266 -13.69 -9.46 -3.39
CA PHE B 266 -14.80 -8.54 -3.24
C PHE B 266 -14.54 -7.76 -1.98
N LEU B 267 -14.65 -6.45 -2.09
CA LEU B 267 -14.47 -5.61 -0.93
C LEU B 267 -15.56 -4.61 -0.91
N GLY B 268 -16.79 -5.10 -0.89
CA GLY B 268 -17.86 -4.25 -0.42
C GLY B 268 -17.27 -3.90 0.91
N PRO B 269 -17.70 -2.79 1.48
CA PRO B 269 -17.17 -2.50 2.82
C PRO B 269 -17.81 -3.41 3.90
N THR B 270 -19.09 -3.73 3.77
CA THR B 270 -19.80 -4.50 4.81
C THR B 270 -20.10 -5.98 4.48
N PRO B 271 -20.28 -6.81 5.52
CA PRO B 271 -20.65 -8.19 5.29
C PRO B 271 -21.80 -8.38 4.32
N GLU B 272 -22.91 -7.67 4.48
CA GLU B 272 -23.98 -7.82 3.50
C GLU B 272 -23.49 -7.44 2.09
N LEU B 273 -22.89 -6.26 1.98
CA LEU B 273 -22.31 -5.76 0.72
C LEU B 273 -21.42 -6.79 0.04
N VAL B 274 -20.59 -7.46 0.82
CA VAL B 274 -19.67 -8.45 0.29
C VAL B 274 -20.47 -9.53 -0.37
N THR B 275 -21.43 -10.06 0.38
CA THR B 275 -22.24 -11.15 -0.09
C THR B 275 -23.05 -10.75 -1.32
N GLN B 276 -23.64 -9.56 -1.28
CA GLN B 276 -24.31 -9.01 -2.46
C GLN B 276 -23.39 -9.13 -3.70
N GLN B 277 -22.11 -8.84 -3.53
CA GLN B 277 -21.17 -8.81 -4.68
C GLN B 277 -20.71 -10.20 -5.07
N TYR B 278 -20.60 -11.09 -4.09
CA TYR B 278 -20.24 -12.46 -4.36
C TYR B 278 -21.37 -13.07 -5.17
N THR B 279 -22.59 -12.93 -4.67
CA THR B 279 -23.72 -13.53 -5.36
C THR B 279 -23.96 -12.84 -6.69
N GLU B 280 -23.61 -11.57 -6.78
CA GLU B 280 -23.77 -10.92 -8.07
C GLU B 280 -22.94 -11.64 -9.12
N LEU B 281 -21.81 -12.23 -8.71
CA LEU B 281 -20.92 -12.92 -9.64
C LEU B 281 -21.32 -14.35 -9.99
N ILE B 282 -21.60 -15.16 -8.96
CA ILE B 282 -21.99 -16.56 -9.15
C ILE B 282 -23.49 -16.71 -9.36
N GLY B 283 -24.26 -15.74 -8.86
CA GLY B 283 -25.69 -15.69 -9.04
C GLY B 283 -26.37 -15.62 -7.70
N ARG B 284 -27.55 -15.01 -7.64
CA ARG B 284 -28.30 -14.94 -6.39
C ARG B 284 -29.15 -16.22 -6.12
N PRO B 285 -29.51 -16.48 -4.85
CA PRO B 285 -30.34 -17.63 -4.45
C PRO B 285 -31.63 -17.74 -5.25
N VAL B 286 -32.12 -18.96 -5.42
CA VAL B 286 -33.40 -19.18 -6.11
C VAL B 286 -34.51 -18.63 -5.29
N MET B 287 -35.53 -18.11 -5.97
CA MET B 287 -36.77 -17.75 -5.29
C MET B 287 -37.65 -18.98 -5.09
N VAL B 288 -38.06 -19.18 -3.84
CA VAL B 288 -38.78 -20.37 -3.44
C VAL B 288 -40.28 -20.13 -3.47
N PRO B 289 -41.05 -21.21 -3.61
CA PRO B 289 -42.51 -21.12 -3.56
C PRO B 289 -42.93 -20.84 -2.13
N TYR B 290 -43.89 -19.94 -1.96
CA TYR B 290 -44.38 -19.56 -0.65
C TYR B 290 -44.75 -20.78 0.21
N TRP B 291 -45.14 -21.88 -0.43
CA TRP B 291 -45.54 -23.05 0.31
C TRP B 291 -44.36 -23.80 0.92
N SER B 292 -43.15 -23.55 0.40
CA SER B 292 -41.97 -24.26 0.87
C SER B 292 -41.47 -23.66 2.17
N LEU B 293 -42.01 -22.48 2.51
CA LEU B 293 -41.61 -21.77 3.70
C LEU B 293 -42.25 -22.38 4.94
N GLY B 294 -43.17 -23.31 4.69
CA GLY B 294 -43.88 -23.99 5.76
C GLY B 294 -43.09 -25.11 6.37
N PHE B 295 -43.71 -25.82 7.32
CA PHE B 295 -43.07 -26.95 8.00
C PHE B 295 -43.14 -28.22 7.15
N GLN B 296 -42.19 -29.12 7.37
CA GLN B 296 -42.06 -30.29 6.51
C GLN B 296 -41.75 -31.58 7.27
N LEU B 297 -42.29 -32.69 6.80
CA LEU B 297 -42.10 -33.99 7.46
C LEU B 297 -41.59 -35.04 6.48
N CYS B 298 -40.75 -35.92 6.98
CA CYS B 298 -40.22 -37.01 6.17
C CYS B 298 -39.61 -38.05 7.09
N ARG B 299 -39.30 -39.21 6.52
CA ARG B 299 -38.50 -40.19 7.23
C ARG B 299 -38.03 -41.23 6.25
N TYR B 300 -36.97 -41.91 6.62
CA TYR B 300 -36.48 -43.05 5.86
C TYR B 300 -37.10 -44.27 6.52
N GLY B 301 -38.00 -44.94 5.82
CA GLY B 301 -38.64 -46.11 6.40
C GLY B 301 -40.13 -45.95 6.61
N TYR B 302 -40.76 -45.05 5.87
CA TYR B 302 -42.20 -45.07 5.75
C TYR B 302 -42.49 -46.44 5.15
N GLN B 303 -43.11 -47.31 5.94
CA GLN B 303 -43.29 -48.70 5.57
C GLN B 303 -44.35 -48.91 4.49
N ASN B 304 -45.59 -48.56 4.83
CA ASN B 304 -46.73 -48.76 3.97
C ASN B 304 -47.07 -47.43 3.32
N ASP B 305 -47.63 -47.49 2.12
CA ASP B 305 -48.30 -46.35 1.51
C ASP B 305 -49.06 -45.55 2.57
N SER B 306 -49.74 -46.27 3.45
CA SER B 306 -50.74 -45.68 4.34
C SER B 306 -50.18 -45.17 5.66
N GLU B 307 -48.96 -45.59 5.99
CA GLU B 307 -48.30 -45.10 7.20
C GLU B 307 -48.06 -43.59 7.12
N ILE B 308 -47.93 -43.09 5.90
CA ILE B 308 -47.83 -41.65 5.66
C ILE B 308 -49.18 -41.04 5.95
N ALA B 309 -50.21 -41.54 5.27
CA ALA B 309 -51.56 -41.01 5.42
C ALA B 309 -52.00 -41.01 6.88
N SER B 310 -51.68 -42.09 7.59
CA SER B 310 -51.83 -42.17 9.03
C SER B 310 -51.17 -40.96 9.73
N LEU B 311 -49.93 -40.66 9.33
CA LEU B 311 -49.22 -39.48 9.85
C LEU B 311 -49.88 -38.15 9.50
N TYR B 312 -50.31 -37.99 8.25
CA TYR B 312 -50.88 -36.70 7.83
C TYR B 312 -52.19 -36.41 8.55
N ASP B 313 -52.95 -37.48 8.83
CA ASP B 313 -54.22 -37.37 9.53
C ASP B 313 -54.04 -37.12 11.03
N GLU B 314 -53.02 -37.75 11.61
CA GLU B 314 -52.67 -37.51 13.02
C GLU B 314 -52.19 -36.07 13.22
N MET B 315 -51.59 -35.49 12.18
CA MET B 315 -51.08 -34.12 12.24
C MET B 315 -52.17 -33.05 12.11
N VAL B 316 -53.17 -33.28 11.26
CA VAL B 316 -54.31 -32.35 11.15
C VAL B 316 -55.24 -32.51 12.34
N ALA B 317 -55.14 -33.65 13.01
CA ALA B 317 -55.94 -33.92 14.20
C ALA B 317 -55.37 -33.14 15.38
N ALA B 318 -54.05 -33.02 15.42
CA ALA B 318 -53.38 -32.24 16.45
C ALA B 318 -53.36 -30.75 16.11
N GLN B 319 -53.70 -30.43 14.85
CA GLN B 319 -53.73 -29.04 14.37
C GLN B 319 -52.35 -28.38 14.38
N ILE B 320 -51.33 -29.20 14.18
CA ILE B 320 -49.97 -28.73 14.01
C ILE B 320 -49.84 -28.43 12.54
N PRO B 321 -49.54 -27.17 12.22
CA PRO B 321 -49.41 -26.69 10.83
C PRO B 321 -48.27 -27.39 10.09
N TYR B 322 -48.48 -27.73 8.82
CA TYR B 322 -47.39 -28.13 7.93
C TYR B 322 -47.87 -28.36 6.50
N ASP B 323 -47.05 -27.93 5.53
CA ASP B 323 -47.47 -27.86 4.14
C ASP B 323 -46.86 -28.94 3.24
N VAL B 324 -45.78 -29.56 3.68
CA VAL B 324 -45.05 -30.44 2.79
C VAL B 324 -44.87 -31.82 3.40
N GLN B 325 -45.40 -32.83 2.71
CA GLN B 325 -45.18 -34.22 3.09
C GLN B 325 -44.33 -34.95 2.05
N TYR B 326 -43.37 -35.70 2.55
CA TYR B 326 -42.38 -36.37 1.70
C TYR B 326 -42.68 -37.84 1.67
N SER B 327 -41.88 -38.56 0.90
CA SER B 327 -41.69 -39.98 1.09
C SER B 327 -40.25 -40.25 0.68
N ASP B 328 -39.55 -41.12 1.42
CA ASP B 328 -38.17 -41.42 1.08
C ASP B 328 -38.18 -42.49 -0.02
N ILE B 329 -37.04 -43.14 -0.25
CA ILE B 329 -36.93 -44.09 -1.36
C ILE B 329 -37.83 -45.30 -1.20
N ASP B 330 -38.56 -45.35 -0.09
CA ASP B 330 -39.41 -46.49 0.22
C ASP B 330 -40.54 -46.62 -0.80
N TYR B 331 -40.94 -45.50 -1.37
CA TYR B 331 -42.05 -45.52 -2.32
C TYR B 331 -41.64 -46.13 -3.66
N MET B 332 -40.34 -46.19 -3.93
CA MET B 332 -39.87 -46.84 -5.14
C MET B 332 -39.93 -48.35 -4.95
N GLU B 333 -40.01 -49.06 -6.06
CA GLU B 333 -39.92 -50.51 -5.99
C GLU B 333 -38.45 -50.90 -5.99
N ARG B 334 -37.95 -51.32 -4.83
CA ARG B 334 -36.55 -51.71 -4.67
C ARG B 334 -35.58 -50.56 -4.92
N GLN B 335 -36.00 -49.35 -4.55
CA GLN B 335 -35.13 -48.19 -4.65
C GLN B 335 -34.78 -47.83 -6.09
N LEU B 336 -35.59 -48.29 -7.04
CA LEU B 336 -35.36 -47.96 -8.44
C LEU B 336 -36.01 -46.63 -8.80
N ASP B 337 -35.25 -45.73 -9.41
CA ASP B 337 -35.80 -44.44 -9.78
C ASP B 337 -36.99 -44.61 -10.71
N PHE B 338 -38.06 -43.86 -10.44
CA PHE B 338 -39.19 -43.78 -11.35
C PHE B 338 -40.09 -45.02 -11.34
N THR B 339 -40.10 -45.73 -10.21
CA THR B 339 -40.96 -46.89 -10.03
C THR B 339 -41.78 -46.81 -8.73
N LEU B 340 -42.92 -47.50 -8.70
CA LEU B 340 -43.79 -47.42 -7.54
C LEU B 340 -43.99 -48.76 -6.84
N SER B 341 -43.66 -48.81 -5.56
CA SER B 341 -43.75 -50.05 -4.83
C SER B 341 -45.17 -50.54 -4.75
N PRO B 342 -45.35 -51.87 -4.83
CA PRO B 342 -46.63 -52.50 -4.53
C PRO B 342 -47.16 -51.98 -3.18
N LYS B 343 -46.32 -52.09 -2.16
CA LYS B 343 -46.59 -51.62 -0.80
C LYS B 343 -46.94 -50.10 -0.77
N PHE B 344 -46.95 -49.45 -1.94
CA PHE B 344 -47.14 -48.02 -2.02
C PHE B 344 -48.11 -47.61 -3.12
N ALA B 345 -48.91 -48.54 -3.62
CA ALA B 345 -49.88 -48.17 -4.65
C ALA B 345 -50.98 -47.38 -3.96
N GLY B 346 -51.73 -46.60 -4.74
CA GLY B 346 -52.68 -45.68 -4.14
C GLY B 346 -52.01 -44.71 -3.17
N PHE B 347 -50.68 -44.66 -3.26
CA PHE B 347 -49.92 -43.54 -2.74
C PHE B 347 -50.29 -42.39 -3.65
N PRO B 348 -50.39 -42.65 -4.97
CA PRO B 348 -50.76 -41.56 -5.88
C PRO B 348 -52.09 -40.95 -5.45
N ALA B 349 -52.94 -41.77 -4.84
CA ALA B 349 -54.22 -41.29 -4.35
C ALA B 349 -53.96 -40.31 -3.20
N LEU B 350 -53.13 -40.74 -2.25
CA LEU B 350 -52.80 -39.90 -1.10
C LEU B 350 -52.28 -38.50 -1.48
N ILE B 351 -51.30 -38.45 -2.40
CA ILE B 351 -50.81 -37.18 -2.92
C ILE B 351 -52.02 -36.29 -3.21
N ASN B 352 -52.82 -36.73 -4.17
CA ASN B 352 -53.92 -35.94 -4.73
C ASN B 352 -54.94 -35.50 -3.70
N ARG B 353 -55.15 -36.37 -2.71
CA ARG B 353 -56.01 -36.04 -1.58
C ARG B 353 -55.39 -34.91 -0.76
N MET B 354 -54.14 -35.09 -0.35
CA MET B 354 -53.47 -34.09 0.47
C MET B 354 -53.38 -32.74 -0.22
N LYS B 355 -52.90 -32.71 -1.46
CA LYS B 355 -52.75 -31.44 -2.18
C LYS B 355 -54.11 -30.77 -2.35
N ALA B 356 -55.15 -31.59 -2.35
CA ALA B 356 -56.51 -31.10 -2.44
C ALA B 356 -56.90 -30.32 -1.18
N ASP B 357 -56.39 -30.74 -0.04
CA ASP B 357 -56.57 -30.00 1.22
C ASP B 357 -55.70 -28.75 1.28
N GLY B 358 -54.72 -28.68 0.38
CA GLY B 358 -53.83 -27.53 0.32
C GLY B 358 -52.39 -27.87 0.65
N MET B 359 -52.13 -29.15 0.90
CA MET B 359 -50.77 -29.60 1.18
C MET B 359 -49.98 -29.71 -0.11
N ARG B 360 -48.69 -30.01 0.05
CA ARG B 360 -47.78 -30.24 -1.08
C ARG B 360 -46.85 -31.42 -0.81
N VAL B 361 -46.35 -32.00 -1.89
CA VAL B 361 -45.56 -33.22 -1.78
C VAL B 361 -44.22 -33.09 -2.48
N ILE B 362 -43.19 -33.59 -1.83
CA ILE B 362 -41.85 -33.58 -2.40
C ILE B 362 -41.33 -35.01 -2.41
N LEU B 363 -40.72 -35.38 -3.53
CA LEU B 363 -40.21 -36.73 -3.73
C LEU B 363 -38.71 -36.77 -3.97
N ILE B 364 -38.07 -37.81 -3.48
CA ILE B 364 -36.61 -37.93 -3.58
C ILE B 364 -36.24 -38.61 -4.89
N LEU B 365 -35.03 -38.33 -5.36
CA LEU B 365 -34.49 -39.03 -6.51
C LEU B 365 -33.01 -39.18 -6.26
N ASP B 366 -32.48 -40.33 -6.63
CA ASP B 366 -31.04 -40.53 -6.62
C ASP B 366 -30.61 -40.43 -8.08
N PRO B 367 -29.32 -40.25 -8.30
CA PRO B 367 -28.83 -40.14 -9.69
C PRO B 367 -28.60 -41.50 -10.36
N ALA B 368 -28.03 -42.45 -9.63
CA ALA B 368 -27.64 -43.74 -10.19
C ALA B 368 -28.82 -44.57 -10.66
N ILE B 369 -28.73 -45.09 -11.88
CA ILE B 369 -29.81 -45.92 -12.44
C ILE B 369 -29.40 -47.40 -12.53
N SER B 370 -30.25 -48.30 -12.05
CA SER B 370 -29.93 -49.73 -12.05
C SER B 370 -30.02 -50.34 -13.44
N GLY B 371 -29.03 -51.17 -13.80
CA GLY B 371 -29.09 -51.86 -15.07
C GLY B 371 -28.98 -53.36 -15.02
N ASN B 372 -29.32 -53.99 -13.89
CA ASN B 372 -29.23 -55.43 -13.74
C ASN B 372 -30.71 -55.97 -13.62
N GLU B 373 -31.65 -55.14 -14.10
CA GLU B 373 -33.11 -55.36 -14.04
C GLU B 373 -33.67 -56.21 -15.18
N THR B 374 -34.67 -57.06 -14.91
CA THR B 374 -35.19 -58.03 -15.92
C THR B 374 -36.48 -57.66 -16.62
N GLN B 375 -37.42 -57.08 -15.89
CA GLN B 375 -38.63 -56.55 -16.50
C GLN B 375 -38.23 -55.38 -17.38
N PRO B 376 -39.21 -54.74 -18.04
CA PRO B 376 -38.84 -53.49 -18.73
C PRO B 376 -38.61 -52.35 -17.72
N TYR B 377 -37.67 -51.47 -18.06
CA TYR B 377 -37.31 -50.35 -17.19
C TYR B 377 -36.87 -49.19 -18.07
N PRO B 378 -37.82 -48.36 -18.50
CA PRO B 378 -37.52 -47.32 -19.50
C PRO B 378 -36.37 -46.45 -19.01
N ALA B 379 -36.45 -46.00 -17.77
CA ALA B 379 -35.40 -45.12 -17.24
C ALA B 379 -34.02 -45.60 -17.68
N PHE B 380 -33.66 -46.85 -17.36
CA PHE B 380 -32.34 -47.35 -17.72
C PHE B 380 -32.16 -47.57 -19.21
N THR B 381 -33.15 -48.21 -19.83
CA THR B 381 -33.08 -48.54 -21.24
C THR B 381 -32.93 -47.32 -22.14
N ARG B 382 -33.79 -46.33 -21.96
CA ARG B 382 -33.72 -45.09 -22.75
C ARG B 382 -32.47 -44.32 -22.37
N GLY B 383 -31.95 -44.64 -21.20
CA GLY B 383 -30.70 -44.06 -20.74
C GLY B 383 -29.60 -44.51 -21.68
N VAL B 384 -29.53 -45.81 -21.90
CA VAL B 384 -28.56 -46.37 -22.82
C VAL B 384 -28.80 -45.93 -24.27
N GLU B 385 -30.07 -45.88 -24.69
CA GLU B 385 -30.42 -45.42 -26.04
C GLU B 385 -29.85 -44.02 -26.31
N ASP B 386 -30.30 -43.06 -25.50
CA ASP B 386 -29.87 -41.66 -25.66
C ASP B 386 -28.40 -41.46 -25.26
N ASP B 387 -27.76 -42.54 -24.82
CA ASP B 387 -26.40 -42.53 -24.28
C ASP B 387 -26.17 -41.38 -23.32
N VAL B 388 -26.52 -41.58 -22.06
CA VAL B 388 -26.44 -40.54 -21.05
C VAL B 388 -25.62 -41.02 -19.87
N PHE B 389 -25.00 -42.18 -20.01
CA PHE B 389 -24.27 -42.76 -18.89
C PHE B 389 -22.77 -42.58 -18.97
N ILE B 390 -22.14 -42.54 -17.79
CA ILE B 390 -20.73 -42.24 -17.67
C ILE B 390 -19.88 -43.49 -17.91
N LYS B 391 -19.04 -43.46 -18.94
CA LYS B 391 -18.24 -44.62 -19.33
C LYS B 391 -16.76 -44.33 -19.11
N TYR B 392 -15.93 -45.37 -19.21
CA TYR B 392 -14.49 -45.17 -19.23
C TYR B 392 -14.11 -44.51 -20.56
N PRO B 393 -12.86 -43.98 -20.66
CA PRO B 393 -12.37 -43.13 -21.74
C PRO B 393 -12.13 -43.78 -23.11
N ASN B 394 -11.71 -45.04 -23.13
CA ASN B 394 -11.46 -45.72 -24.41
C ASN B 394 -12.67 -46.52 -24.87
N ASP B 395 -13.82 -45.85 -24.88
CA ASP B 395 -15.10 -46.45 -25.27
C ASP B 395 -15.66 -47.45 -24.26
N GLY B 396 -14.80 -47.96 -23.38
CA GLY B 396 -15.18 -48.91 -22.33
C GLY B 396 -16.60 -48.83 -21.81
N ASP B 397 -17.05 -49.90 -21.16
CA ASP B 397 -18.44 -49.98 -20.74
C ASP B 397 -18.78 -48.89 -19.71
N ILE B 398 -20.05 -48.82 -19.33
CA ILE B 398 -20.49 -47.97 -18.25
C ILE B 398 -19.57 -48.18 -17.04
N VAL B 399 -19.35 -47.12 -16.27
CA VAL B 399 -18.64 -47.27 -15.00
C VAL B 399 -19.68 -47.60 -13.95
N TRP B 400 -19.65 -48.84 -13.48
CA TRP B 400 -20.71 -49.37 -12.63
C TRP B 400 -20.41 -49.17 -11.17
N GLY B 401 -21.26 -48.44 -10.47
CA GLY B 401 -21.19 -48.40 -9.02
C GLY B 401 -22.34 -49.17 -8.39
N LYS B 402 -22.44 -49.13 -7.06
CA LYS B 402 -23.61 -49.69 -6.37
C LYS B 402 -24.13 -48.70 -5.34
N VAL B 403 -25.45 -48.53 -5.25
CA VAL B 403 -26.01 -47.65 -4.23
C VAL B 403 -27.19 -48.27 -3.50
N TRP B 404 -28.41 -47.81 -3.78
CA TRP B 404 -29.60 -48.30 -3.06
C TRP B 404 -30.34 -49.43 -3.79
N PRO B 405 -30.53 -49.29 -5.11
CA PRO B 405 -31.26 -50.28 -5.90
C PRO B 405 -30.87 -51.73 -5.62
N ASP B 406 -31.88 -52.56 -5.36
CA ASP B 406 -31.71 -54.00 -5.17
C ASP B 406 -31.79 -54.80 -6.48
N PHE B 407 -31.11 -55.93 -6.49
CA PHE B 407 -31.22 -56.85 -7.60
C PHE B 407 -32.67 -57.30 -7.68
N PRO B 408 -33.06 -57.89 -8.82
CA PRO B 408 -34.46 -58.25 -9.05
C PRO B 408 -35.03 -59.40 -8.21
N ASP B 409 -34.36 -60.55 -8.13
CA ASP B 409 -34.97 -61.71 -7.48
C ASP B 409 -34.43 -61.96 -6.09
N VAL B 410 -33.33 -61.31 -5.77
CA VAL B 410 -32.67 -61.53 -4.50
C VAL B 410 -33.59 -61.28 -3.31
N VAL B 411 -33.52 -62.18 -2.32
CA VAL B 411 -34.31 -62.07 -1.09
C VAL B 411 -33.47 -61.36 -0.04
N VAL B 412 -34.02 -60.34 0.60
CA VAL B 412 -33.16 -59.49 1.39
C VAL B 412 -33.36 -59.60 2.91
N ASN B 413 -32.29 -60.00 3.60
CA ASN B 413 -32.21 -59.96 5.06
C ASN B 413 -31.80 -58.56 5.52
N GLY B 414 -32.75 -57.81 6.06
CA GLY B 414 -32.49 -56.43 6.46
C GLY B 414 -31.34 -56.27 7.43
N SER B 415 -30.93 -57.38 8.06
CA SER B 415 -30.04 -57.33 9.21
C SER B 415 -28.57 -57.69 8.92
N LEU B 416 -28.29 -58.10 7.70
CA LEU B 416 -26.93 -58.47 7.31
C LEU B 416 -25.88 -57.36 7.42
N ASP B 417 -24.62 -57.78 7.59
CA ASP B 417 -23.47 -56.87 7.58
C ASP B 417 -23.69 -55.85 6.50
N TRP B 418 -23.36 -54.59 6.75
CA TRP B 418 -23.59 -53.55 5.75
C TRP B 418 -22.77 -53.84 4.51
N ASP B 419 -21.59 -54.43 4.71
CA ASP B 419 -20.74 -54.82 3.58
C ASP B 419 -21.38 -55.94 2.77
N SER B 420 -21.78 -57.01 3.45
CA SER B 420 -22.40 -58.18 2.82
C SER B 420 -23.64 -57.77 2.01
N GLN B 421 -24.44 -56.88 2.58
CA GLN B 421 -25.61 -56.35 1.91
C GLN B 421 -25.25 -55.70 0.58
N VAL B 422 -24.04 -55.15 0.47
CA VAL B 422 -23.65 -54.39 -0.72
C VAL B 422 -23.21 -55.30 -1.84
N GLU B 423 -22.73 -56.49 -1.51
CA GLU B 423 -22.41 -57.44 -2.57
C GLU B 423 -23.59 -58.29 -3.00
N LEU B 424 -24.31 -58.86 -2.04
CA LEU B 424 -25.35 -59.84 -2.35
C LEU B 424 -26.62 -59.24 -2.94
N TYR B 425 -27.00 -58.06 -2.46
CA TYR B 425 -28.28 -57.46 -2.81
C TYR B 425 -28.22 -56.29 -3.81
N ARG B 426 -27.39 -55.29 -3.53
CA ARG B 426 -27.40 -54.05 -4.32
C ARG B 426 -27.04 -54.25 -5.80
N ALA B 427 -27.89 -53.74 -6.70
CA ALA B 427 -27.70 -53.91 -8.14
C ALA B 427 -26.54 -53.05 -8.66
N TYR B 428 -26.05 -53.38 -9.85
CA TYR B 428 -25.09 -52.50 -10.53
C TYR B 428 -25.84 -51.29 -11.11
N VAL B 429 -25.34 -50.09 -10.86
CA VAL B 429 -26.02 -48.88 -11.28
C VAL B 429 -25.07 -48.01 -12.09
N ALA B 430 -25.64 -47.24 -13.01
CA ALA B 430 -24.86 -46.37 -13.87
C ALA B 430 -25.06 -44.96 -13.39
N PHE B 431 -24.07 -44.11 -13.60
CA PHE B 431 -24.25 -42.71 -13.23
C PHE B 431 -24.39 -41.83 -14.47
N PRO B 432 -25.56 -41.16 -14.60
CA PRO B 432 -25.76 -40.22 -15.71
C PRO B 432 -24.81 -39.04 -15.62
N ASP B 433 -24.34 -38.55 -16.77
CA ASP B 433 -23.44 -37.40 -16.87
C ASP B 433 -24.27 -36.15 -17.12
N PHE B 434 -24.47 -35.33 -16.09
CA PHE B 434 -25.50 -34.30 -16.17
C PHE B 434 -25.09 -33.06 -16.96
N PHE B 435 -23.86 -33.07 -17.45
CA PHE B 435 -23.39 -31.98 -18.29
C PHE B 435 -24.03 -32.05 -19.65
N ARG B 436 -24.26 -33.28 -20.11
CA ARG B 436 -24.67 -33.56 -21.49
C ARG B 436 -26.06 -33.04 -21.86
N ASN B 437 -26.13 -32.33 -22.98
CA ASN B 437 -27.40 -31.83 -23.52
C ASN B 437 -28.39 -33.00 -23.62
N SER B 438 -27.87 -34.21 -23.85
CA SER B 438 -28.73 -35.40 -23.91
C SER B 438 -29.30 -35.79 -22.54
N THR B 439 -28.43 -35.89 -21.55
CA THR B 439 -28.85 -36.30 -20.21
C THR B 439 -29.94 -35.39 -19.67
N ALA B 440 -29.98 -34.18 -20.18
CA ALA B 440 -31.05 -33.27 -19.81
C ALA B 440 -32.42 -33.75 -20.29
N LYS B 441 -32.56 -34.15 -21.56
CA LYS B 441 -33.87 -34.61 -22.07
C LYS B 441 -34.28 -35.86 -21.34
N TRP B 442 -33.36 -36.81 -21.27
CA TRP B 442 -33.59 -38.09 -20.60
C TRP B 442 -34.13 -37.87 -19.19
N TRP B 443 -33.33 -37.20 -18.39
CA TRP B 443 -33.73 -36.86 -17.03
C TRP B 443 -35.08 -36.15 -17.03
N LYS B 444 -35.23 -35.10 -17.84
CA LYS B 444 -36.46 -34.29 -17.84
C LYS B 444 -37.66 -35.11 -18.27
N ARG B 445 -37.41 -36.14 -19.08
CA ARG B 445 -38.45 -37.02 -19.55
C ARG B 445 -38.95 -37.88 -18.40
N GLU B 446 -38.07 -38.74 -17.90
CA GLU B 446 -38.37 -39.59 -16.77
C GLU B 446 -39.20 -38.85 -15.73
N ILE B 447 -38.82 -37.60 -15.44
CA ILE B 447 -39.52 -36.77 -14.46
C ILE B 447 -40.94 -36.45 -14.95
N GLU B 448 -41.05 -36.16 -16.25
CA GLU B 448 -42.32 -35.95 -16.92
C GLU B 448 -43.28 -37.12 -16.68
N GLU B 449 -42.83 -38.32 -17.03
CA GLU B 449 -43.67 -39.49 -16.96
C GLU B 449 -43.86 -40.01 -15.56
N LEU B 450 -43.12 -39.46 -14.60
CA LEU B 450 -43.42 -39.77 -13.20
C LEU B 450 -44.69 -38.99 -12.85
N TYR B 451 -44.76 -37.78 -13.40
CA TYR B 451 -45.85 -36.85 -13.11
C TYR B 451 -47.11 -37.23 -13.90
N ASN B 452 -46.92 -37.47 -15.18
CA ASN B 452 -47.99 -37.93 -16.06
C ASN B 452 -47.60 -39.30 -16.60
N ASN B 453 -48.02 -40.36 -15.91
CA ASN B 453 -47.70 -41.72 -16.33
C ASN B 453 -48.34 -42.05 -17.66
N PRO B 454 -47.51 -42.34 -18.68
CA PRO B 454 -48.07 -42.63 -20.00
C PRO B 454 -48.99 -43.85 -19.96
N GLN B 455 -48.60 -44.88 -19.21
CA GLN B 455 -49.32 -46.15 -19.19
C GLN B 455 -50.45 -46.19 -18.16
N ASN B 456 -50.18 -45.75 -16.95
CA ASN B 456 -51.14 -45.92 -15.85
C ASN B 456 -51.51 -44.62 -15.16
N PRO B 457 -52.24 -43.73 -15.84
CA PRO B 457 -52.63 -42.40 -15.35
C PRO B 457 -53.14 -42.43 -13.90
N GLU B 458 -53.56 -43.59 -13.44
CA GLU B 458 -54.01 -43.75 -12.05
C GLU B 458 -52.83 -43.84 -11.07
N ARG B 459 -51.66 -44.26 -11.58
CA ARG B 459 -50.46 -44.40 -10.76
C ARG B 459 -49.53 -43.18 -10.92
N SER B 460 -50.09 -42.04 -11.30
CA SER B 460 -49.31 -40.81 -11.41
C SER B 460 -49.12 -40.11 -10.06
N LEU B 461 -47.87 -39.75 -9.78
CA LEU B 461 -47.54 -39.00 -8.58
C LEU B 461 -47.45 -37.52 -8.92
N LYS B 462 -48.33 -36.71 -8.35
CA LYS B 462 -48.32 -35.27 -8.63
C LYS B 462 -47.50 -34.48 -7.62
N PHE B 463 -46.17 -34.58 -7.73
CA PHE B 463 -45.27 -33.91 -6.83
C PHE B 463 -45.18 -32.40 -7.13
N ASP B 464 -44.69 -31.61 -6.18
CA ASP B 464 -44.54 -30.15 -6.35
C ASP B 464 -43.09 -29.71 -6.36
N GLY B 465 -42.21 -30.56 -5.82
CA GLY B 465 -40.79 -30.27 -5.74
C GLY B 465 -39.98 -31.54 -5.66
N MET B 466 -38.71 -31.45 -6.05
CA MET B 466 -37.83 -32.61 -6.05
C MET B 466 -36.60 -32.49 -5.13
N TRP B 467 -36.30 -33.59 -4.47
CA TRP B 467 -35.20 -33.67 -3.53
C TRP B 467 -34.10 -34.55 -4.13
N ILE B 468 -33.23 -33.96 -4.97
CA ILE B 468 -32.10 -34.72 -5.54
C ILE B 468 -31.06 -34.92 -4.46
N ASP B 469 -30.61 -36.16 -4.30
CA ASP B 469 -29.73 -36.52 -3.20
C ASP B 469 -28.77 -37.62 -3.61
N MET B 470 -27.81 -37.91 -2.73
CA MET B 470 -26.89 -39.02 -2.96
C MET B 470 -26.01 -38.71 -4.18
N ASN B 471 -26.00 -37.44 -4.56
CA ASN B 471 -25.36 -36.95 -5.78
C ASN B 471 -24.01 -36.26 -5.55
N GLU B 472 -23.06 -36.96 -4.94
CA GLU B 472 -21.75 -36.33 -4.76
C GLU B 472 -20.78 -36.46 -5.94
N PRO B 473 -20.87 -37.57 -6.72
CA PRO B 473 -21.84 -38.67 -6.66
C PRO B 473 -21.44 -39.74 -5.68
N SER B 474 -22.39 -40.17 -4.83
CA SER B 474 -22.13 -41.20 -3.84
C SER B 474 -22.25 -42.62 -4.38
N SER B 475 -21.36 -43.50 -3.93
CA SER B 475 -21.36 -44.91 -4.32
C SER B 475 -20.77 -45.77 -3.20
N PHE B 476 -21.30 -46.98 -3.03
CA PHE B 476 -20.97 -47.86 -1.90
C PHE B 476 -19.83 -48.81 -2.23
N VAL B 477 -19.23 -48.62 -3.41
CA VAL B 477 -17.95 -49.26 -3.73
C VAL B 477 -16.92 -48.22 -4.18
N ASN B 478 -15.68 -48.42 -3.75
CA ASN B 478 -14.63 -47.45 -4.02
C ASN B 478 -14.22 -47.50 -5.50
N GLY B 479 -14.76 -46.56 -6.27
CA GLY B 479 -14.46 -46.45 -7.69
C GLY B 479 -15.50 -47.10 -8.58
N ALA B 480 -15.10 -48.19 -9.20
CA ALA B 480 -16.01 -49.03 -9.95
C ALA B 480 -16.29 -50.27 -9.13
N VAL B 481 -16.59 -51.36 -9.80
CA VAL B 481 -17.24 -52.45 -9.12
C VAL B 481 -16.36 -53.69 -8.90
N SER B 482 -16.01 -54.40 -9.95
CA SER B 482 -15.53 -55.77 -9.73
C SER B 482 -14.03 -55.94 -9.78
N PRO B 483 -13.43 -55.60 -10.92
CA PRO B 483 -11.96 -55.59 -10.97
C PRO B 483 -11.42 -54.31 -10.34
N GLY B 484 -12.15 -53.21 -10.49
CA GLY B 484 -11.76 -51.94 -9.93
C GLY B 484 -11.61 -50.81 -10.93
N CYS B 485 -10.44 -50.17 -10.93
CA CYS B 485 -10.26 -48.93 -11.68
C CYS B 485 -9.13 -48.95 -12.70
N ARG B 486 -7.92 -49.29 -12.22
CA ARG B 486 -6.67 -49.12 -12.99
C ARG B 486 -6.32 -47.65 -13.31
N ASP B 487 -5.55 -47.01 -12.43
CA ASP B 487 -5.03 -45.66 -12.70
C ASP B 487 -4.29 -44.96 -11.54
N ALA B 488 -3.61 -43.86 -11.88
CA ALA B 488 -2.90 -43.03 -10.93
C ALA B 488 -3.41 -41.60 -11.07
N SER B 489 -4.57 -41.47 -11.72
CA SER B 489 -5.29 -40.22 -11.78
C SER B 489 -6.23 -40.24 -10.58
N LEU B 490 -6.07 -41.27 -9.77
CA LEU B 490 -7.14 -41.73 -8.89
C LEU B 490 -6.61 -41.92 -7.49
N ASN B 491 -5.69 -42.85 -7.37
CA ASN B 491 -5.05 -43.09 -6.11
C ASN B 491 -3.74 -42.34 -6.18
N HIS B 492 -3.20 -42.03 -5.00
CA HIS B 492 -1.93 -41.30 -4.88
C HIS B 492 -1.76 -40.16 -5.89
N PRO B 493 -2.86 -39.59 -6.41
CA PRO B 493 -2.61 -38.51 -7.36
C PRO B 493 -1.61 -37.54 -6.72
N PRO B 494 -0.36 -37.53 -7.22
CA PRO B 494 0.84 -37.00 -6.60
C PRO B 494 0.65 -36.48 -5.18
N TYR B 495 -0.31 -35.58 -4.95
CA TYR B 495 -0.65 -35.15 -3.60
C TYR B 495 -2.10 -35.49 -3.31
N MET B 496 -2.30 -36.30 -2.27
CA MET B 496 -3.64 -36.66 -1.81
C MET B 496 -4.02 -35.69 -0.72
N PRO B 497 -4.89 -34.74 -1.04
CA PRO B 497 -5.31 -33.74 -0.05
C PRO B 497 -5.71 -34.40 1.25
N HIS B 498 -5.92 -33.61 2.29
CA HIS B 498 -6.24 -34.16 3.60
C HIS B 498 -7.72 -34.47 3.76
N LEU B 499 -8.18 -35.44 2.97
CA LEU B 499 -9.57 -35.87 3.01
C LEU B 499 -9.75 -37.04 3.95
N GLU B 500 -11.02 -37.40 4.17
CA GLU B 500 -11.39 -38.61 4.89
C GLU B 500 -10.96 -39.84 4.09
N SER B 501 -10.62 -40.90 4.79
CA SER B 501 -10.08 -42.09 4.13
C SER B 501 -8.97 -41.73 3.14
N ARG B 502 -8.01 -40.92 3.57
CA ARG B 502 -6.93 -40.50 2.68
C ARG B 502 -6.28 -41.70 2.03
N ASP B 503 -6.21 -42.78 2.80
CA ASP B 503 -5.48 -43.96 2.33
C ASP B 503 -6.19 -44.64 1.18
N ARG B 504 -7.40 -44.21 0.87
CA ARG B 504 -8.18 -44.84 -0.19
C ARG B 504 -8.10 -44.11 -1.54
N GLY B 505 -7.32 -43.04 -1.61
CA GLY B 505 -7.29 -42.25 -2.81
C GLY B 505 -8.63 -41.57 -3.04
N LEU B 506 -8.72 -40.81 -4.13
CA LEU B 506 -9.93 -40.06 -4.47
C LEU B 506 -11.13 -40.93 -4.75
N SER B 507 -10.85 -42.14 -5.23
CA SER B 507 -11.82 -43.18 -5.56
C SER B 507 -12.83 -43.43 -4.44
N SER B 508 -12.35 -43.45 -3.20
CA SER B 508 -13.20 -43.71 -2.04
C SER B 508 -14.62 -43.17 -2.14
N LYS B 509 -15.58 -44.08 -1.94
CA LYS B 509 -17.02 -43.79 -1.87
C LYS B 509 -17.55 -42.97 -3.03
N THR B 510 -17.06 -43.26 -4.24
CA THR B 510 -17.54 -42.58 -5.45
C THR B 510 -16.90 -43.12 -6.74
N LEU B 511 -17.10 -42.39 -7.84
CA LEU B 511 -16.69 -42.83 -9.18
C LEU B 511 -15.20 -42.86 -9.43
N CYS B 512 -14.80 -43.72 -10.36
CA CYS B 512 -13.43 -43.72 -10.85
C CYS B 512 -13.08 -42.36 -11.42
N MET B 513 -11.91 -41.85 -11.05
CA MET B 513 -11.51 -40.49 -11.39
C MET B 513 -11.26 -40.35 -12.89
N GLU B 514 -10.93 -41.46 -13.52
CA GLU B 514 -10.65 -41.50 -14.95
C GLU B 514 -11.94 -41.48 -15.78
N SER B 515 -13.06 -41.65 -15.10
CA SER B 515 -14.34 -41.70 -15.78
C SER B 515 -14.51 -40.50 -16.68
N GLN B 516 -14.97 -40.74 -17.89
CA GLN B 516 -15.12 -39.68 -18.87
C GLN B 516 -16.44 -38.98 -18.71
N GLN B 517 -16.41 -37.66 -18.77
CA GLN B 517 -17.63 -36.89 -18.90
C GLN B 517 -17.48 -35.94 -20.09
N ILE B 518 -18.57 -35.30 -20.47
CA ILE B 518 -18.61 -34.45 -21.65
C ILE B 518 -19.29 -33.15 -21.27
N LEU B 519 -18.63 -32.03 -21.50
CA LEU B 519 -19.25 -30.76 -21.14
C LEU B 519 -20.29 -30.36 -22.18
N PRO B 520 -21.04 -29.30 -21.87
CA PRO B 520 -22.11 -28.90 -22.80
C PRO B 520 -21.56 -28.59 -24.19
N ASP B 521 -20.44 -27.88 -24.26
CA ASP B 521 -19.83 -27.57 -25.55
C ASP B 521 -19.56 -28.84 -26.36
N GLY B 522 -19.12 -29.90 -25.69
CA GLY B 522 -18.86 -31.16 -26.35
C GLY B 522 -17.45 -31.68 -26.11
N SER B 523 -16.63 -30.90 -25.40
CA SER B 523 -15.29 -31.37 -25.07
C SER B 523 -15.24 -32.39 -23.94
N LEU B 524 -14.14 -33.13 -23.89
CA LEU B 524 -13.99 -34.25 -22.97
C LEU B 524 -13.31 -33.88 -21.66
N VAL B 525 -13.87 -34.34 -20.56
CA VAL B 525 -13.32 -34.09 -19.24
C VAL B 525 -13.27 -35.40 -18.49
N GLN B 526 -12.33 -35.53 -17.57
CA GLN B 526 -12.31 -36.71 -16.70
C GLN B 526 -12.85 -36.40 -15.31
N HIS B 527 -13.39 -37.40 -14.65
CA HIS B 527 -14.12 -37.12 -13.43
C HIS B 527 -13.20 -36.38 -12.46
N TYR B 528 -11.91 -36.70 -12.51
CA TYR B 528 -10.90 -36.05 -11.70
C TYR B 528 -11.05 -34.53 -11.55
N ASN B 529 -11.40 -33.85 -12.63
CA ASN B 529 -11.59 -32.40 -12.60
C ASN B 529 -12.99 -31.94 -12.27
N VAL B 530 -14.00 -32.75 -12.55
CA VAL B 530 -15.37 -32.28 -12.38
C VAL B 530 -16.17 -32.97 -11.27
N HIS B 531 -15.53 -33.83 -10.51
CA HIS B 531 -16.23 -34.51 -9.43
C HIS B 531 -17.02 -33.55 -8.53
N ASN B 532 -16.35 -32.55 -7.95
CA ASN B 532 -17.03 -31.59 -7.08
C ASN B 532 -18.15 -30.85 -7.78
N LEU B 533 -18.21 -31.01 -9.10
CA LEU B 533 -19.20 -30.33 -9.94
C LEU B 533 -20.42 -31.20 -10.23
N TYR B 534 -20.34 -32.49 -9.86
CA TYR B 534 -21.38 -33.45 -10.24
C TYR B 534 -22.78 -33.09 -9.78
N GLY B 535 -22.97 -33.01 -8.48
CA GLY B 535 -24.27 -32.62 -7.95
C GLY B 535 -24.71 -31.28 -8.51
N TRP B 536 -23.76 -30.38 -8.66
CA TRP B 536 -24.07 -29.09 -9.23
C TRP B 536 -24.58 -29.28 -10.67
N SER B 537 -23.95 -30.18 -11.42
CA SER B 537 -24.29 -30.38 -12.84
C SER B 537 -25.73 -30.86 -13.04
N GLN B 538 -26.30 -31.42 -11.99
CA GLN B 538 -27.61 -32.05 -12.01
C GLN B 538 -28.68 -31.11 -11.50
N THR B 539 -28.26 -30.04 -10.84
CA THR B 539 -29.19 -29.13 -10.18
C THR B 539 -30.13 -28.34 -11.13
N ARG B 540 -29.57 -27.57 -12.07
CA ARG B 540 -30.45 -26.81 -12.97
C ARG B 540 -31.48 -27.67 -13.70
N PRO B 541 -31.02 -28.73 -14.39
CA PRO B 541 -31.99 -29.50 -15.19
C PRO B 541 -33.15 -29.96 -14.33
N THR B 542 -32.85 -30.64 -13.22
CA THR B 542 -33.86 -30.99 -12.22
C THR B 542 -34.81 -29.83 -11.89
N TYR B 543 -34.23 -28.66 -11.62
CA TYR B 543 -35.02 -27.44 -11.36
C TYR B 543 -35.98 -27.20 -12.51
N GLU B 544 -35.44 -27.18 -13.71
CA GLU B 544 -36.22 -26.99 -14.93
C GLU B 544 -37.22 -28.13 -15.12
N ALA B 545 -36.80 -29.36 -14.89
CA ALA B 545 -37.70 -30.51 -14.99
C ALA B 545 -38.99 -30.25 -14.20
N VAL B 546 -38.83 -29.98 -12.91
CA VAL B 546 -39.97 -29.66 -12.06
C VAL B 546 -40.81 -28.51 -12.63
N GLN B 547 -40.15 -27.52 -13.19
CA GLN B 547 -40.86 -26.34 -13.69
C GLN B 547 -41.70 -26.64 -14.91
N GLU B 548 -41.12 -27.36 -15.85
CA GLU B 548 -41.79 -27.71 -17.08
C GLU B 548 -43.02 -28.58 -16.80
N VAL B 549 -42.86 -29.59 -15.95
CA VAL B 549 -43.92 -30.55 -15.69
C VAL B 549 -45.06 -30.01 -14.82
N THR B 550 -44.75 -29.19 -13.82
CA THR B 550 -45.77 -28.73 -12.89
C THR B 550 -46.33 -27.38 -13.31
N GLY B 551 -45.62 -26.71 -14.21
CA GLY B 551 -46.05 -25.42 -14.74
C GLY B 551 -45.90 -24.36 -13.67
N GLN B 552 -45.32 -24.78 -12.54
CA GLN B 552 -45.13 -23.89 -11.43
C GLN B 552 -43.65 -23.70 -11.13
N ARG B 553 -43.36 -22.84 -10.16
CA ARG B 553 -41.98 -22.48 -9.82
C ARG B 553 -41.28 -23.65 -9.12
N GLY B 554 -42.00 -24.31 -8.22
CA GLY B 554 -41.47 -25.49 -7.57
C GLY B 554 -40.26 -25.16 -6.73
N VAL B 555 -39.49 -26.18 -6.38
CA VAL B 555 -38.32 -26.02 -5.51
C VAL B 555 -37.45 -27.27 -5.55
N VAL B 556 -36.15 -27.09 -5.39
CA VAL B 556 -35.25 -28.24 -5.36
C VAL B 556 -34.34 -28.17 -4.15
N ILE B 557 -34.25 -29.29 -3.45
CA ILE B 557 -33.29 -29.45 -2.38
C ILE B 557 -32.21 -30.39 -2.93
N THR B 558 -30.95 -29.98 -2.82
CA THR B 558 -29.89 -30.88 -3.25
C THR B 558 -28.85 -31.05 -2.18
N ARG B 559 -28.10 -32.15 -2.25
CA ARG B 559 -27.09 -32.44 -1.24
C ARG B 559 -25.72 -31.90 -1.62
N SER B 560 -25.21 -32.27 -2.79
CA SER B 560 -23.92 -31.75 -3.24
C SER B 560 -24.07 -30.36 -3.85
N THR B 561 -23.31 -29.41 -3.31
CA THR B 561 -23.32 -28.04 -3.79
C THR B 561 -21.95 -27.60 -4.31
N PHE B 562 -21.93 -26.42 -4.92
CA PHE B 562 -20.71 -25.77 -5.40
C PHE B 562 -21.07 -24.33 -5.71
N PRO B 563 -20.10 -23.41 -5.62
CA PRO B 563 -20.56 -22.03 -5.79
C PRO B 563 -21.44 -21.86 -7.04
N SER B 564 -22.58 -21.19 -6.81
CA SER B 564 -23.66 -20.96 -7.77
C SER B 564 -24.77 -22.01 -7.66
N SER B 565 -24.43 -23.21 -7.20
CA SER B 565 -25.40 -24.29 -6.94
C SER B 565 -26.72 -23.74 -6.39
N GLY B 566 -26.65 -22.91 -5.36
CA GLY B 566 -27.83 -22.27 -4.82
C GLY B 566 -28.64 -21.38 -5.74
N ARG B 567 -28.21 -21.26 -6.99
CA ARG B 567 -28.96 -20.46 -7.96
C ARG B 567 -30.27 -21.15 -8.41
N TRP B 568 -30.33 -22.48 -8.30
CA TRP B 568 -31.49 -23.27 -8.77
C TRP B 568 -32.02 -24.15 -7.64
N ALA B 569 -31.35 -24.14 -6.50
CA ALA B 569 -31.71 -25.04 -5.40
C ALA B 569 -31.44 -24.49 -3.99
N GLY B 570 -31.95 -25.23 -3.01
CA GLY B 570 -31.66 -24.99 -1.62
C GLY B 570 -30.85 -26.18 -1.18
N HIS B 571 -30.64 -26.31 0.12
CA HIS B 571 -29.77 -27.35 0.62
C HIS B 571 -30.11 -27.63 2.06
N TRP B 572 -30.01 -28.90 2.43
CA TRP B 572 -30.20 -29.29 3.81
C TRP B 572 -28.84 -29.79 4.24
N LEU B 573 -28.54 -29.70 5.52
CA LEU B 573 -27.18 -29.93 6.00
C LEU B 573 -26.78 -31.40 6.18
N GLY B 574 -27.65 -32.32 5.78
CA GLY B 574 -27.27 -33.72 5.70
C GLY B 574 -27.47 -34.56 6.94
N ASP B 575 -26.71 -35.66 6.98
CA ASP B 575 -26.88 -36.74 7.96
C ASP B 575 -26.38 -36.43 9.37
N ASN B 576 -27.03 -35.48 10.04
CA ASN B 576 -26.68 -35.21 11.42
C ASN B 576 -27.10 -36.40 12.29
N THR B 577 -26.79 -36.34 13.58
CA THR B 577 -27.21 -37.36 14.52
C THR B 577 -28.04 -36.66 15.59
N ALA B 578 -28.94 -37.40 16.21
CA ALA B 578 -29.70 -36.85 17.33
C ALA B 578 -28.78 -36.70 18.56
N ALA B 579 -27.99 -35.63 18.55
CA ALA B 579 -27.12 -35.26 19.68
C ALA B 579 -27.13 -33.75 19.86
N TRP B 580 -26.79 -33.31 21.07
CA TRP B 580 -26.95 -31.90 21.43
C TRP B 580 -26.06 -30.91 20.68
N ASP B 581 -24.81 -31.29 20.44
CA ASP B 581 -23.87 -30.41 19.76
C ASP B 581 -24.40 -30.05 18.38
N GLN B 582 -25.19 -30.96 17.82
CA GLN B 582 -25.64 -30.84 16.42
C GLN B 582 -26.68 -29.73 16.20
N LEU B 583 -27.33 -29.27 17.27
CA LEU B 583 -28.20 -28.11 17.13
C LEU B 583 -27.41 -26.87 16.75
N LYS B 584 -26.44 -26.50 17.59
CA LYS B 584 -25.61 -25.33 17.34
C LYS B 584 -24.97 -25.38 15.94
N LYS B 585 -24.48 -26.55 15.56
CA LYS B 585 -23.81 -26.74 14.26
C LYS B 585 -24.70 -26.34 13.09
N SER B 586 -26.01 -26.52 13.27
CA SER B 586 -26.95 -26.20 12.22
C SER B 586 -27.05 -24.69 12.06
N ILE B 587 -26.91 -23.97 13.18
CA ILE B 587 -26.94 -22.52 13.16
C ILE B 587 -25.76 -22.04 12.34
N ILE B 588 -24.59 -22.61 12.61
CA ILE B 588 -23.42 -22.34 11.80
C ILE B 588 -23.67 -22.67 10.32
N GLY B 589 -23.89 -23.95 10.05
CA GLY B 589 -24.16 -24.42 8.69
C GLY B 589 -25.00 -23.45 7.88
N MET B 590 -26.15 -23.06 8.42
CA MET B 590 -27.01 -22.12 7.73
C MET B 590 -26.26 -20.84 7.43
N MET B 591 -25.80 -20.17 8.48
CA MET B 591 -25.01 -18.96 8.35
C MET B 591 -23.96 -19.09 7.24
N GLU B 592 -23.11 -20.11 7.33
CA GLU B 592 -22.07 -20.30 6.32
C GLU B 592 -22.70 -20.39 4.93
N PHE B 593 -23.79 -21.13 4.83
CA PHE B 593 -24.41 -21.27 3.52
C PHE B 593 -24.94 -19.95 2.95
N SER B 594 -25.42 -19.04 3.80
CA SER B 594 -25.85 -17.72 3.31
C SER B 594 -24.67 -17.07 2.62
N LEU B 595 -23.51 -17.13 3.25
CA LEU B 595 -22.28 -16.66 2.64
C LEU B 595 -22.03 -17.34 1.31
N PHE B 596 -22.25 -18.65 1.25
CA PHE B 596 -21.94 -19.43 0.05
C PHE B 596 -22.95 -19.20 -1.06
N GLY B 597 -24.02 -18.45 -0.75
CA GLY B 597 -24.98 -17.99 -1.74
C GLY B 597 -26.24 -18.82 -1.91
N ILE B 598 -26.61 -19.49 -0.82
CA ILE B 598 -27.73 -20.43 -0.78
C ILE B 598 -28.66 -20.13 0.40
N SER B 599 -29.77 -19.44 0.12
CA SER B 599 -30.65 -18.89 1.15
C SER B 599 -31.57 -19.92 1.81
N TYR B 600 -31.92 -20.97 1.08
CA TYR B 600 -32.94 -21.94 1.52
C TYR B 600 -32.33 -23.21 2.11
N THR B 601 -32.07 -23.20 3.41
CA THR B 601 -31.32 -24.29 4.05
C THR B 601 -31.76 -24.54 5.47
N GLY B 602 -31.35 -25.69 5.99
CA GLY B 602 -31.70 -26.15 7.33
C GLY B 602 -31.10 -27.51 7.61
N ALA B 603 -31.26 -27.98 8.84
CA ALA B 603 -30.85 -29.35 9.21
C ALA B 603 -32.07 -30.22 9.44
N ASP B 604 -31.84 -31.52 9.56
CA ASP B 604 -32.93 -32.47 9.83
C ASP B 604 -33.31 -32.34 11.30
N ILE B 605 -34.41 -31.64 11.54
CA ILE B 605 -34.89 -31.39 12.88
C ILE B 605 -35.02 -32.68 13.71
N CYS B 606 -34.52 -32.62 14.95
CA CYS B 606 -34.57 -33.74 15.89
C CYS B 606 -33.49 -34.79 15.63
N GLY B 607 -32.86 -34.72 14.47
CA GLY B 607 -31.69 -35.54 14.21
C GLY B 607 -31.97 -36.78 13.39
N PHE B 608 -31.33 -36.83 12.23
CA PHE B 608 -31.42 -37.98 11.34
C PHE B 608 -30.96 -39.25 12.04
N PHE B 609 -29.64 -39.47 12.05
CA PHE B 609 -29.09 -40.69 12.66
C PHE B 609 -29.45 -40.81 14.13
N GLN B 610 -29.86 -42.01 14.53
CA GLN B 610 -30.10 -42.33 15.93
C GLN B 610 -31.48 -41.90 16.46
N ASP B 611 -31.84 -42.49 17.60
CA ASP B 611 -33.16 -42.28 18.20
C ASP B 611 -33.23 -40.90 18.84
N ALA B 612 -34.30 -40.18 18.55
CA ALA B 612 -34.52 -38.87 19.16
C ALA B 612 -34.92 -39.00 20.64
N GLU B 613 -34.45 -38.08 21.47
CA GLU B 613 -34.92 -38.04 22.85
C GLU B 613 -35.95 -36.92 22.98
N TYR B 614 -36.80 -36.99 23.99
CA TYR B 614 -37.87 -36.00 24.17
C TYR B 614 -37.37 -34.53 24.25
N GLU B 615 -36.63 -34.20 25.31
CA GLU B 615 -36.20 -32.81 25.55
C GLU B 615 -35.40 -32.19 24.40
N MET B 616 -34.44 -32.93 23.87
CA MET B 616 -33.63 -32.43 22.76
C MET B 616 -34.54 -32.05 21.62
N CYS B 617 -35.59 -32.84 21.42
CA CYS B 617 -36.47 -32.66 20.29
C CYS B 617 -37.45 -31.49 20.45
N VAL B 618 -37.82 -31.18 21.70
CA VAL B 618 -38.65 -30.02 21.95
C VAL B 618 -37.81 -28.80 21.63
N ARG B 619 -36.54 -28.87 22.01
CA ARG B 619 -35.61 -27.77 21.81
C ARG B 619 -35.30 -27.58 20.33
N TRP B 620 -35.33 -28.68 19.59
CA TRP B 620 -34.90 -28.66 18.19
C TRP B 620 -36.05 -28.22 17.32
N MET B 621 -37.26 -28.61 17.69
CA MET B 621 -38.42 -28.15 16.95
C MET B 621 -38.56 -26.63 17.11
N GLN B 622 -38.14 -26.13 18.26
CA GLN B 622 -38.21 -24.70 18.52
C GLN B 622 -37.16 -23.94 17.70
N LEU B 623 -35.97 -24.52 17.63
CA LEU B 623 -34.90 -23.94 16.83
C LEU B 623 -35.26 -24.08 15.36
N GLY B 624 -35.45 -25.33 14.94
CA GLY B 624 -35.74 -25.64 13.55
C GLY B 624 -36.98 -24.96 12.99
N ALA B 625 -37.90 -24.59 13.88
CA ALA B 625 -39.10 -23.87 13.47
C ALA B 625 -38.73 -22.57 12.78
N PHE B 626 -37.44 -22.27 12.76
CA PHE B 626 -36.97 -21.03 12.16
C PHE B 626 -35.86 -21.22 11.14
N TYR B 627 -35.54 -22.47 10.82
CA TYR B 627 -34.76 -22.73 9.61
C TYR B 627 -35.63 -22.26 8.46
N PRO B 628 -35.00 -21.68 7.40
CA PRO B 628 -35.76 -21.41 6.18
C PRO B 628 -36.37 -22.70 5.66
N PHE B 629 -35.56 -23.74 5.65
CA PHE B 629 -35.99 -25.07 5.24
C PHE B 629 -36.30 -25.89 6.49
N SER B 630 -37.53 -25.77 7.00
CA SER B 630 -37.84 -26.41 8.26
C SER B 630 -38.42 -27.82 8.10
N ARG B 631 -37.56 -28.84 8.14
CA ARG B 631 -38.00 -30.23 7.93
C ARG B 631 -37.58 -31.21 9.03
N ASN B 632 -38.54 -32.00 9.50
CA ASN B 632 -38.24 -33.08 10.44
C ASN B 632 -38.05 -34.39 9.68
N HIS B 633 -36.79 -34.79 9.56
CA HIS B 633 -36.43 -35.99 8.81
C HIS B 633 -35.60 -36.93 9.71
N ASN B 634 -35.51 -38.19 9.32
CA ASN B 634 -35.02 -39.21 10.22
C ASN B 634 -34.61 -40.47 9.47
N THR B 635 -33.58 -41.15 9.97
CA THR B 635 -33.06 -42.35 9.29
C THR B 635 -34.00 -43.54 9.48
N ILE B 636 -33.59 -44.70 8.97
CA ILE B 636 -34.48 -45.85 8.85
C ILE B 636 -34.87 -46.52 10.18
N GLY B 637 -34.01 -47.37 10.72
CA GLY B 637 -34.36 -48.18 11.89
C GLY B 637 -34.72 -47.44 13.17
N THR B 638 -34.32 -46.18 13.28
CA THR B 638 -34.62 -45.37 14.47
C THR B 638 -36.12 -45.35 14.77
N ARG B 639 -36.48 -45.03 16.02
CA ARG B 639 -37.87 -44.74 16.38
C ARG B 639 -38.34 -43.44 15.73
N ARG B 640 -39.64 -43.32 15.49
CA ARG B 640 -40.18 -42.11 14.86
C ARG B 640 -40.11 -40.91 15.81
N GLN B 641 -39.83 -39.74 15.24
CA GLN B 641 -39.56 -38.56 16.03
C GLN B 641 -40.41 -37.35 15.63
N ASP B 642 -41.44 -37.57 14.82
CA ASP B 642 -42.32 -36.47 14.44
C ASP B 642 -43.11 -36.00 15.66
N PRO B 643 -43.69 -34.78 15.58
CA PRO B 643 -44.43 -34.11 16.66
C PRO B 643 -45.61 -34.89 17.25
N VAL B 644 -46.31 -35.67 16.43
CA VAL B 644 -47.40 -36.48 16.95
C VAL B 644 -46.94 -37.90 17.28
N SER B 645 -45.74 -38.03 17.83
CA SER B 645 -45.22 -39.34 18.20
C SER B 645 -44.57 -39.24 19.56
N TRP B 646 -44.90 -38.16 20.27
CA TRP B 646 -44.39 -38.00 21.62
C TRP B 646 -45.52 -38.05 22.63
N ASP B 647 -46.08 -36.87 22.94
CA ASP B 647 -47.27 -36.81 23.79
C ASP B 647 -48.00 -35.48 23.69
N VAL B 648 -49.11 -35.40 24.42
CA VAL B 648 -49.96 -34.21 24.42
C VAL B 648 -49.14 -32.98 24.74
N ALA B 649 -48.20 -33.14 25.67
CA ALA B 649 -47.32 -32.03 26.07
C ALA B 649 -46.48 -31.53 24.91
N PHE B 650 -45.92 -32.49 24.17
CA PHE B 650 -45.13 -32.15 23.00
C PHE B 650 -46.03 -31.46 22.00
N VAL B 651 -46.99 -32.21 21.45
CA VAL B 651 -47.89 -31.66 20.45
C VAL B 651 -48.20 -30.19 20.70
N ASN B 652 -48.77 -29.89 21.87
CA ASN B 652 -49.17 -28.52 22.18
C ASN B 652 -48.04 -27.50 21.98
N ILE B 653 -46.83 -27.84 22.43
CA ILE B 653 -45.65 -26.99 22.20
C ILE B 653 -45.37 -26.80 20.72
N SER B 654 -45.26 -27.91 20.01
CA SER B 654 -45.05 -27.90 18.57
C SER B 654 -46.02 -26.95 17.87
N ARG B 655 -47.30 -27.03 18.26
CA ARG B 655 -48.32 -26.15 17.70
C ARG B 655 -47.93 -24.68 17.85
N THR B 656 -47.69 -24.27 19.09
CA THR B 656 -47.42 -22.87 19.39
C THR B 656 -46.27 -22.32 18.53
N VAL B 657 -45.12 -22.97 18.63
CA VAL B 657 -43.93 -22.47 17.95
C VAL B 657 -44.15 -22.46 16.43
N LEU B 658 -44.75 -23.52 15.90
CA LEU B 658 -45.01 -23.57 14.46
C LEU B 658 -45.92 -22.42 14.06
N GLN B 659 -46.90 -22.14 14.90
CA GLN B 659 -47.83 -21.04 14.63
C GLN B 659 -47.02 -19.78 14.41
N THR B 660 -46.16 -19.49 15.38
CA THR B 660 -45.32 -18.31 15.34
C THR B 660 -44.67 -18.17 13.97
N ARG B 661 -44.07 -19.27 13.51
CA ARG B 661 -43.38 -19.27 12.22
C ARG B 661 -44.32 -19.00 11.05
N TYR B 662 -45.53 -19.53 11.12
CA TYR B 662 -46.50 -19.31 10.06
C TYR B 662 -46.99 -17.87 10.07
N THR B 663 -46.60 -17.16 11.13
CA THR B 663 -46.95 -15.76 11.29
C THR B 663 -45.90 -14.89 10.61
N LEU B 664 -44.64 -15.29 10.77
CA LEU B 664 -43.53 -14.56 10.20
C LEU B 664 -43.44 -14.72 8.69
N LEU B 665 -44.21 -15.69 8.18
CA LEU B 665 -44.08 -16.11 6.78
C LEU B 665 -44.02 -14.96 5.77
N PRO B 666 -44.92 -13.98 5.88
CA PRO B 666 -44.85 -12.85 4.94
C PRO B 666 -43.51 -12.13 5.01
N TYR B 667 -42.95 -12.06 6.21
CA TYR B 667 -41.62 -11.50 6.40
C TYR B 667 -40.60 -12.48 5.83
N LEU B 668 -40.70 -13.75 6.23
CA LEU B 668 -39.76 -14.76 5.74
C LEU B 668 -39.78 -14.85 4.22
N TYR B 669 -40.95 -14.66 3.63
CA TYR B 669 -41.08 -14.69 2.18
C TYR B 669 -40.42 -13.45 1.52
N THR B 670 -40.65 -12.26 2.05
CA THR B 670 -40.03 -11.08 1.46
C THR B 670 -38.51 -11.15 1.55
N LEU B 671 -37.99 -11.60 2.69
CA LEU B 671 -36.55 -11.82 2.80
C LEU B 671 -36.08 -12.65 1.61
N MET B 672 -36.77 -13.77 1.38
CA MET B 672 -36.50 -14.63 0.24
C MET B 672 -36.57 -13.86 -1.07
N HIS B 673 -37.56 -12.98 -1.18
CA HIS B 673 -37.61 -12.09 -2.33
C HIS B 673 -36.39 -11.17 -2.41
N LYS B 674 -35.95 -10.62 -1.28
CA LYS B 674 -34.89 -9.63 -1.27
C LYS B 674 -33.54 -10.28 -1.54
N ALA B 675 -33.35 -11.47 -0.99
CA ALA B 675 -32.15 -12.23 -1.27
C ALA B 675 -32.11 -12.63 -2.73
N HIS B 676 -33.26 -12.93 -3.33
CA HIS B 676 -33.23 -13.30 -4.74
C HIS B 676 -32.94 -12.08 -5.64
N THR B 677 -33.50 -10.94 -5.24
CA THR B 677 -33.40 -9.72 -6.04
C THR B 677 -32.16 -8.92 -5.74
N GLU B 678 -31.67 -8.98 -4.50
CA GLU B 678 -30.61 -8.07 -4.02
C GLU B 678 -29.26 -8.72 -3.66
N GLY B 679 -29.26 -10.02 -3.38
CA GLY B 679 -28.04 -10.72 -3.03
C GLY B 679 -27.86 -10.81 -1.53
N VAL B 680 -28.56 -9.91 -0.83
CA VAL B 680 -28.69 -9.89 0.62
C VAL B 680 -28.82 -11.31 1.26
N THR B 681 -28.70 -11.40 2.59
CA THR B 681 -28.82 -12.68 3.29
C THR B 681 -30.16 -12.87 3.99
N VAL B 682 -30.50 -14.13 4.23
CA VAL B 682 -31.74 -14.50 4.92
C VAL B 682 -31.38 -14.88 6.35
N VAL B 683 -30.88 -16.10 6.55
CA VAL B 683 -30.22 -16.41 7.83
C VAL B 683 -28.96 -15.54 7.88
N ARG B 684 -28.91 -14.66 8.88
CA ARG B 684 -27.90 -13.62 8.92
C ARG B 684 -27.32 -13.50 10.32
N PRO B 685 -25.98 -13.64 10.43
CA PRO B 685 -25.22 -13.55 11.69
C PRO B 685 -25.36 -12.17 12.25
N LEU B 686 -25.44 -12.02 13.56
CA LEU B 686 -25.60 -10.69 14.14
C LEU B 686 -24.54 -9.75 13.61
N LEU B 687 -23.33 -10.28 13.50
CA LEU B 687 -22.20 -9.45 13.09
C LEU B 687 -22.38 -8.81 11.71
N HIS B 688 -23.36 -9.26 10.92
CA HIS B 688 -23.64 -8.63 9.64
C HIS B 688 -24.39 -7.30 9.80
N GLU B 689 -25.21 -7.22 10.85
CA GLU B 689 -26.02 -6.03 11.15
C GLU B 689 -25.46 -5.11 12.25
N PHE B 690 -24.39 -5.55 12.93
CA PHE B 690 -23.76 -4.79 14.00
C PHE B 690 -22.25 -5.02 13.99
N VAL B 691 -21.57 -4.69 12.89
CA VAL B 691 -20.16 -5.04 12.77
C VAL B 691 -19.26 -4.33 13.75
N SER B 692 -19.60 -3.08 14.05
CA SER B 692 -18.81 -2.24 14.93
C SER B 692 -18.71 -2.81 16.35
N ASP B 693 -19.62 -3.72 16.67
CA ASP B 693 -19.61 -4.38 17.97
C ASP B 693 -18.88 -5.71 17.89
N GLN B 694 -17.68 -5.75 18.44
CA GLN B 694 -16.79 -6.90 18.27
C GLN B 694 -17.27 -8.13 19.04
N VAL B 695 -18.18 -7.91 19.99
CA VAL B 695 -18.79 -9.02 20.72
C VAL B 695 -19.47 -10.00 19.75
N THR B 696 -20.04 -9.43 18.69
CA THR B 696 -20.86 -10.20 17.75
C THR B 696 -20.02 -10.99 16.75
N TRP B 697 -18.79 -10.54 16.52
CA TRP B 697 -17.85 -11.25 15.68
C TRP B 697 -17.73 -12.72 16.07
N ASP B 698 -17.97 -13.01 17.35
CA ASP B 698 -17.74 -14.35 17.87
C ASP B 698 -19.02 -15.10 18.19
N ILE B 699 -20.13 -14.40 18.37
CA ILE B 699 -21.37 -15.10 18.73
C ILE B 699 -21.94 -15.91 17.56
N ASP B 700 -22.22 -17.18 17.82
CA ASP B 700 -22.64 -18.12 16.78
C ASP B 700 -23.66 -19.11 17.32
N SER B 701 -24.21 -18.78 18.48
CA SER B 701 -25.16 -19.63 19.16
C SER B 701 -26.53 -18.93 19.16
N GLN B 702 -26.65 -17.92 18.32
CA GLN B 702 -27.93 -17.27 18.04
C GLN B 702 -27.81 -16.55 16.69
N PHE B 703 -28.96 -16.22 16.09
CA PHE B 703 -28.91 -15.72 14.73
C PHE B 703 -30.09 -14.82 14.39
N LEU B 704 -29.95 -14.12 13.27
CA LEU B 704 -31.03 -13.26 12.77
C LEU B 704 -31.73 -13.88 11.56
N LEU B 705 -33.02 -13.62 11.46
CA LEU B 705 -33.71 -13.80 10.19
C LEU B 705 -33.85 -12.39 9.60
N GLY B 706 -33.25 -12.18 8.43
CA GLY B 706 -33.18 -10.84 7.89
C GLY B 706 -32.50 -9.94 8.89
N PRO B 707 -32.78 -8.63 8.82
CA PRO B 707 -32.16 -7.66 9.73
C PRO B 707 -32.83 -7.57 11.09
N ALA B 708 -34.14 -7.77 11.18
CA ALA B 708 -34.84 -7.43 12.42
C ALA B 708 -35.37 -8.60 13.28
N PHE B 709 -35.14 -9.85 12.88
CA PHE B 709 -35.62 -10.97 13.71
C PHE B 709 -34.51 -11.76 14.42
N LEU B 710 -34.42 -11.59 15.74
CA LEU B 710 -33.33 -12.15 16.51
C LEU B 710 -33.76 -13.41 17.26
N VAL B 711 -33.21 -14.53 16.82
CA VAL B 711 -33.52 -15.83 17.40
C VAL B 711 -32.44 -16.27 18.40
N SER B 712 -32.90 -16.63 19.60
CA SER B 712 -32.02 -16.89 20.75
C SER B 712 -32.35 -18.27 21.37
N PRO B 713 -31.88 -19.32 20.70
CA PRO B 713 -32.20 -20.73 21.00
C PRO B 713 -31.58 -21.23 22.29
N VAL B 714 -32.28 -22.15 22.95
CA VAL B 714 -31.71 -22.91 24.05
C VAL B 714 -31.05 -24.14 23.47
N LEU B 715 -29.77 -24.36 23.76
CA LEU B 715 -29.03 -25.43 23.08
C LEU B 715 -28.38 -26.41 24.04
N GLU B 716 -28.88 -26.46 25.26
CA GLU B 716 -28.33 -27.35 26.28
C GLU B 716 -29.46 -28.11 26.97
N ARG B 717 -29.18 -29.34 27.37
CA ARG B 717 -30.22 -30.23 27.85
C ARG B 717 -31.05 -29.65 28.99
N ASN B 718 -30.56 -29.80 30.22
CA ASN B 718 -31.37 -29.50 31.38
C ASN B 718 -31.76 -28.02 31.48
N ALA B 719 -31.00 -27.18 30.79
CA ALA B 719 -31.21 -25.73 30.84
C ALA B 719 -32.67 -25.33 30.59
N ARG B 720 -33.20 -24.52 31.50
CA ARG B 720 -34.48 -23.88 31.23
C ARG B 720 -34.36 -22.35 31.36
N ASN B 721 -33.12 -21.85 31.22
CA ASN B 721 -32.85 -20.43 31.05
C ASN B 721 -31.76 -20.27 29.96
N VAL B 722 -31.53 -19.05 29.46
CA VAL B 722 -30.43 -18.83 28.51
C VAL B 722 -29.79 -17.46 28.62
N THR B 723 -28.48 -17.43 28.42
CA THR B 723 -27.76 -16.18 28.33
C THR B 723 -27.57 -15.86 26.85
N ALA B 724 -28.16 -14.75 26.40
CA ALA B 724 -28.00 -14.33 25.02
C ALA B 724 -27.53 -12.89 24.94
N TYR B 725 -26.82 -12.58 23.87
CA TYR B 725 -26.36 -11.21 23.66
C TYR B 725 -27.41 -10.38 22.95
N PHE B 726 -27.44 -9.10 23.31
CA PHE B 726 -28.36 -8.13 22.72
C PHE B 726 -27.60 -6.86 22.39
N PRO B 727 -27.24 -6.69 21.12
CA PRO B 727 -26.49 -5.53 20.63
C PRO B 727 -27.14 -4.17 21.00
N ARG B 728 -26.52 -3.07 20.58
CA ARG B 728 -27.01 -1.73 20.91
C ARG B 728 -28.20 -1.32 20.04
N ALA B 729 -29.41 -1.61 20.52
CA ALA B 729 -30.66 -1.27 19.84
C ALA B 729 -31.83 -1.82 20.66
N ARG B 730 -33.06 -1.47 20.29
CA ARG B 730 -34.22 -1.93 21.06
C ARG B 730 -34.66 -3.33 20.64
N TRP B 731 -34.77 -4.23 21.61
CA TRP B 731 -35.16 -5.61 21.31
C TRP B 731 -36.50 -5.97 21.93
N TYR B 732 -37.55 -5.92 21.12
CA TYR B 732 -38.90 -6.20 21.61
C TYR B 732 -39.22 -7.69 21.59
N ASP B 733 -39.63 -8.23 22.74
CA ASP B 733 -40.06 -9.62 22.76
C ASP B 733 -41.25 -9.77 21.81
N TYR B 734 -41.12 -10.69 20.86
CA TYR B 734 -42.13 -10.92 19.83
C TYR B 734 -43.50 -11.33 20.39
N TYR B 735 -43.49 -12.03 21.53
CA TYR B 735 -44.73 -12.49 22.14
C TYR B 735 -45.46 -11.34 22.83
N THR B 736 -44.77 -10.64 23.72
CA THR B 736 -45.41 -9.65 24.60
C THR B 736 -45.46 -8.22 24.07
N GLY B 737 -44.45 -7.84 23.28
CA GLY B 737 -44.37 -6.49 22.75
C GLY B 737 -43.44 -5.59 23.55
N VAL B 738 -42.98 -6.08 24.70
CA VAL B 738 -42.18 -5.28 25.62
C VAL B 738 -40.69 -5.27 25.25
N ASP B 739 -40.04 -4.10 25.36
CA ASP B 739 -38.60 -4.01 25.14
C ASP B 739 -37.81 -4.65 26.29
N ILE B 740 -36.86 -5.50 25.93
CA ILE B 740 -36.05 -6.22 26.90
C ILE B 740 -35.16 -5.23 27.64
N ASN B 741 -34.67 -4.23 26.91
CA ASN B 741 -33.85 -3.15 27.44
C ASN B 741 -32.45 -3.58 27.83
N ALA B 742 -31.86 -4.43 27.01
CA ALA B 742 -30.42 -4.62 27.05
C ALA B 742 -29.87 -3.87 25.84
N ARG B 743 -28.61 -3.44 25.95
CA ARG B 743 -27.98 -2.67 24.89
C ARG B 743 -26.50 -2.92 24.92
N GLY B 744 -26.01 -3.72 23.98
CA GLY B 744 -24.64 -4.17 24.01
C GLY B 744 -24.37 -4.92 25.30
N GLU B 745 -25.42 -5.57 25.81
CA GLU B 745 -25.38 -6.28 27.08
C GLU B 745 -25.75 -7.73 26.92
N TRP B 746 -25.18 -8.56 27.79
CA TRP B 746 -25.60 -9.95 27.88
C TRP B 746 -26.66 -10.06 28.94
N LYS B 747 -27.83 -10.56 28.58
CA LYS B 747 -28.87 -10.83 29.57
C LYS B 747 -29.17 -12.32 29.69
N THR B 748 -29.58 -12.73 30.90
CA THR B 748 -30.10 -14.07 31.07
C THR B 748 -31.61 -14.04 31.15
N LEU B 749 -32.24 -14.48 30.06
CA LEU B 749 -33.68 -14.45 29.95
C LEU B 749 -34.19 -15.83 30.31
N PRO B 750 -35.41 -15.89 30.86
CA PRO B 750 -35.97 -17.19 31.24
C PRO B 750 -36.34 -17.95 29.98
N ALA B 751 -36.07 -19.25 29.96
CA ALA B 751 -36.37 -20.06 28.79
C ALA B 751 -36.99 -21.39 29.18
N PRO B 752 -38.28 -21.37 29.58
CA PRO B 752 -39.01 -22.60 29.95
C PRO B 752 -39.04 -23.61 28.80
N LEU B 753 -39.39 -24.86 29.11
CA LEU B 753 -39.37 -25.92 28.10
C LEU B 753 -40.47 -25.75 27.05
N ASP B 754 -41.36 -24.79 27.25
CA ASP B 754 -42.41 -24.51 26.27
C ASP B 754 -42.09 -23.27 25.40
N HIS B 755 -41.02 -22.57 25.76
CA HIS B 755 -40.80 -21.23 25.24
C HIS B 755 -39.45 -21.11 24.55
N ILE B 756 -39.44 -20.47 23.38
CA ILE B 756 -38.20 -20.01 22.76
C ILE B 756 -38.20 -18.49 22.62
N ASN B 757 -37.05 -17.87 22.88
CA ASN B 757 -36.93 -16.41 22.83
C ASN B 757 -36.77 -15.83 21.43
N LEU B 758 -37.64 -14.88 21.09
CA LEU B 758 -37.55 -14.19 19.81
C LEU B 758 -37.78 -12.70 20.06
N HIS B 759 -36.96 -11.86 19.45
CA HIS B 759 -37.07 -10.43 19.65
C HIS B 759 -37.02 -9.65 18.34
N VAL B 760 -37.80 -8.57 18.26
CA VAL B 760 -37.81 -7.74 17.06
C VAL B 760 -37.02 -6.45 17.21
N ARG B 761 -36.08 -6.26 16.29
CA ARG B 761 -35.20 -5.10 16.29
C ARG B 761 -35.98 -3.79 16.09
N GLY B 762 -35.79 -2.85 16.99
CA GLY B 762 -36.42 -1.55 16.89
C GLY B 762 -35.99 -0.85 15.62
N GLY B 763 -36.94 -0.22 14.93
CA GLY B 763 -36.65 0.49 13.70
C GLY B 763 -37.19 -0.24 12.48
N TYR B 764 -37.94 -1.31 12.73
CA TYR B 764 -38.43 -2.14 11.64
C TYR B 764 -39.91 -2.46 11.80
N ILE B 765 -40.64 -2.49 10.68
CA ILE B 765 -42.00 -3.05 10.68
C ILE B 765 -42.03 -4.43 10.00
N LEU B 766 -42.63 -5.39 10.70
CA LEU B 766 -42.79 -6.77 10.23
C LEU B 766 -44.23 -7.04 9.79
N PRO B 767 -44.41 -7.47 8.52
CA PRO B 767 -45.75 -7.90 8.07
C PRO B 767 -45.99 -9.31 8.55
N TRP B 768 -47.12 -9.56 9.20
CA TRP B 768 -47.44 -10.92 9.65
C TRP B 768 -48.82 -11.34 9.17
N GLN B 769 -49.20 -12.57 9.49
CA GLN B 769 -50.48 -13.09 9.04
C GLN B 769 -50.86 -14.31 9.86
N GLU B 770 -52.16 -14.46 10.09
CA GLU B 770 -52.64 -15.44 11.02
C GLU B 770 -52.27 -16.86 10.61
N PRO B 771 -51.86 -17.67 11.60
CA PRO B 771 -51.47 -19.08 11.44
C PRO B 771 -52.64 -20.00 11.06
N ALA B 772 -52.52 -20.65 9.91
CA ALA B 772 -53.47 -21.67 9.48
C ALA B 772 -52.91 -23.06 9.74
N LEU B 773 -53.40 -24.04 8.98
CA LEU B 773 -52.88 -25.40 9.09
C LEU B 773 -51.96 -25.69 7.90
N ASN B 774 -52.01 -24.78 6.93
CA ASN B 774 -51.09 -24.83 5.79
C ASN B 774 -51.24 -23.53 5.03
N THR B 775 -50.18 -23.14 4.32
CA THR B 775 -50.13 -21.84 3.69
C THR B 775 -51.33 -21.56 2.80
N HIS B 776 -52.06 -22.61 2.39
CA HIS B 776 -53.27 -22.42 1.60
C HIS B 776 -54.37 -21.74 2.41
N LEU B 777 -54.68 -22.31 3.57
CA LEU B 777 -55.60 -21.68 4.52
C LEU B 777 -55.04 -20.36 5.07
N SER B 778 -53.72 -20.29 5.17
CA SER B 778 -53.05 -19.15 5.78
C SER B 778 -53.17 -17.88 4.93
N ARG B 779 -52.87 -18.00 3.64
CA ARG B 779 -52.89 -16.82 2.74
C ARG B 779 -54.29 -16.20 2.64
N GLN B 780 -55.29 -16.93 3.13
CA GLN B 780 -56.64 -16.40 3.08
C GLN B 780 -56.98 -15.56 4.31
N LYS B 781 -56.43 -15.94 5.46
CA LYS B 781 -56.66 -15.21 6.70
C LYS B 781 -56.14 -13.75 6.69
N PHE B 782 -56.17 -13.12 7.87
CA PHE B 782 -55.88 -11.69 8.00
C PHE B 782 -54.39 -11.34 8.09
N MET B 783 -54.03 -10.26 7.41
CA MET B 783 -52.68 -9.72 7.38
C MET B 783 -52.49 -8.76 8.56
N GLY B 784 -51.37 -8.88 9.26
CA GLY B 784 -51.10 -7.98 10.37
C GLY B 784 -49.90 -7.08 10.17
N PHE B 785 -49.74 -6.13 11.08
CA PHE B 785 -48.51 -5.33 11.13
C PHE B 785 -47.92 -5.39 12.52
N LYS B 786 -46.60 -5.34 12.57
CA LYS B 786 -45.93 -5.18 13.85
C LYS B 786 -44.90 -4.09 13.65
N ILE B 787 -45.24 -2.91 14.13
CA ILE B 787 -44.37 -1.74 14.03
C ILE B 787 -43.52 -1.62 15.30
N ALA B 788 -42.29 -2.11 15.22
CA ALA B 788 -41.39 -2.09 16.35
C ALA B 788 -40.60 -0.80 16.35
N LEU B 789 -41.23 0.27 16.85
CA LEU B 789 -40.56 1.55 16.97
C LEU B 789 -39.35 1.40 17.85
N ASP B 790 -38.33 2.20 17.57
CA ASP B 790 -37.22 2.31 18.48
C ASP B 790 -36.99 3.79 18.79
N ASP B 791 -36.86 4.11 20.07
CA ASP B 791 -36.38 5.43 20.41
C ASP B 791 -35.07 5.51 19.65
N GLU B 792 -34.51 4.33 19.40
CA GLU B 792 -33.25 4.10 18.71
C GLU B 792 -33.36 4.27 17.17
N GLY B 793 -34.59 4.24 16.67
CA GLY B 793 -34.89 4.43 15.26
C GLY B 793 -36.39 4.24 15.15
N THR B 794 -37.08 5.13 14.45
CA THR B 794 -38.54 5.04 14.39
C THR B 794 -39.06 3.73 13.79
N ALA B 795 -39.06 3.60 12.45
CA ALA B 795 -39.43 2.33 11.82
C ALA B 795 -39.36 2.32 10.27
N GLY B 796 -38.82 1.24 9.73
CA GLY B 796 -38.80 0.98 8.29
C GLY B 796 -39.20 -0.47 8.05
N GLY B 797 -39.79 -0.76 6.89
CA GLY B 797 -40.25 -2.12 6.61
C GLY B 797 -40.56 -2.40 5.15
N TRP B 798 -40.77 -3.68 4.83
CA TRP B 798 -41.08 -4.10 3.46
C TRP B 798 -42.01 -5.29 3.44
N LEU B 799 -42.90 -5.30 2.45
CA LEU B 799 -43.71 -6.48 2.11
C LEU B 799 -43.75 -6.73 0.60
N PHE B 800 -43.62 -8.00 0.23
CA PHE B 800 -43.72 -8.41 -1.16
C PHE B 800 -44.77 -9.54 -1.27
N TRP B 801 -45.85 -9.31 -2.03
CA TRP B 801 -46.89 -10.35 -2.26
C TRP B 801 -46.97 -10.88 -3.68
N ASP B 802 -47.32 -12.16 -3.74
CA ASP B 802 -47.16 -12.97 -4.93
C ASP B 802 -48.28 -14.01 -4.97
N ASP B 803 -48.57 -14.55 -6.14
CA ASP B 803 -49.46 -15.72 -6.17
C ASP B 803 -48.74 -16.89 -5.49
N GLY B 804 -47.48 -16.66 -5.16
CA GLY B 804 -46.70 -17.54 -4.31
C GLY B 804 -46.28 -18.86 -4.94
N GLN B 805 -46.30 -18.93 -6.27
CA GLN B 805 -46.01 -20.20 -6.95
C GLN B 805 -45.64 -20.07 -8.43
N SER B 806 -46.02 -18.96 -9.05
CA SER B 806 -45.76 -18.77 -10.47
C SER B 806 -44.28 -18.55 -10.76
N ILE B 807 -43.87 -18.87 -11.98
CA ILE B 807 -42.48 -18.69 -12.41
C ILE B 807 -42.15 -17.23 -12.66
N ASP B 808 -41.04 -16.76 -12.07
CA ASP B 808 -40.51 -15.43 -12.36
C ASP B 808 -41.56 -14.35 -12.20
N THR B 809 -42.30 -14.41 -11.11
CA THR B 809 -43.40 -13.47 -10.89
C THR B 809 -42.91 -12.03 -10.89
N TYR B 810 -41.87 -11.78 -10.09
CA TYR B 810 -41.25 -10.47 -10.02
C TYR B 810 -40.73 -10.05 -11.40
N GLY B 811 -39.96 -10.94 -12.03
CA GLY B 811 -39.34 -10.67 -13.31
C GLY B 811 -40.26 -10.33 -14.48
N LYS B 812 -41.52 -10.73 -14.41
CA LYS B 812 -42.45 -10.43 -15.50
C LYS B 812 -43.92 -10.41 -15.06
N GLY B 813 -44.31 -9.32 -14.40
CA GLY B 813 -45.72 -9.01 -14.25
C GLY B 813 -46.30 -8.93 -12.86
N LEU B 814 -46.79 -10.05 -12.36
CA LEU B 814 -47.69 -10.03 -11.22
C LEU B 814 -46.98 -10.19 -9.88
N TYR B 815 -46.74 -9.05 -9.24
CA TYR B 815 -46.24 -9.05 -7.87
C TYR B 815 -46.68 -7.77 -7.17
N TYR B 816 -46.40 -7.67 -5.88
CA TYR B 816 -46.73 -6.48 -5.13
C TYR B 816 -45.59 -6.11 -4.21
N LEU B 817 -45.16 -4.87 -4.28
CA LEU B 817 -43.99 -4.41 -3.54
C LEU B 817 -44.30 -3.12 -2.78
N ALA B 818 -44.28 -3.21 -1.46
CA ALA B 818 -44.64 -2.07 -0.63
C ALA B 818 -43.62 -1.84 0.48
N SER B 819 -43.13 -0.61 0.56
CA SER B 819 -42.24 -0.21 1.65
C SER B 819 -43.06 0.57 2.67
N PHE B 820 -42.75 0.36 3.94
CA PHE B 820 -43.52 0.96 5.02
C PHE B 820 -42.58 1.79 5.87
N SER B 821 -43.11 2.86 6.45
CA SER B 821 -42.28 3.79 7.21
C SER B 821 -43.07 4.55 8.26
N ALA B 822 -42.55 4.57 9.50
CA ALA B 822 -43.22 5.29 10.57
C ALA B 822 -42.33 6.41 11.11
N SER B 823 -42.66 7.65 10.77
CA SER B 823 -41.90 8.81 11.24
C SER B 823 -42.35 9.25 12.65
N GLN B 824 -43.48 9.94 12.72
CA GLN B 824 -43.91 10.52 13.98
C GLN B 824 -45.27 10.01 14.47
N ASN B 825 -45.21 9.05 15.39
CA ASN B 825 -46.41 8.44 15.99
C ASN B 825 -47.30 7.74 14.95
N THR B 826 -46.96 7.97 13.67
CA THR B 826 -47.74 7.55 12.51
C THR B 826 -46.98 6.68 11.48
N MET B 827 -47.62 5.59 11.06
CA MET B 827 -47.07 4.73 10.01
C MET B 827 -47.72 5.03 8.65
N GLN B 828 -46.90 5.10 7.61
CA GLN B 828 -47.37 5.46 6.28
C GLN B 828 -46.97 4.39 5.26
N SER B 829 -47.83 4.13 4.29
CA SER B 829 -47.59 3.06 3.33
C SER B 829 -47.39 3.56 1.89
N HIS B 830 -46.29 3.13 1.28
CA HIS B 830 -45.97 3.53 -0.09
C HIS B 830 -45.85 2.33 -1.03
N ILE B 831 -46.88 2.09 -1.85
CA ILE B 831 -46.85 1.02 -2.83
C ILE B 831 -45.90 1.34 -4.00
N ILE B 832 -44.76 0.63 -4.07
CA ILE B 832 -43.78 0.80 -5.14
C ILE B 832 -44.28 0.30 -6.49
N PHE B 833 -45.03 -0.79 -6.47
CA PHE B 833 -45.55 -1.41 -7.68
C PHE B 833 -46.60 -2.45 -7.27
N ASN B 834 -47.77 -2.39 -7.89
CA ASN B 834 -48.85 -3.32 -7.58
C ASN B 834 -49.51 -3.91 -8.83
N ASN B 835 -49.75 -5.22 -8.79
CA ASN B 835 -50.20 -5.93 -9.99
C ASN B 835 -50.78 -7.32 -9.70
N TYR B 836 -51.00 -7.61 -8.41
CA TYR B 836 -51.63 -8.87 -8.01
C TYR B 836 -52.69 -8.63 -6.93
N ILE B 837 -52.60 -7.52 -6.20
CA ILE B 837 -53.66 -7.16 -5.25
C ILE B 837 -54.55 -6.04 -5.80
N THR B 838 -55.61 -6.42 -6.49
CA THR B 838 -56.52 -5.46 -7.10
C THR B 838 -57.85 -5.44 -6.36
N GLY B 839 -58.73 -4.50 -6.69
CA GLY B 839 -60.04 -4.41 -6.06
C GLY B 839 -60.67 -5.78 -5.86
N THR B 840 -60.77 -6.54 -6.96
CA THR B 840 -61.36 -7.87 -6.92
C THR B 840 -60.54 -8.87 -6.11
N ASN B 841 -59.22 -8.84 -6.30
CA ASN B 841 -58.30 -9.68 -5.53
C ASN B 841 -57.79 -8.92 -4.30
N PRO B 842 -58.43 -9.16 -3.14
CA PRO B 842 -58.20 -8.37 -1.94
C PRO B 842 -57.26 -9.06 -0.97
N LEU B 843 -56.44 -8.29 -0.24
CA LEU B 843 -55.62 -8.87 0.81
C LEU B 843 -56.11 -8.38 2.19
N LYS B 844 -56.78 -9.28 2.93
CA LYS B 844 -57.40 -8.95 4.21
C LYS B 844 -56.38 -8.37 5.19
N LEU B 845 -56.51 -7.09 5.55
CA LEU B 845 -55.62 -6.47 6.53
C LEU B 845 -56.19 -6.44 7.95
N GLY B 846 -55.88 -7.48 8.73
CA GLY B 846 -56.41 -7.66 10.06
C GLY B 846 -56.01 -6.64 11.10
N TYR B 847 -54.93 -6.90 11.83
CA TYR B 847 -54.55 -6.08 12.98
C TYR B 847 -53.33 -5.23 12.72
N ILE B 848 -53.19 -4.18 13.52
CA ILE B 848 -52.01 -3.32 13.50
C ILE B 848 -51.51 -3.09 14.92
N GLU B 849 -50.39 -3.75 15.26
CA GLU B 849 -49.77 -3.56 16.57
C GLU B 849 -48.66 -2.53 16.46
N ILE B 850 -48.45 -1.78 17.53
CA ILE B 850 -47.28 -0.91 17.60
C ILE B 850 -46.64 -0.96 18.98
N TRP B 851 -45.34 -1.28 19.00
CA TRP B 851 -44.58 -1.37 20.24
C TRP B 851 -43.64 -0.17 20.38
N GLY B 852 -43.38 0.25 21.60
CA GLY B 852 -42.55 1.41 21.87
C GLY B 852 -43.13 2.70 21.31
N VAL B 853 -44.24 3.18 21.89
CA VAL B 853 -44.90 4.38 21.40
C VAL B 853 -44.75 5.55 22.37
N GLY B 854 -44.48 5.22 23.63
CA GLY B 854 -44.35 6.23 24.66
C GLY B 854 -45.16 5.88 25.88
N SER B 855 -44.70 6.31 27.05
CA SER B 855 -45.42 6.06 28.29
C SER B 855 -46.65 6.96 28.38
N VAL B 856 -46.65 8.04 27.60
CA VAL B 856 -47.78 8.98 27.55
C VAL B 856 -48.80 8.56 26.51
N PRO B 857 -49.95 8.03 26.96
CA PRO B 857 -51.00 7.43 26.11
C PRO B 857 -51.66 8.41 25.12
N VAL B 858 -51.14 9.64 25.04
CA VAL B 858 -51.74 10.68 24.20
C VAL B 858 -51.31 10.64 22.72
N THR B 859 -52.31 10.45 21.87
CA THR B 859 -52.11 10.49 20.43
C THR B 859 -52.52 11.87 19.93
N SER B 860 -51.86 12.32 18.88
CA SER B 860 -52.25 13.55 18.18
C SER B 860 -53.05 13.11 16.95
N VAL B 861 -53.00 11.81 16.67
CA VAL B 861 -53.69 11.21 15.52
C VAL B 861 -53.88 9.69 15.69
N SER B 862 -55.15 9.32 15.90
CA SER B 862 -55.56 7.96 16.25
C SER B 862 -56.25 7.20 15.09
N ILE B 863 -56.60 7.92 14.04
CA ILE B 863 -57.45 7.39 12.96
C ILE B 863 -56.66 7.05 11.69
N SER B 864 -57.06 5.98 10.99
CA SER B 864 -56.36 5.55 9.77
C SER B 864 -57.05 5.91 8.45
N VAL B 865 -56.23 6.15 7.43
CA VAL B 865 -56.68 6.64 6.13
C VAL B 865 -56.64 5.54 5.08
N SER B 866 -57.68 5.51 4.25
CA SER B 866 -57.76 4.59 3.12
C SER B 866 -57.98 5.41 1.85
N GLY B 867 -58.05 6.72 2.04
CA GLY B 867 -58.69 7.63 1.10
C GLY B 867 -59.79 8.29 1.92
N MET B 868 -60.60 7.45 2.56
CA MET B 868 -61.51 7.88 3.62
C MET B 868 -60.77 7.76 4.96
N VAL B 869 -61.42 8.14 6.04
CA VAL B 869 -60.75 8.22 7.34
C VAL B 869 -61.65 7.72 8.47
N ILE B 870 -61.27 6.61 9.11
CA ILE B 870 -62.01 6.11 10.26
C ILE B 870 -61.18 6.14 11.55
N THR B 871 -61.87 6.17 12.68
CA THR B 871 -61.25 6.29 14.00
C THR B 871 -61.54 5.07 14.88
N PRO B 872 -61.20 3.87 14.40
CA PRO B 872 -61.59 2.61 15.04
C PRO B 872 -61.09 2.50 16.48
N SER B 873 -61.79 1.70 17.29
CA SER B 873 -61.43 1.52 18.70
C SER B 873 -60.08 0.83 18.87
N PHE B 874 -59.33 1.23 19.91
CA PHE B 874 -58.01 0.68 20.17
C PHE B 874 -57.78 0.31 21.65
N ASN B 875 -56.77 -0.52 21.90
CA ASN B 875 -56.30 -0.81 23.25
C ASN B 875 -54.87 -0.26 23.43
N ASN B 876 -54.59 0.27 24.62
CA ASN B 876 -53.26 0.82 24.91
C ASN B 876 -52.89 0.61 26.37
N ASP B 877 -51.68 0.10 26.62
CA ASP B 877 -51.16 0.05 27.98
C ASP B 877 -50.02 1.05 28.08
N PRO B 878 -50.01 1.88 29.14
CA PRO B 878 -48.90 2.82 29.35
C PRO B 878 -47.63 2.12 29.84
N THR B 879 -47.81 1.13 30.73
CA THR B 879 -46.71 0.28 31.19
C THR B 879 -45.91 -0.23 30.00
N THR B 880 -46.54 -1.13 29.25
CA THR B 880 -45.96 -1.71 28.05
C THR B 880 -46.40 -0.91 26.82
N GLN B 881 -45.42 -0.33 26.13
CA GLN B 881 -45.67 0.58 25.01
C GLN B 881 -46.70 0.11 23.98
N VAL B 882 -47.18 -1.12 24.11
CA VAL B 882 -48.07 -1.69 23.11
C VAL B 882 -49.26 -0.79 22.76
N LEU B 883 -49.55 -0.67 21.47
CA LEU B 883 -50.77 -0.03 20.99
C LEU B 883 -51.46 -0.91 19.94
N SER B 884 -52.41 -1.74 20.39
CA SER B 884 -53.11 -2.65 19.49
C SER B 884 -54.29 -1.96 18.80
N ILE B 885 -54.61 -2.37 17.58
CA ILE B 885 -55.64 -1.70 16.77
C ILE B 885 -56.37 -2.68 15.84
N ASP B 886 -57.31 -3.46 16.38
CA ASP B 886 -58.06 -4.42 15.57
C ASP B 886 -58.83 -3.70 14.44
N VAL B 887 -58.97 -4.37 13.30
CA VAL B 887 -59.63 -3.81 12.12
C VAL B 887 -60.32 -4.91 11.30
N THR B 888 -60.63 -6.04 11.94
CA THR B 888 -61.27 -7.16 11.25
C THR B 888 -62.70 -6.85 10.84
N ASP B 889 -63.07 -5.57 10.88
CA ASP B 889 -64.45 -5.16 10.67
C ASP B 889 -64.58 -4.14 9.54
N ARG B 890 -63.49 -3.89 8.82
CA ARG B 890 -63.49 -2.90 7.76
C ARG B 890 -63.31 -3.55 6.39
N ASN B 891 -63.35 -2.74 5.34
CA ASN B 891 -63.00 -3.22 4.00
C ASN B 891 -61.63 -2.66 3.64
N ILE B 892 -60.65 -3.00 4.49
CA ILE B 892 -59.26 -2.53 4.38
C ILE B 892 -58.33 -3.58 3.77
N SER B 893 -57.77 -3.28 2.61
CA SER B 893 -56.80 -4.18 1.98
C SER B 893 -55.51 -3.45 1.64
N LEU B 894 -54.42 -4.22 1.54
CA LEU B 894 -53.09 -3.67 1.30
C LEU B 894 -53.02 -2.74 0.09
N HIS B 895 -54.03 -2.81 -0.79
CA HIS B 895 -53.99 -2.03 -2.03
C HIS B 895 -54.71 -0.68 -1.93
N ASN B 896 -55.60 -0.53 -0.95
CA ASN B 896 -56.29 0.75 -0.74
C ASN B 896 -55.89 1.52 0.53
N PHE B 897 -55.07 0.88 1.37
CA PHE B 897 -54.64 1.40 2.67
C PHE B 897 -53.57 2.52 2.60
N THR B 898 -53.57 3.42 3.59
CA THR B 898 -52.55 4.48 3.68
C THR B 898 -52.33 5.08 5.10
C1 GLC C . 34.90 30.28 17.25
C2 GLC C . 35.41 31.73 17.12
C3 GLC C . 34.61 32.96 17.59
C4 GLC C . 33.19 32.68 17.45
C5 GLC C . 32.95 31.34 18.21
C6 GLC C . 31.41 30.94 18.17
O1 GLC C . 35.88 29.47 17.79
O2 GLC C . 36.74 31.80 17.80
O3 GLC C . 35.00 34.10 16.90
O4 GLC C . 32.46 33.65 18.14
O5 GLC C . 33.72 30.14 17.97
O6 GLC C . 30.88 31.06 19.46
C1 GLC C . 31.97 34.75 17.41
C2 GLC C . 31.01 34.37 16.32
C3 GLC C . 31.22 34.97 14.95
C4 GLC C . 32.28 36.02 14.85
C5 GLC C . 33.39 35.75 15.81
C6 GLC C . 34.33 36.91 15.81
O2 GLC C . 30.95 32.99 16.19
O3 GLC C . 30.01 35.47 14.55
O4 GLC C . 32.81 35.96 13.55
O5 GLC C . 32.98 35.65 17.12
O6 GLC C . 35.46 36.52 15.13
C1 AC1 C . 32.80 37.20 12.91
O2 AC1 C . 30.48 36.91 12.66
C2 AC1 C . 31.63 37.20 11.98
C4A AC1 C . 35.06 36.45 5.87
C3 AC1 C . 31.81 36.11 10.96
O3 AC1 C . 30.61 36.04 10.10
C4 AC1 C . 33.06 36.39 10.22
N4A AC1 C . 33.28 35.47 9.11
C5 AC1 C . 34.15 36.32 11.23
O5 AC1 C . 34.00 37.34 12.17
C6 AC1 C . 35.45 36.51 10.54
C1B AC1 C . 32.93 36.18 7.86
C2B AC1 C . 33.09 35.26 6.67
O2B AC1 C . 32.58 34.02 6.95
C3B AC1 C . 34.57 35.15 6.36
O3B AC1 C . 34.78 34.19 5.40
O4 AC1 C . 36.41 36.28 5.66
C5B AC1 C . 34.81 37.51 6.88
C7B AC1 C . 33.75 37.41 7.73
C6B AC1 C . 35.32 38.88 6.58
O6B AC1 C . 34.38 39.52 5.78
C1 GLC D . -21.66 -41.79 12.53
C2 GLC D . -20.43 -42.08 11.66
C3 GLC D . -20.56 -42.63 10.22
C4 GLC D . -21.72 -43.52 10.08
C5 GLC D . -22.82 -43.27 11.14
C6 GLC D . -23.78 -44.53 11.14
O1 GLC D . -22.32 -40.67 12.07
O2 GLC D . -19.52 -40.88 11.64
O3 GLC D . -19.43 -43.35 9.87
O4 GLC D . -22.26 -43.40 8.80
O5 GLC D . -22.52 -42.89 12.49
O6 GLC D . -25.03 -44.08 11.55
C1 GLC D . -21.95 -44.59 8.12
C2 GLC D . -21.46 -44.28 6.75
C3 GLC D . -22.54 -43.56 5.96
C4 GLC D . -23.83 -44.32 6.06
C5 GLC D . -24.11 -44.61 7.49
C6 GLC D . -25.31 -45.48 7.57
O2 GLC D . -20.31 -43.52 6.83
O3 GLC D . -22.15 -43.42 4.66
O4 GLC D . -24.90 -43.54 5.54
O5 GLC D . -23.08 -45.34 8.04
O6 GLC D . -24.94 -46.51 8.42
C1 AC1 D . -25.64 -44.23 4.57
O2 AC1 D . -24.15 -43.61 2.85
C2 AC1 D . -25.46 -43.53 3.26
C4A AC1 D . -31.82 -39.73 2.88
C3 AC1 D . -25.93 -42.10 3.44
O3 AC1 D . -25.73 -41.34 2.19
C4 AC1 D . -27.35 -42.11 3.86
N4A AC1 D . -27.94 -40.77 3.99
C5 AC1 D . -27.43 -42.89 5.12
O5 AC1 D . -26.98 -44.21 4.92
C6 AC1 D . -28.83 -42.98 5.58
C1B AC1 D . -28.91 -40.55 2.87
C2B AC1 D . -29.40 -39.11 2.85
O2B AC1 D . -28.48 -38.29 3.45
C3B AC1 D . -30.73 -38.97 3.58
O3B AC1 D . -31.05 -37.64 3.71
O4 AC1 D . -32.91 -39.93 3.72
C5B AC1 D . -31.32 -41.06 2.49
C7B AC1 D . -30.07 -41.48 2.93
C6B AC1 D . -32.24 -42.03 1.80
O6B AC1 D . -32.10 -41.87 0.42
#